data_9CWK
#
_entry.id   9CWK
#
_cell.length_a   61.726
_cell.length_b   152.279
_cell.length_c   109.179
_cell.angle_alpha   90.00
_cell.angle_beta   90.04
_cell.angle_gamma   90.00
#
_symmetry.space_group_name_H-M   'P 1 21 1'
#
loop_
_entity.id
_entity.type
_entity.pdbx_description
1 polymer 'Nitric oxide synthase, endothelial'
2 non-polymer 'PROTOPORPHYRIN IX CONTAINING FE'
3 non-polymer 5,6,7,8-TETRAHYDROBIOPTERIN
4 non-polymer (6M)-6-{2,3-difluoro-5-[2-(methylamino)ethyl]phenyl}-4-methylpyridin-2-amine
5 non-polymer 'ACETATE ION'
6 non-polymer 2-[BIS-(2-HYDROXY-ETHYL)-AMINO]-2-HYDROXYMETHYL-PROPANE-1,3-DIOL
7 non-polymer GLYCEROL
8 non-polymer 'CHLORIDE ION'
9 non-polymer 'GADOLINIUM ION'
10 non-polymer 'ZINC ION'
11 water water
#
_entity_poly.entity_id   1
_entity_poly.type   'polypeptide(L)'
_entity_poly.pdbx_seq_one_letter_code
;APASLLPPAPEHSPPSSPLTQPPEGPKFPRVKNWEVGSITYDTLSAQAQQDGPCTPRRCLGSLVFPRKLQGRPSPGPPAP
EQLLSQARDFINQYYSSIKRSGSQAHEQRLQEVEAEVAATGTYQLRESELVFGAKQAWRNAPRCVGRIQWGKLQVFDARD
CRSAQEMFTYICNHIKYATNRGNLRSAITVFPQRCPGRGDFRIWNSQLVRYAGYRQQDGSVRGDPANVEITELCIQHGWT
PGNGRFDVLPLLLQAPDEPPELFLLPPELVLEVPLEHPTLEWFAALGLRWYALPAVSNMLLEIGGLEFPAAPFSGWYMST
EIGTRNLCDPHRYNILEDVAVCMDLDTRTTSSLWKDKAAVEINVAVLHSYQLAKVTIVDHHAATASFMKHLENEQKARGG
CPADWAWIVPPISGSLTPVFHQEMVNYFLSPAFRYQPDPW
;
_entity_poly.pdbx_strand_id   A,B,C,D
#
loop_
_chem_comp.id
_chem_comp.type
_chem_comp.name
_chem_comp.formula
A1A0C non-polymer (6M)-6-{2,3-difluoro-5-[2-(methylamino)ethyl]phenyl}-4-methylpyridin-2-amine 'C15 H17 F2 N3'
ACT non-polymer 'ACETATE ION' 'C2 H3 O2 -1'
BTB non-polymer 2-[BIS-(2-HYDROXY-ETHYL)-AMINO]-2-HYDROXYMETHYL-PROPANE-1,3-DIOL 'C8 H19 N O5'
CL non-polymer 'CHLORIDE ION' 'Cl -1'
GD3 non-polymer 'GADOLINIUM ION' 'Gd 3'
GOL non-polymer GLYCEROL 'C3 H8 O3'
H4B non-polymer 5,6,7,8-TETRAHYDROBIOPTERIN 'C9 H15 N5 O3'
HEM non-polymer 'PROTOPORPHYRIN IX CONTAINING FE' 'C34 H32 Fe N4 O4'
ZN non-polymer 'ZINC ION' 'Zn 2'
#
# COMPACT_ATOMS: atom_id res chain seq x y z
N LYS A 27 32.17 28.60 -35.38
CA LYS A 27 30.85 29.22 -35.27
C LYS A 27 29.75 28.22 -35.56
N PHE A 28 29.98 27.35 -36.55
CA PHE A 28 29.08 26.22 -36.79
C PHE A 28 29.45 25.08 -35.83
N PRO A 29 28.56 24.66 -34.95
CA PRO A 29 28.89 23.60 -33.99
C PRO A 29 29.26 22.30 -34.69
N ARG A 30 30.34 21.70 -34.24
CA ARG A 30 30.71 20.35 -34.66
C ARG A 30 29.90 19.33 -33.85
N VAL A 31 29.29 18.38 -34.55
CA VAL A 31 28.33 17.47 -33.95
C VAL A 31 28.75 16.05 -34.27
N LYS A 32 28.99 15.25 -33.24
CA LYS A 32 29.58 13.93 -33.42
C LYS A 32 28.61 12.83 -33.02
N ASN A 33 28.61 11.75 -33.77
CA ASN A 33 27.98 10.51 -33.35
C ASN A 33 29.06 9.62 -32.77
N TRP A 34 28.89 9.23 -31.51
CA TRP A 34 29.93 8.50 -30.82
C TRP A 34 29.91 7.00 -31.10
N GLU A 35 28.83 6.51 -31.70
CA GLU A 35 28.76 5.10 -32.05
C GLU A 35 29.47 4.79 -33.37
N VAL A 36 29.31 5.67 -34.36
CA VAL A 36 29.87 5.47 -35.69
C VAL A 36 31.15 6.30 -35.83
N GLY A 37 31.24 7.39 -35.08
CA GLY A 37 32.34 8.32 -35.25
C GLY A 37 32.16 9.35 -36.34
N SER A 38 30.94 9.47 -36.89
CA SER A 38 30.70 10.43 -37.95
C SER A 38 30.49 11.83 -37.39
N ILE A 39 30.90 12.82 -38.18
CA ILE A 39 30.92 14.22 -37.80
C ILE A 39 30.04 15.00 -38.79
N THR A 40 29.18 15.87 -38.26
CA THR A 40 28.50 16.87 -39.09
C THR A 40 28.70 18.24 -38.46
N TYR A 41 28.44 19.28 -39.25
CA TYR A 41 28.41 20.64 -38.73
C TYR A 41 27.00 21.17 -38.88
N ASP A 42 26.45 21.73 -37.79
CA ASP A 42 25.09 22.25 -37.82
C ASP A 42 25.14 23.70 -38.30
N THR A 43 24.93 23.88 -39.61
CA THR A 43 24.88 25.24 -40.14
C THR A 43 23.51 25.86 -39.95
N LEU A 44 22.49 25.05 -39.67
CA LEU A 44 21.14 25.58 -39.53
C LEU A 44 20.98 26.43 -38.28
N SER A 45 21.74 26.12 -37.22
CA SER A 45 21.57 26.83 -35.96
C SER A 45 21.88 28.31 -36.11
N ALA A 46 22.70 28.68 -37.10
CA ALA A 46 22.97 30.10 -37.36
C ALA A 46 21.72 30.88 -37.74
N GLN A 47 20.62 30.20 -38.06
CA GLN A 47 19.35 30.85 -38.39
C GLN A 47 18.39 30.90 -37.22
N ALA A 48 18.84 30.57 -36.01
CA ALA A 48 17.93 30.53 -34.86
C ALA A 48 17.40 31.91 -34.54
N GLN A 49 16.07 32.01 -34.42
CA GLN A 49 15.44 33.28 -34.06
C GLN A 49 15.50 33.50 -32.56
N GLN A 50 14.54 32.96 -31.83
CA GLN A 50 14.44 33.25 -30.40
C GLN A 50 15.67 32.73 -29.68
N ASP A 51 15.98 33.36 -28.55
CA ASP A 51 17.10 32.94 -27.75
C ASP A 51 16.64 31.90 -26.74
N GLY A 52 17.45 30.86 -26.57
CA GLY A 52 17.19 29.85 -25.58
C GLY A 52 17.71 30.27 -24.21
N PRO A 53 17.62 29.35 -23.24
CA PRO A 53 17.92 29.72 -21.84
C PRO A 53 19.39 29.66 -21.47
N CYS A 54 20.25 29.10 -22.31
CA CYS A 54 21.64 28.88 -21.94
C CYS A 54 22.49 30.12 -22.18
N THR A 55 23.62 30.19 -21.45
CA THR A 55 24.63 31.21 -21.65
C THR A 55 26.01 30.55 -21.56
N PRO A 56 27.08 31.21 -22.00
CA PRO A 56 28.41 30.61 -21.80
C PRO A 56 28.72 30.28 -20.35
N ARG A 57 28.10 30.97 -19.39
CA ARG A 57 28.36 30.70 -17.98
C ARG A 57 27.63 29.47 -17.45
N ARG A 58 26.49 29.12 -18.02
CA ARG A 58 25.73 28.00 -17.46
C ARG A 58 24.71 27.49 -18.44
N CYS A 59 24.60 26.17 -18.52
CA CYS A 59 23.68 25.51 -19.43
C CYS A 59 22.40 25.17 -18.66
N LEU A 60 21.26 25.56 -19.24
CA LEU A 60 19.96 25.25 -18.68
C LEU A 60 19.19 24.34 -19.63
N GLY A 61 19.92 23.52 -20.39
CA GLY A 61 19.33 22.63 -21.35
C GLY A 61 18.38 21.62 -20.74
N SER A 62 18.58 21.28 -19.47
CA SER A 62 17.71 20.29 -18.83
C SER A 62 16.43 20.88 -18.25
N LEU A 63 16.25 22.20 -18.30
CA LEU A 63 15.06 22.79 -17.71
C LEU A 63 13.86 22.57 -18.63
N VAL A 64 12.71 22.21 -18.04
CA VAL A 64 11.52 21.94 -18.84
C VAL A 64 10.97 23.23 -19.44
N PHE A 65 10.78 24.24 -18.60
CA PHE A 65 10.28 25.53 -19.06
C PHE A 65 11.34 26.58 -18.81
N PRO A 66 11.83 27.29 -19.85
CA PRO A 66 12.78 28.40 -19.70
C PRO A 66 12.30 29.50 -18.76
N GLU A 81 4.52 46.72 -35.73
CA GLU A 81 4.84 46.36 -37.11
C GLU A 81 6.11 45.49 -37.25
N GLN A 82 6.71 45.11 -36.11
CA GLN A 82 7.72 44.06 -36.13
C GLN A 82 7.17 42.77 -36.73
N LEU A 83 5.85 42.65 -36.82
CA LEU A 83 5.20 41.57 -37.54
C LEU A 83 5.73 41.44 -38.97
N LEU A 84 6.03 42.58 -39.61
CA LEU A 84 6.39 42.58 -41.02
C LEU A 84 7.69 41.83 -41.26
N SER A 85 8.67 41.97 -40.37
CA SER A 85 9.92 41.22 -40.51
C SER A 85 9.68 39.71 -40.43
N GLN A 86 8.97 39.26 -39.40
CA GLN A 86 8.69 37.83 -39.28
C GLN A 86 7.84 37.34 -40.45
N ALA A 87 6.89 38.17 -40.90
CA ALA A 87 6.07 37.77 -42.03
C ALA A 87 6.92 37.62 -43.28
N ARG A 88 7.74 38.63 -43.57
CA ARG A 88 8.60 38.57 -44.74
C ARG A 88 9.53 37.37 -44.67
N ASP A 89 10.15 37.15 -43.50
CA ASP A 89 11.02 36.00 -43.33
C ASP A 89 10.28 34.70 -43.62
N PHE A 90 9.03 34.59 -43.16
CA PHE A 90 8.28 33.36 -43.38
C PHE A 90 7.92 33.18 -44.84
N ILE A 91 7.40 34.24 -45.48
CA ILE A 91 7.10 34.14 -46.91
C ILE A 91 8.34 33.71 -47.69
N ASN A 92 9.50 34.30 -47.37
CA ASN A 92 10.75 33.92 -48.03
C ASN A 92 11.06 32.45 -47.82
N GLN A 93 10.98 31.98 -46.57
CA GLN A 93 11.14 30.56 -46.25
C GLN A 93 10.27 29.70 -47.15
N TYR A 94 8.98 30.04 -47.19
CA TYR A 94 8.04 29.24 -47.97
C TYR A 94 8.40 29.26 -49.46
N TYR A 95 8.61 30.45 -50.03
CA TYR A 95 8.88 30.49 -51.47
C TYR A 95 10.23 29.86 -51.81
N SER A 96 11.19 29.92 -50.88
CA SER A 96 12.42 29.14 -51.05
C SER A 96 12.11 27.66 -51.10
N SER A 97 11.22 27.21 -50.20
CA SER A 97 10.99 25.78 -50.06
C SER A 97 10.36 25.20 -51.31
N ILE A 98 9.57 25.99 -52.03
CA ILE A 98 8.88 25.51 -53.20
C ILE A 98 9.60 25.94 -54.48
N LYS A 99 10.87 26.35 -54.35
CA LYS A 99 11.73 26.68 -55.48
C LYS A 99 11.18 27.87 -56.29
N ARG A 100 10.55 28.82 -55.60
CA ARG A 100 10.00 29.99 -56.29
C ARG A 100 10.53 31.31 -55.73
N SER A 101 11.69 31.30 -55.07
CA SER A 101 12.26 32.54 -54.57
C SER A 101 12.49 33.53 -55.71
N GLY A 102 12.18 34.79 -55.45
CA GLY A 102 12.38 35.83 -56.44
C GLY A 102 11.47 35.75 -57.63
N SER A 103 10.41 34.95 -57.59
CA SER A 103 9.47 34.87 -58.69
C SER A 103 8.40 35.95 -58.55
N GLN A 104 7.65 36.16 -59.63
CA GLN A 104 6.53 37.09 -59.60
C GLN A 104 5.58 36.72 -58.46
N ALA A 105 5.31 35.42 -58.30
CA ALA A 105 4.43 34.96 -57.23
C ALA A 105 4.98 35.34 -55.86
N HIS A 106 6.30 35.16 -55.69
CA HIS A 106 6.95 35.53 -54.44
C HIS A 106 6.80 37.01 -54.15
N GLU A 107 7.14 37.86 -55.12
CA GLU A 107 7.03 39.30 -54.93
C GLU A 107 5.58 39.75 -54.77
N GLN A 108 4.66 39.14 -55.51
CA GLN A 108 3.26 39.45 -55.34
C GLN A 108 2.78 39.13 -53.93
N ARG A 109 3.20 37.98 -53.39
CA ARG A 109 2.77 37.62 -52.05
C ARG A 109 3.34 38.57 -51.01
N LEU A 110 4.62 38.95 -51.18
CA LEU A 110 5.24 39.91 -50.27
C LEU A 110 4.47 41.22 -50.24
N GLN A 111 4.10 41.75 -51.41
CA GLN A 111 3.32 42.98 -51.47
C GLN A 111 1.94 42.81 -50.86
N GLU A 112 1.33 41.64 -51.02
CA GLU A 112 0.01 41.44 -50.41
C GLU A 112 0.09 41.51 -48.89
N VAL A 113 1.10 40.86 -48.28
CA VAL A 113 1.16 40.86 -46.82
C VAL A 113 1.49 42.25 -46.31
N GLU A 114 2.34 42.99 -47.04
CA GLU A 114 2.62 44.38 -46.69
C GLU A 114 1.33 45.20 -46.70
N ALA A 115 0.53 45.05 -47.75
CA ALA A 115 -0.71 45.81 -47.85
C ALA A 115 -1.66 45.44 -46.71
N GLU A 116 -1.78 44.15 -46.40
CA GLU A 116 -2.67 43.73 -45.32
C GLU A 116 -2.26 44.34 -43.99
N VAL A 117 -0.98 44.20 -43.63
CA VAL A 117 -0.52 44.72 -42.34
C VAL A 117 -0.68 46.23 -42.30
N ALA A 118 -0.40 46.90 -43.41
CA ALA A 118 -0.58 48.35 -43.47
C ALA A 118 -2.04 48.73 -43.28
N ALA A 119 -2.95 47.95 -43.87
CA ALA A 119 -4.36 48.27 -43.78
C ALA A 119 -4.97 47.78 -42.48
N THR A 120 -4.57 46.59 -42.01
CA THR A 120 -5.27 45.92 -40.92
C THR A 120 -4.45 45.72 -39.66
N GLY A 121 -3.14 46.00 -39.68
CA GLY A 121 -2.30 45.65 -38.56
C GLY A 121 -1.92 44.19 -38.47
N THR A 122 -2.47 43.34 -39.33
CA THR A 122 -2.14 41.92 -39.34
C THR A 122 -2.28 41.42 -40.78
N TYR A 123 -2.20 40.10 -40.96
CA TYR A 123 -2.43 39.54 -42.28
C TYR A 123 -2.95 38.13 -42.10
N GLN A 124 -3.42 37.56 -43.20
CA GLN A 124 -3.96 36.21 -43.21
C GLN A 124 -3.09 35.33 -44.08
N LEU A 125 -2.79 34.13 -43.60
CA LEU A 125 -2.08 33.15 -44.39
C LEU A 125 -2.98 32.57 -45.47
N ARG A 126 -2.41 32.31 -46.65
CA ARG A 126 -3.07 31.43 -47.58
C ARG A 126 -3.10 30.02 -47.00
N GLU A 127 -4.00 29.20 -47.51
CA GLU A 127 -4.09 27.84 -46.98
C GLU A 127 -2.79 27.07 -47.17
N SER A 128 -2.15 27.25 -48.32
CA SER A 128 -0.89 26.55 -48.58
C SER A 128 0.17 26.95 -47.56
N GLU A 129 0.22 28.24 -47.22
CA GLU A 129 1.18 28.72 -46.23
C GLU A 129 0.85 28.19 -44.84
N LEU A 130 -0.44 28.13 -44.50
CA LEU A 130 -0.83 27.54 -43.22
C LEU A 130 -0.34 26.11 -43.13
N VAL A 131 -0.55 25.33 -44.18
CA VAL A 131 -0.14 23.92 -44.18
C VAL A 131 1.37 23.81 -44.07
N PHE A 132 2.08 24.62 -44.85
CA PHE A 132 3.53 24.66 -44.75
C PHE A 132 3.95 25.07 -43.35
N GLY A 133 3.31 26.10 -42.79
CA GLY A 133 3.69 26.58 -41.48
C GLY A 133 3.53 25.53 -40.39
N ALA A 134 2.40 24.83 -40.39
CA ALA A 134 2.15 23.80 -39.38
C ALA A 134 3.18 22.69 -39.50
N LYS A 135 3.43 22.22 -40.73
CA LYS A 135 4.43 21.17 -40.92
C LYS A 135 5.82 21.63 -40.48
N GLN A 136 6.19 22.87 -40.84
CA GLN A 136 7.49 23.40 -40.40
C GLN A 136 7.57 23.49 -38.88
N ALA A 137 6.50 23.94 -38.22
CA ALA A 137 6.55 24.02 -36.76
C ALA A 137 6.81 22.66 -36.15
N TRP A 138 6.19 21.61 -36.69
CA TRP A 138 6.45 20.27 -36.22
C TRP A 138 7.90 19.87 -36.51
N ARG A 139 8.32 20.07 -37.76
CA ARG A 139 9.70 19.84 -38.16
C ARG A 139 10.69 20.56 -37.25
N ASN A 140 10.33 21.73 -36.74
CA ASN A 140 11.26 22.51 -35.93
C ASN A 140 11.21 22.17 -34.45
N ALA A 141 10.30 21.30 -34.02
CA ALA A 141 10.11 21.05 -32.59
C ALA A 141 11.28 20.25 -32.04
N PRO A 142 12.16 20.83 -31.22
CA PRO A 142 13.37 20.08 -30.82
C PRO A 142 13.09 18.87 -29.94
N ARG A 143 11.96 18.84 -29.24
CA ARG A 143 11.66 17.78 -28.28
C ARG A 143 10.89 16.61 -28.88
N CYS A 144 10.61 16.64 -30.19
CA CYS A 144 9.77 15.62 -30.82
C CYS A 144 10.68 14.59 -31.49
N VAL A 145 10.68 13.37 -30.96
CA VAL A 145 11.40 12.28 -31.61
C VAL A 145 10.69 11.76 -32.85
N GLY A 146 9.44 12.16 -33.07
CA GLY A 146 8.67 11.56 -34.16
C GLY A 146 8.72 12.33 -35.45
N ARG A 147 9.69 13.25 -35.60
CA ARG A 147 9.64 14.16 -36.74
C ARG A 147 10.02 13.50 -38.06
N ILE A 148 10.39 12.23 -38.11
CA ILE A 148 10.52 11.59 -39.42
C ILE A 148 9.22 11.73 -40.21
N GLN A 149 8.10 11.85 -39.50
CA GLN A 149 6.77 11.92 -40.08
C GLN A 149 6.36 13.33 -40.53
N TRP A 150 7.23 14.34 -40.36
CA TRP A 150 6.75 15.72 -40.37
C TRP A 150 6.09 16.10 -41.68
N GLY A 151 6.49 15.49 -42.79
CA GLY A 151 5.84 15.81 -44.05
C GLY A 151 4.45 15.25 -44.22
N LYS A 152 4.01 14.37 -43.31
CA LYS A 152 2.70 13.73 -43.44
C LYS A 152 1.85 14.25 -42.29
N LEU A 153 1.11 15.32 -42.57
CA LEU A 153 0.32 16.01 -41.56
C LEU A 153 -0.97 16.48 -42.22
N GLN A 154 -2.10 16.07 -41.65
CA GLN A 154 -3.38 16.61 -42.08
C GLN A 154 -3.64 17.91 -41.33
N VAL A 155 -3.91 18.98 -42.06
CA VAL A 155 -4.09 20.30 -41.46
C VAL A 155 -5.53 20.70 -41.67
N PHE A 156 -6.30 20.74 -40.57
CA PHE A 156 -7.67 21.20 -40.63
C PHE A 156 -7.69 22.68 -40.35
N ASP A 157 -8.27 23.44 -41.27
CA ASP A 157 -8.30 24.89 -41.23
C ASP A 157 -9.60 25.29 -40.54
N ALA A 158 -9.51 25.60 -39.24
CA ALA A 158 -10.67 26.06 -38.49
C ALA A 158 -10.58 27.56 -38.19
N ARG A 159 -9.90 28.31 -39.07
CA ARG A 159 -9.73 29.74 -38.85
C ARG A 159 -11.02 30.52 -39.05
N ASP A 160 -12.06 29.90 -39.59
CA ASP A 160 -13.37 30.53 -39.65
C ASP A 160 -14.17 30.31 -38.38
N CYS A 161 -13.60 29.67 -37.37
CA CYS A 161 -14.38 29.26 -36.20
C CYS A 161 -14.86 30.47 -35.41
N ARG A 162 -16.10 30.38 -34.95
CA ARG A 162 -16.65 31.26 -33.93
C ARG A 162 -17.50 30.39 -33.01
N SER A 163 -17.40 30.65 -31.71
CA SER A 163 -18.09 29.94 -30.63
C SER A 163 -17.42 28.62 -30.23
N ALA A 164 -17.52 28.32 -28.93
CA ALA A 164 -16.97 27.08 -28.40
C ALA A 164 -17.69 25.86 -28.97
N GLN A 165 -18.96 26.00 -29.33
CA GLN A 165 -19.69 24.89 -29.92
C GLN A 165 -19.07 24.47 -31.23
N GLU A 166 -18.76 25.44 -32.10
CA GLU A 166 -18.03 25.15 -33.33
C GLU A 166 -16.66 24.54 -33.03
N MET A 167 -15.94 25.11 -32.06
CA MET A 167 -14.66 24.55 -31.62
C MET A 167 -14.78 23.06 -31.36
N PHE A 168 -15.83 22.69 -30.60
CA PHE A 168 -16.03 21.29 -30.23
C PHE A 168 -16.28 20.43 -31.45
N THR A 169 -17.11 20.91 -32.38
CA THR A 169 -17.33 20.18 -33.62
C THR A 169 -16.01 19.92 -34.35
N TYR A 170 -15.19 20.97 -34.52
CA TYR A 170 -13.89 20.82 -35.15
C TYR A 170 -13.01 19.82 -34.41
N ILE A 171 -13.03 19.89 -33.07
CA ILE A 171 -12.19 19.01 -32.27
C ILE A 171 -12.64 17.56 -32.42
N CYS A 172 -13.97 17.34 -32.43
CA CYS A 172 -14.47 15.97 -32.59
C CYS A 172 -14.13 15.42 -33.96
N ASN A 173 -14.23 16.25 -35.01
CA ASN A 173 -13.84 15.83 -36.35
C ASN A 173 -12.36 15.49 -36.39
N HIS A 174 -11.52 16.31 -35.75
CA HIS A 174 -10.11 16.01 -35.65
C HIS A 174 -9.87 14.66 -34.99
N ILE A 175 -10.47 14.45 -33.82
CA ILE A 175 -10.30 13.19 -33.12
C ILE A 175 -10.73 12.03 -33.99
N LYS A 176 -11.91 12.13 -34.61
CA LYS A 176 -12.41 11.09 -35.50
C LYS A 176 -11.41 10.81 -36.62
N TYR A 177 -10.97 11.85 -37.32
CA TYR A 177 -10.05 11.67 -38.42
C TYR A 177 -8.73 11.08 -37.93
N ALA A 178 -8.18 11.64 -36.85
CA ALA A 178 -6.86 11.23 -36.40
C ALA A 178 -6.90 9.82 -35.82
N THR A 179 -7.96 9.47 -35.11
CA THR A 179 -8.03 8.15 -34.52
C THR A 179 -8.19 7.08 -35.60
N ASN A 180 -9.13 7.30 -36.53
CA ASN A 180 -9.25 6.46 -37.71
C ASN A 180 -9.33 4.98 -37.32
N ARG A 181 -10.15 4.69 -36.31
CA ARG A 181 -10.38 3.32 -35.83
C ARG A 181 -9.10 2.62 -35.45
N GLY A 182 -8.11 3.35 -34.93
CA GLY A 182 -6.85 2.77 -34.51
C GLY A 182 -5.71 2.97 -35.48
N ASN A 183 -5.99 3.20 -36.76
CA ASN A 183 -4.92 3.44 -37.73
C ASN A 183 -4.62 4.93 -37.71
N LEU A 184 -3.88 5.35 -36.69
CA LEU A 184 -3.82 6.77 -36.35
C LEU A 184 -3.15 7.59 -37.44
N ARG A 185 -3.63 8.82 -37.60
CA ARG A 185 -3.16 9.73 -38.64
C ARG A 185 -2.83 11.06 -37.98
N SER A 186 -1.62 11.55 -38.21
CA SER A 186 -1.21 12.80 -37.59
C SER A 186 -2.06 13.96 -38.12
N ALA A 187 -2.51 14.83 -37.23
CA ALA A 187 -3.38 15.91 -37.67
C ALA A 187 -3.23 17.11 -36.76
N ILE A 188 -3.53 18.29 -37.30
CA ILE A 188 -3.58 19.51 -36.53
C ILE A 188 -4.82 20.27 -36.97
N THR A 189 -5.50 20.87 -36.01
CA THR A 189 -6.62 21.76 -36.31
C THR A 189 -6.22 23.16 -35.86
N VAL A 190 -6.32 24.13 -36.76
CA VAL A 190 -5.85 25.48 -36.48
C VAL A 190 -7.06 26.39 -36.32
N PHE A 191 -7.24 26.90 -35.13
CA PHE A 191 -8.32 27.82 -34.83
C PHE A 191 -7.88 29.25 -35.12
N PRO A 192 -8.79 30.22 -35.09
CA PRO A 192 -8.43 31.57 -35.51
C PRO A 192 -7.24 32.13 -34.76
N GLN A 193 -6.42 32.90 -35.48
CA GLN A 193 -5.24 33.53 -34.89
C GLN A 193 -5.65 34.59 -33.87
N ARG A 194 -4.71 34.87 -32.98
CA ARG A 194 -4.84 35.98 -32.06
C ARG A 194 -4.89 37.28 -32.84
N CYS A 195 -5.61 38.27 -32.31
CA CYS A 195 -5.70 39.58 -32.92
C CYS A 195 -5.95 40.60 -31.83
N PRO A 196 -5.61 41.87 -32.09
CA PRO A 196 -5.83 42.90 -31.07
C PRO A 196 -7.30 43.13 -30.76
N GLY A 197 -7.56 43.48 -29.50
CA GLY A 197 -8.91 43.85 -29.09
C GLY A 197 -9.87 42.71 -29.00
N ARG A 198 -9.38 41.48 -28.97
CA ARG A 198 -10.24 40.31 -28.95
C ARG A 198 -9.53 39.19 -28.21
N GLY A 199 -10.27 38.48 -27.37
CA GLY A 199 -9.70 37.36 -26.65
C GLY A 199 -9.30 36.23 -27.59
N ASP A 200 -8.49 35.32 -27.05
CA ASP A 200 -8.02 34.17 -27.81
C ASP A 200 -9.02 33.03 -27.74
N PHE A 201 -9.02 32.21 -28.78
CA PHE A 201 -9.50 30.84 -28.64
C PHE A 201 -8.51 30.06 -27.81
N ARG A 202 -9.01 29.27 -26.87
CA ARG A 202 -8.13 28.45 -26.04
C ARG A 202 -8.83 27.14 -25.73
N ILE A 203 -8.08 26.05 -25.77
CA ILE A 203 -8.46 24.79 -25.16
C ILE A 203 -7.76 24.76 -23.81
N TRP A 204 -8.54 24.72 -22.73
CA TRP A 204 -7.92 24.74 -21.41
C TRP A 204 -7.22 23.43 -21.10
N ASN A 205 -7.70 22.32 -21.65
CA ASN A 205 -7.10 21.02 -21.37
C ASN A 205 -5.72 20.92 -22.02
N SER A 206 -4.77 20.29 -21.31
CA SER A 206 -3.43 20.17 -21.89
C SER A 206 -3.43 19.21 -23.07
N GLN A 207 -4.36 18.25 -23.07
CA GLN A 207 -4.54 17.35 -24.19
C GLN A 207 -6.04 17.17 -24.41
N LEU A 208 -6.40 16.72 -25.62
CA LEU A 208 -7.79 16.42 -25.90
C LEU A 208 -8.28 15.26 -25.04
N VAL A 209 -7.41 14.29 -24.75
CA VAL A 209 -7.78 13.16 -23.88
C VAL A 209 -6.90 13.23 -22.65
N ARG A 210 -7.54 13.39 -21.49
CA ARG A 210 -6.88 13.37 -20.19
C ARG A 210 -7.75 12.60 -19.22
N TYR A 211 -7.10 11.87 -18.31
CA TYR A 211 -7.79 11.17 -17.24
C TYR A 211 -7.88 12.07 -16.02
N ALA A 212 -9.04 12.07 -15.40
CA ALA A 212 -9.25 12.87 -14.20
C ALA A 212 -8.29 12.45 -13.11
N GLY A 213 -7.94 13.41 -12.25
CA GLY A 213 -7.18 13.13 -11.06
C GLY A 213 -7.90 13.78 -9.91
N TYR A 214 -8.40 12.97 -8.97
CA TYR A 214 -9.23 13.43 -7.88
C TYR A 214 -8.40 13.49 -6.60
N ARG A 215 -8.31 14.67 -6.00
CA ARG A 215 -7.66 14.81 -4.70
C ARG A 215 -8.47 14.09 -3.63
N GLN A 216 -7.81 13.23 -2.89
CA GLN A 216 -8.51 12.46 -1.88
C GLN A 216 -8.45 13.18 -0.53
N GLN A 217 -9.29 12.73 0.40
CA GLN A 217 -9.42 13.36 1.72
C GLN A 217 -8.08 13.48 2.44
N ASP A 218 -7.12 12.61 2.13
CA ASP A 218 -5.84 12.56 2.82
C ASP A 218 -4.71 13.17 2.00
N GLY A 219 -5.02 13.85 0.89
CA GLY A 219 -4.01 14.48 0.08
C GLY A 219 -3.49 13.66 -1.08
N SER A 220 -3.78 12.36 -1.12
CA SER A 220 -3.39 11.54 -2.26
C SER A 220 -4.32 11.78 -3.43
N VAL A 221 -4.01 11.16 -4.57
CA VAL A 221 -4.75 11.36 -5.81
C VAL A 221 -5.29 10.02 -6.30
N ARG A 222 -6.56 9.99 -6.66
CA ARG A 222 -7.09 8.89 -7.45
C ARG A 222 -7.12 9.34 -8.90
N GLY A 223 -6.54 8.53 -9.78
CA GLY A 223 -6.48 8.90 -11.18
C GLY A 223 -5.13 9.53 -11.49
N ASP A 224 -5.09 10.39 -12.50
CA ASP A 224 -3.82 10.91 -13.00
C ASP A 224 -3.45 12.15 -12.19
N PRO A 225 -2.43 12.10 -11.34
CA PRO A 225 -2.02 13.31 -10.60
C PRO A 225 -1.62 14.47 -11.50
N ALA A 226 -1.26 14.23 -12.75
CA ALA A 226 -0.92 15.36 -13.62
C ALA A 226 -2.13 16.23 -13.92
N ASN A 227 -3.34 15.72 -13.71
CA ASN A 227 -4.55 16.40 -14.14
C ASN A 227 -5.43 16.86 -12.98
N VAL A 228 -4.88 17.01 -11.78
CA VAL A 228 -5.69 17.48 -10.66
C VAL A 228 -6.24 18.87 -10.95
N GLU A 229 -5.38 19.76 -11.44
CA GLU A 229 -5.80 21.15 -11.61
C GLU A 229 -6.91 21.27 -12.65
N ILE A 230 -6.71 20.67 -13.83
CA ILE A 230 -7.75 20.72 -14.84
C ILE A 230 -9.00 19.98 -14.37
N THR A 231 -8.85 18.90 -13.60
CA THR A 231 -10.01 18.18 -13.08
C THR A 231 -10.88 19.06 -12.21
N GLU A 232 -10.28 19.77 -11.25
CA GLU A 232 -11.10 20.62 -10.41
C GLU A 232 -11.60 21.85 -11.16
N LEU A 233 -10.89 22.28 -12.20
CA LEU A 233 -11.44 23.31 -13.08
C LEU A 233 -12.71 22.82 -13.76
N CYS A 234 -12.68 21.58 -14.26
CA CYS A 234 -13.89 21.02 -14.87
C CYS A 234 -15.03 20.95 -13.85
N ILE A 235 -14.74 20.47 -12.64
CA ILE A 235 -15.75 20.38 -11.60
C ILE A 235 -16.29 21.75 -11.24
N GLN A 236 -15.41 22.75 -11.12
CA GLN A 236 -15.84 24.10 -10.79
C GLN A 236 -16.69 24.72 -11.90
N HIS A 237 -16.56 24.21 -13.13
CA HIS A 237 -17.35 24.70 -14.25
C HIS A 237 -18.56 23.80 -14.54
N GLY A 238 -18.94 22.94 -13.60
CA GLY A 238 -20.20 22.22 -13.68
C GLY A 238 -20.11 20.76 -14.05
N TRP A 239 -18.92 20.20 -14.20
CA TRP A 239 -18.78 18.79 -14.52
C TRP A 239 -19.08 17.95 -13.30
N THR A 240 -19.92 16.94 -13.48
CA THR A 240 -20.12 15.95 -12.42
C THR A 240 -18.97 14.97 -12.45
N PRO A 241 -18.11 14.97 -11.43
CA PRO A 241 -16.92 14.12 -11.47
C PRO A 241 -17.30 12.65 -11.38
N GLY A 242 -16.38 11.82 -11.84
CA GLY A 242 -16.46 10.39 -11.63
C GLY A 242 -15.80 10.03 -10.31
N ASN A 243 -15.52 8.75 -10.16
CA ASN A 243 -14.85 8.22 -8.99
C ASN A 243 -13.74 7.25 -9.38
N GLY A 244 -13.36 7.21 -10.66
CA GLY A 244 -12.48 6.19 -11.17
C GLY A 244 -11.04 6.65 -11.40
N ARG A 245 -10.21 5.69 -11.80
CA ARG A 245 -8.82 5.94 -12.06
C ARG A 245 -8.56 6.38 -13.49
N PHE A 246 -9.50 6.15 -14.39
CA PHE A 246 -9.30 6.45 -15.80
C PHE A 246 -10.55 7.10 -16.39
N ASP A 247 -11.07 8.12 -15.70
CA ASP A 247 -12.24 8.85 -16.18
C ASP A 247 -11.80 9.92 -17.17
N VAL A 248 -12.26 9.81 -18.42
CA VAL A 248 -11.90 10.80 -19.43
C VAL A 248 -12.50 12.15 -19.07
N LEU A 249 -11.67 13.18 -19.03
CA LEU A 249 -12.17 14.49 -18.64
C LEU A 249 -12.99 15.12 -19.76
N PRO A 250 -13.93 16.00 -19.42
CA PRO A 250 -14.56 16.84 -20.44
C PRO A 250 -13.57 17.88 -20.94
N LEU A 251 -13.95 18.53 -22.04
CA LEU A 251 -13.14 19.59 -22.62
C LEU A 251 -13.63 20.94 -22.12
N LEU A 252 -12.71 21.82 -21.77
CA LEU A 252 -13.04 23.20 -21.45
C LEU A 252 -12.59 24.07 -22.62
N LEU A 253 -13.54 24.57 -23.39
CA LEU A 253 -13.26 25.29 -24.63
C LEU A 253 -13.64 26.76 -24.46
N GLN A 254 -12.71 27.63 -24.84
CA GLN A 254 -12.86 29.05 -24.63
C GLN A 254 -12.94 29.75 -25.98
N ALA A 255 -14.10 30.31 -26.28
CA ALA A 255 -14.24 31.22 -27.41
C ALA A 255 -13.81 32.62 -26.95
N PRO A 256 -13.42 33.48 -27.89
CA PRO A 256 -12.92 34.82 -27.52
C PRO A 256 -13.83 35.59 -26.56
N ASP A 257 -13.24 35.98 -25.42
CA ASP A 257 -13.85 36.83 -24.39
C ASP A 257 -14.99 36.14 -23.65
N GLU A 258 -15.14 34.84 -23.79
CA GLU A 258 -16.17 34.10 -23.08
C GLU A 258 -15.54 33.20 -22.03
N PRO A 259 -16.26 32.89 -20.97
CA PRO A 259 -15.81 31.83 -20.06
C PRO A 259 -15.76 30.50 -20.81
N PRO A 260 -14.93 29.56 -20.37
CA PRO A 260 -14.90 28.27 -21.05
C PRO A 260 -16.21 27.53 -20.88
N GLU A 261 -16.54 26.73 -21.89
CA GLU A 261 -17.73 25.87 -21.89
C GLU A 261 -17.29 24.42 -21.78
N LEU A 262 -17.97 23.66 -20.93
CA LEU A 262 -17.71 22.22 -20.81
C LEU A 262 -18.34 21.46 -21.97
N PHE A 263 -17.59 20.56 -22.56
CA PHE A 263 -18.07 19.68 -23.62
C PHE A 263 -17.64 18.24 -23.31
N LEU A 264 -18.60 17.34 -23.26
CA LEU A 264 -18.31 15.93 -23.00
C LEU A 264 -17.95 15.25 -24.30
N LEU A 265 -16.79 14.61 -24.33
CA LEU A 265 -16.41 13.85 -25.52
C LEU A 265 -17.29 12.61 -25.61
N PRO A 266 -17.98 12.37 -26.71
CA PRO A 266 -18.73 11.13 -26.86
C PRO A 266 -17.82 9.94 -26.62
N PRO A 267 -18.24 8.98 -25.79
CA PRO A 267 -17.31 7.91 -25.39
C PRO A 267 -16.79 7.11 -26.57
N GLU A 268 -17.60 6.93 -27.61
CA GLU A 268 -17.20 6.18 -28.80
C GLU A 268 -16.19 6.93 -29.64
N LEU A 269 -15.98 8.22 -29.38
CA LEU A 269 -14.94 8.98 -30.04
C LEU A 269 -13.57 8.85 -29.38
N VAL A 270 -13.53 8.43 -28.11
CA VAL A 270 -12.28 8.33 -27.35
C VAL A 270 -11.90 6.86 -27.33
N LEU A 271 -11.00 6.48 -28.23
CA LEU A 271 -10.51 5.11 -28.28
C LEU A 271 -9.53 4.87 -27.14
N GLU A 272 -9.78 3.82 -26.36
CA GLU A 272 -8.84 3.43 -25.32
C GLU A 272 -8.43 1.99 -25.52
N VAL A 273 -7.33 1.63 -24.89
CA VAL A 273 -6.71 0.32 -25.02
C VAL A 273 -6.58 -0.28 -23.62
N PRO A 274 -7.37 -1.26 -23.24
CA PRO A 274 -7.12 -1.96 -21.98
C PRO A 274 -5.78 -2.66 -22.03
N LEU A 275 -5.03 -2.59 -20.94
CA LEU A 275 -3.66 -3.10 -20.96
C LEU A 275 -3.63 -4.54 -20.47
N GLU A 276 -3.01 -5.41 -21.26
CA GLU A 276 -2.80 -6.79 -20.89
C GLU A 276 -1.35 -7.14 -21.21
N HIS A 277 -0.89 -8.26 -20.65
CA HIS A 277 0.49 -8.64 -20.91
C HIS A 277 0.52 -9.99 -21.62
N PRO A 278 1.43 -10.18 -22.58
CA PRO A 278 1.37 -11.41 -23.40
C PRO A 278 1.56 -12.69 -22.61
N THR A 279 2.26 -12.66 -21.48
CA THR A 279 2.47 -13.87 -20.71
C THR A 279 2.11 -13.73 -19.24
N LEU A 280 2.10 -12.53 -18.69
CA LEU A 280 1.68 -12.34 -17.29
C LEU A 280 0.17 -12.19 -17.29
N GLU A 281 -0.52 -13.32 -17.04
CA GLU A 281 -1.97 -13.37 -17.19
C GLU A 281 -2.69 -12.46 -16.20
N TRP A 282 -2.08 -12.15 -15.06
CA TRP A 282 -2.70 -11.29 -14.05
C TRP A 282 -2.64 -9.81 -14.41
N PHE A 283 -1.81 -9.42 -15.39
CA PHE A 283 -1.66 -8.01 -15.70
C PHE A 283 -3.00 -7.39 -16.10
N ALA A 284 -3.77 -8.10 -16.92
CA ALA A 284 -5.05 -7.57 -17.38
C ALA A 284 -5.94 -7.20 -16.21
N ALA A 285 -5.88 -7.96 -15.11
CA ALA A 285 -6.74 -7.70 -13.97
C ALA A 285 -6.43 -6.38 -13.28
N LEU A 286 -5.22 -5.83 -13.45
CA LEU A 286 -4.90 -4.54 -12.85
C LEU A 286 -5.75 -3.41 -13.41
N GLY A 287 -6.46 -3.67 -14.51
CA GLY A 287 -7.37 -2.69 -15.05
C GLY A 287 -6.70 -1.45 -15.55
N LEU A 288 -5.44 -1.53 -15.97
CA LEU A 288 -4.77 -0.38 -16.53
C LEU A 288 -5.27 -0.15 -17.95
N ARG A 289 -5.31 1.11 -18.35
CA ARG A 289 -5.81 1.51 -19.64
C ARG A 289 -5.03 2.75 -20.06
N TRP A 290 -4.98 2.98 -21.36
CA TRP A 290 -4.55 4.28 -21.87
C TRP A 290 -5.31 4.56 -23.14
N TYR A 291 -5.22 5.80 -23.60
CA TYR A 291 -6.01 6.18 -24.77
C TYR A 291 -5.13 6.16 -26.00
N ALA A 292 -5.79 6.04 -27.16
CA ALA A 292 -5.05 5.87 -28.41
C ALA A 292 -4.35 7.15 -28.83
N LEU A 293 -4.99 8.30 -28.61
CA LEU A 293 -4.63 9.51 -29.34
C LEU A 293 -3.88 10.50 -28.44
N PRO A 294 -2.58 10.73 -28.67
CA PRO A 294 -1.89 11.83 -27.98
C PRO A 294 -2.13 13.12 -28.75
N ALA A 295 -2.93 14.00 -28.18
CA ALA A 295 -3.35 15.22 -28.87
C ALA A 295 -3.07 16.40 -27.95
N VAL A 296 -1.97 17.08 -28.19
CA VAL A 296 -1.56 18.21 -27.35
C VAL A 296 -2.37 19.44 -27.74
N SER A 297 -3.00 20.08 -26.76
CA SER A 297 -3.96 21.13 -27.04
C SER A 297 -3.65 22.46 -26.37
N ASN A 298 -2.52 22.60 -25.68
CA ASN A 298 -2.24 23.82 -24.93
C ASN A 298 -1.05 24.58 -25.47
N MET A 299 -0.50 24.21 -26.62
CA MET A 299 0.63 24.94 -27.15
C MET A 299 0.17 25.95 -28.18
N LEU A 300 0.99 27.00 -28.34
CA LEU A 300 0.75 28.06 -29.29
C LEU A 300 1.52 27.78 -30.57
N LEU A 301 0.83 27.90 -31.70
CA LEU A 301 1.40 27.73 -33.01
C LEU A 301 1.74 29.12 -33.56
N GLU A 302 2.99 29.31 -33.94
CA GLU A 302 3.45 30.61 -34.41
C GLU A 302 3.96 30.44 -35.83
N ILE A 303 3.40 31.21 -36.76
CA ILE A 303 3.78 31.12 -38.16
C ILE A 303 3.85 32.54 -38.69
N GLY A 304 5.03 32.95 -39.15
CA GLY A 304 5.15 34.25 -39.79
C GLY A 304 4.73 35.41 -38.92
N GLY A 305 5.00 35.33 -37.61
CA GLY A 305 4.58 36.35 -36.68
C GLY A 305 3.13 36.26 -36.23
N LEU A 306 2.34 35.38 -36.85
CA LEU A 306 0.96 35.17 -36.42
C LEU A 306 0.94 34.10 -35.35
N GLU A 307 0.02 34.23 -34.41
CA GLU A 307 -0.01 33.36 -33.25
C GLU A 307 -1.36 32.67 -33.18
N PHE A 308 -1.34 31.35 -33.07
CA PHE A 308 -2.56 30.54 -32.97
C PHE A 308 -2.59 29.88 -31.61
N PRO A 309 -3.18 30.52 -30.60
CA PRO A 309 -3.16 29.96 -29.24
C PRO A 309 -3.97 28.68 -29.11
N ALA A 310 -4.80 28.35 -30.09
CA ALA A 310 -5.53 27.07 -30.10
C ALA A 310 -5.23 26.40 -31.43
N ALA A 311 -4.42 25.35 -31.40
CA ALA A 311 -4.02 24.61 -32.59
C ALA A 311 -3.66 23.20 -32.19
N PRO A 312 -4.64 22.43 -31.71
CA PRO A 312 -4.34 21.09 -31.19
C PRO A 312 -3.79 20.19 -32.27
N PHE A 313 -2.76 19.43 -31.93
CA PHE A 313 -2.11 18.55 -32.88
C PHE A 313 -2.00 17.17 -32.26
N SER A 314 -1.98 16.16 -33.11
CA SER A 314 -1.96 14.80 -32.61
C SER A 314 -1.15 13.94 -33.56
N GLY A 315 -0.54 12.90 -32.99
CA GLY A 315 0.13 11.87 -33.76
C GLY A 315 -0.28 10.51 -33.22
N TRP A 316 0.72 9.70 -32.89
CA TRP A 316 0.47 8.44 -32.20
C TRP A 316 1.53 8.30 -31.12
N TYR A 317 1.32 7.37 -30.21
CA TYR A 317 2.17 7.29 -29.03
C TYR A 317 3.45 6.53 -29.32
N MET A 318 4.53 6.96 -28.68
CA MET A 318 5.69 6.10 -28.44
C MET A 318 5.48 5.42 -27.10
N SER A 319 5.67 4.10 -27.06
CA SER A 319 5.19 3.29 -25.94
C SER A 319 5.80 3.68 -24.60
N THR A 320 7.03 4.22 -24.59
CA THR A 320 7.61 4.66 -23.33
C THR A 320 6.85 5.83 -22.71
N GLU A 321 6.16 6.64 -23.52
CA GLU A 321 5.35 7.69 -22.93
C GLU A 321 4.29 7.11 -21.99
N ILE A 322 3.69 6.00 -22.39
CA ILE A 322 2.64 5.38 -21.58
C ILE A 322 3.25 4.48 -20.51
N GLY A 323 4.07 3.53 -20.95
CA GLY A 323 4.47 2.47 -20.04
C GLY A 323 5.50 2.91 -19.03
N THR A 324 6.39 3.83 -19.42
CA THR A 324 7.39 4.36 -18.50
C THR A 324 6.93 5.64 -17.80
N ARG A 325 6.62 6.70 -18.56
CA ARG A 325 6.31 7.96 -17.90
C ARG A 325 4.93 7.94 -17.25
N ASN A 326 3.87 7.73 -18.05
CA ASN A 326 2.53 7.93 -17.51
C ASN A 326 2.20 6.92 -16.42
N LEU A 327 2.65 5.68 -16.59
CA LEU A 327 2.32 4.64 -15.64
C LEU A 327 3.34 4.48 -14.52
N CYS A 328 4.62 4.75 -14.78
CA CYS A 328 5.64 4.45 -13.77
C CYS A 328 6.24 5.67 -13.09
N ASP A 329 6.05 6.88 -13.63
CA ASP A 329 6.54 8.06 -12.91
C ASP A 329 5.98 8.08 -11.49
N PRO A 330 6.80 8.44 -10.50
CA PRO A 330 6.29 8.48 -9.12
C PRO A 330 5.17 9.49 -8.94
N HIS A 331 5.16 10.57 -9.72
CA HIS A 331 4.15 11.61 -9.62
C HIS A 331 3.06 11.42 -10.65
N ARG A 332 3.03 10.28 -11.32
CA ARG A 332 1.92 9.96 -12.20
C ARG A 332 1.20 8.77 -11.61
N TYR A 333 0.90 7.74 -12.39
CA TYR A 333 0.12 6.64 -11.82
C TYR A 333 0.92 5.79 -10.86
N ASN A 334 2.24 5.77 -11.01
CA ASN A 334 3.14 5.23 -10.00
C ASN A 334 2.83 3.76 -9.68
N ILE A 335 2.62 2.95 -10.73
CA ILE A 335 2.22 1.55 -10.52
C ILE A 335 3.39 0.60 -10.49
N LEU A 336 4.63 1.11 -10.56
CA LEU A 336 5.78 0.23 -10.72
C LEU A 336 5.85 -0.84 -9.62
N GLU A 337 5.73 -0.41 -8.36
CA GLU A 337 5.86 -1.40 -7.28
C GLU A 337 4.69 -2.37 -7.22
N ASP A 338 3.49 -1.92 -7.62
CA ASP A 338 2.35 -2.83 -7.73
C ASP A 338 2.63 -3.96 -8.70
N VAL A 339 3.19 -3.62 -9.86
CA VAL A 339 3.55 -4.62 -10.84
C VAL A 339 4.70 -5.48 -10.32
N ALA A 340 5.68 -4.85 -9.68
CA ALA A 340 6.79 -5.64 -9.11
C ALA A 340 6.28 -6.65 -8.10
N VAL A 341 5.31 -6.26 -7.26
CA VAL A 341 4.69 -7.19 -6.32
C VAL A 341 4.08 -8.36 -7.07
N CYS A 342 3.36 -8.08 -8.16
CA CYS A 342 2.65 -9.14 -8.86
C CYS A 342 3.62 -10.07 -9.58
N MET A 343 4.81 -9.58 -9.91
CA MET A 343 5.86 -10.36 -10.54
C MET A 343 6.71 -11.11 -9.54
N ASP A 344 6.40 -11.02 -8.26
CA ASP A 344 7.17 -11.70 -7.21
C ASP A 344 8.62 -11.28 -7.22
N LEU A 345 8.88 -10.03 -7.53
CA LEU A 345 10.26 -9.59 -7.56
C LEU A 345 10.74 -9.28 -6.15
N ASP A 346 12.05 -9.36 -5.96
CA ASP A 346 12.68 -8.98 -4.70
C ASP A 346 12.68 -7.46 -4.64
N THR A 347 11.72 -6.89 -3.93
CA THR A 347 11.66 -5.45 -3.78
C THR A 347 12.40 -4.96 -2.53
N ARG A 348 13.15 -5.83 -1.85
CA ARG A 348 13.85 -5.42 -0.64
C ARG A 348 15.26 -4.89 -0.90
N THR A 349 15.77 -5.00 -2.13
CA THR A 349 17.09 -4.50 -2.50
C THR A 349 17.02 -3.88 -3.88
N THR A 350 17.58 -2.66 -4.02
CA THR A 350 17.59 -2.04 -5.34
C THR A 350 18.42 -2.84 -6.33
N SER A 351 19.45 -3.54 -5.86
CA SER A 351 20.38 -4.18 -6.79
C SER A 351 19.81 -5.42 -7.46
N SER A 352 18.59 -5.84 -7.11
CA SER A 352 17.92 -6.86 -7.90
C SER A 352 17.40 -6.29 -9.22
N LEU A 353 17.43 -4.98 -9.38
CA LEU A 353 16.90 -4.29 -10.55
C LEU A 353 15.43 -4.63 -10.76
N TRP A 354 14.72 -4.84 -9.65
CA TRP A 354 13.28 -5.11 -9.75
C TRP A 354 12.55 -3.96 -10.42
N LYS A 355 12.99 -2.72 -10.17
CA LYS A 355 12.31 -1.61 -10.83
C LYS A 355 12.46 -1.71 -12.33
N ASP A 356 13.65 -2.04 -12.80
CA ASP A 356 13.90 -2.09 -14.23
C ASP A 356 13.11 -3.21 -14.88
N LYS A 357 13.03 -4.36 -14.22
CA LYS A 357 12.32 -5.51 -14.77
C LYS A 357 10.84 -5.22 -14.87
N ALA A 358 10.27 -4.65 -13.82
CA ALA A 358 8.86 -4.32 -13.82
C ALA A 358 8.53 -3.29 -14.88
N ALA A 359 9.35 -2.23 -14.99
CA ALA A 359 9.09 -1.23 -16.02
C ALA A 359 9.12 -1.84 -17.41
N VAL A 360 10.10 -2.70 -17.67
CA VAL A 360 10.21 -3.27 -19.00
C VAL A 360 8.94 -4.04 -19.35
N GLU A 361 8.42 -4.82 -18.39
CA GLU A 361 7.21 -5.60 -18.66
C GLU A 361 5.97 -4.72 -18.80
N ILE A 362 5.93 -3.60 -18.10
CA ILE A 362 4.85 -2.64 -18.32
C ILE A 362 4.92 -2.09 -19.74
N ASN A 363 6.13 -1.76 -20.20
CA ASN A 363 6.30 -1.31 -21.57
C ASN A 363 5.96 -2.42 -22.56
N VAL A 364 6.33 -3.66 -22.26
CA VAL A 364 5.88 -4.79 -23.09
C VAL A 364 4.37 -4.83 -23.13
N ALA A 365 3.71 -4.69 -21.99
CA ALA A 365 2.26 -4.75 -21.96
C ALA A 365 1.65 -3.66 -22.83
N VAL A 366 2.19 -2.45 -22.76
CA VAL A 366 1.67 -1.37 -23.61
C VAL A 366 1.79 -1.74 -25.09
N LEU A 367 2.98 -2.15 -25.51
CA LEU A 367 3.18 -2.47 -26.92
C LEU A 367 2.26 -3.61 -27.35
N HIS A 368 2.29 -4.70 -26.60
CA HIS A 368 1.42 -5.83 -26.90
C HIS A 368 -0.04 -5.41 -26.98
N SER A 369 -0.48 -4.57 -26.04
CA SER A 369 -1.91 -4.28 -25.95
C SER A 369 -2.34 -3.39 -27.11
N TYR A 370 -1.54 -2.38 -27.45
CA TYR A 370 -1.88 -1.54 -28.58
C TYR A 370 -1.84 -2.32 -29.88
N GLN A 371 -0.86 -3.21 -30.05
CA GLN A 371 -0.82 -4.01 -31.27
C GLN A 371 -2.02 -4.95 -31.34
N LEU A 372 -2.35 -5.59 -30.22
CA LEU A 372 -3.52 -6.46 -30.17
C LEU A 372 -4.79 -5.68 -30.51
N ALA A 373 -4.93 -4.47 -29.95
CA ALA A 373 -6.06 -3.60 -30.23
C ALA A 373 -6.00 -2.97 -31.62
N LYS A 374 -4.93 -3.21 -32.38
CA LYS A 374 -4.74 -2.59 -33.70
C LYS A 374 -4.77 -1.06 -33.60
N VAL A 375 -4.09 -0.53 -32.59
CA VAL A 375 -3.93 0.91 -32.41
C VAL A 375 -2.46 1.23 -32.62
N THR A 376 -2.20 2.15 -33.55
CA THR A 376 -0.83 2.55 -33.87
C THR A 376 -0.03 2.89 -32.63
N ILE A 377 1.15 2.29 -32.52
CA ILE A 377 2.09 2.61 -31.47
C ILE A 377 3.48 2.34 -32.02
N VAL A 378 4.48 3.05 -31.52
CA VAL A 378 5.84 2.80 -31.94
C VAL A 378 6.69 2.57 -30.69
N ASP A 379 7.54 1.54 -30.70
CA ASP A 379 8.40 1.37 -29.54
C ASP A 379 9.59 2.33 -29.62
N HIS A 380 10.28 2.48 -28.50
CA HIS A 380 11.32 3.50 -28.43
C HIS A 380 12.55 3.16 -29.27
N HIS A 381 12.76 1.87 -29.60
CA HIS A 381 13.85 1.50 -30.51
C HIS A 381 13.56 1.92 -31.93
N ALA A 382 12.35 1.60 -32.43
CA ALA A 382 11.98 1.99 -33.78
C ALA A 382 11.97 3.51 -33.90
N ALA A 383 11.42 4.20 -32.90
CA ALA A 383 11.24 5.65 -32.99
C ALA A 383 12.59 6.35 -33.04
N THR A 384 13.53 5.94 -32.18
CA THR A 384 14.85 6.55 -32.19
C THR A 384 15.61 6.20 -33.46
N ALA A 385 15.45 4.99 -33.98
CA ALA A 385 16.09 4.65 -35.25
C ALA A 385 15.59 5.57 -36.35
N SER A 386 14.27 5.79 -36.40
CA SER A 386 13.71 6.68 -37.42
CA SER A 386 13.71 6.68 -37.42
C SER A 386 14.18 8.12 -37.19
N PHE A 387 14.34 8.51 -35.93
CA PHE A 387 14.81 9.86 -35.69
C PHE A 387 16.24 10.03 -36.18
N MET A 388 17.07 8.99 -36.07
CA MET A 388 18.41 9.07 -36.63
C MET A 388 18.34 9.29 -38.13
N LYS A 389 17.46 8.57 -38.81
CA LYS A 389 17.25 8.78 -40.24
C LYS A 389 16.80 10.21 -40.52
N HIS A 390 15.90 10.74 -39.68
CA HIS A 390 15.46 12.12 -39.80
C HIS A 390 16.63 13.09 -39.68
N LEU A 391 17.50 12.89 -38.69
CA LEU A 391 18.67 13.75 -38.56
C LEU A 391 19.49 13.74 -39.84
N GLU A 392 19.65 12.57 -40.44
CA GLU A 392 20.41 12.47 -41.67
C GLU A 392 19.70 13.19 -42.82
N ASN A 393 18.39 12.98 -42.96
CA ASN A 393 17.63 13.72 -43.96
C ASN A 393 17.80 15.22 -43.77
N GLU A 394 17.67 15.68 -42.52
CA GLU A 394 17.68 17.12 -42.25
C GLU A 394 19.04 17.74 -42.47
N GLN A 395 20.10 17.02 -42.11
CA GLN A 395 21.45 17.48 -42.46
C GLN A 395 21.54 17.79 -43.94
N LYS A 396 21.02 16.90 -44.78
CA LYS A 396 21.10 17.14 -46.21
C LYS A 396 20.12 18.22 -46.64
N ALA A 397 18.92 18.25 -46.05
CA ALA A 397 17.92 19.22 -46.47
C ALA A 397 18.23 20.63 -45.98
N ARG A 398 18.71 20.77 -44.74
CA ARG A 398 18.80 22.09 -44.11
C ARG A 398 20.13 22.35 -43.42
N GLY A 399 21.07 21.40 -43.42
CA GLY A 399 22.32 21.62 -42.73
C GLY A 399 22.26 21.41 -41.24
N GLY A 400 21.22 20.79 -40.73
CA GLY A 400 21.17 20.51 -39.31
C GLY A 400 19.74 20.25 -38.87
N CYS A 401 19.59 20.11 -37.55
CA CYS A 401 18.30 19.78 -36.97
C CYS A 401 18.29 20.16 -35.50
N PRO A 402 17.44 21.09 -35.08
CA PRO A 402 17.32 21.37 -33.64
C PRO A 402 16.78 20.15 -32.92
N ALA A 403 17.50 19.74 -31.87
CA ALA A 403 17.10 18.55 -31.15
C ALA A 403 17.50 18.70 -29.68
N ASP A 404 16.56 18.35 -28.81
CA ASP A 404 16.75 18.44 -27.36
C ASP A 404 17.10 17.05 -26.86
N TRP A 405 18.38 16.83 -26.57
CA TRP A 405 18.88 15.49 -26.26
C TRP A 405 18.10 14.85 -25.13
N ALA A 406 17.89 15.59 -24.03
CA ALA A 406 17.20 15.02 -22.87
C ALA A 406 15.79 14.55 -23.20
N TRP A 407 15.15 15.17 -24.19
CA TRP A 407 13.79 14.77 -24.54
C TRP A 407 13.75 13.69 -25.61
N ILE A 408 14.77 13.66 -26.47
CA ILE A 408 14.82 12.69 -27.55
C ILE A 408 15.20 11.32 -27.04
N VAL A 409 16.13 11.26 -26.09
CA VAL A 409 16.57 9.98 -25.51
C VAL A 409 15.43 9.41 -24.67
N PRO A 410 15.02 8.19 -24.93
CA PRO A 410 13.88 7.60 -24.23
C PRO A 410 14.16 7.44 -22.75
N PRO A 411 13.11 7.36 -21.92
CA PRO A 411 13.29 7.34 -20.46
C PRO A 411 13.61 5.97 -19.89
N ILE A 412 13.59 4.91 -20.71
CA ILE A 412 14.24 3.65 -20.36
C ILE A 412 15.22 3.30 -21.47
N SER A 413 16.26 2.55 -21.10
CA SER A 413 17.18 1.97 -22.08
C SER A 413 17.82 3.03 -22.96
N GLY A 414 18.04 4.23 -22.40
CA GLY A 414 18.63 5.33 -23.14
C GLY A 414 19.76 4.93 -24.06
N SER A 415 20.82 4.34 -23.52
CA SER A 415 22.00 4.07 -24.36
C SER A 415 21.84 2.84 -25.24
N LEU A 416 20.73 2.10 -25.10
CA LEU A 416 20.42 1.06 -26.08
C LEU A 416 19.88 1.65 -27.36
N THR A 417 19.56 2.93 -27.37
CA THR A 417 19.01 3.53 -28.57
C THR A 417 20.07 4.41 -29.23
N PRO A 418 20.05 4.54 -30.54
CA PRO A 418 21.15 5.25 -31.22
C PRO A 418 21.22 6.73 -30.89
N VAL A 419 20.12 7.34 -30.41
CA VAL A 419 20.10 8.78 -30.20
C VAL A 419 20.95 9.15 -29.00
N PHE A 420 21.12 8.21 -28.06
CA PHE A 420 21.95 8.46 -26.89
C PHE A 420 23.35 8.86 -27.30
N HIS A 421 23.86 8.24 -28.36
CA HIS A 421 25.24 8.39 -28.79
C HIS A 421 25.41 9.53 -29.78
N GLN A 422 24.34 10.25 -30.05
CA GLN A 422 24.32 11.30 -31.05
C GLN A 422 24.33 12.64 -30.33
N GLU A 423 25.39 13.42 -30.54
CA GLU A 423 25.39 14.78 -30.04
C GLU A 423 24.32 15.57 -30.77
N MET A 424 23.74 16.53 -30.07
CA MET A 424 22.65 17.29 -30.65
C MET A 424 22.81 18.76 -30.30
N VAL A 425 22.22 19.61 -31.15
CA VAL A 425 22.23 21.06 -30.98
C VAL A 425 20.79 21.50 -30.84
N ASN A 426 20.51 22.28 -29.79
CA ASN A 426 19.15 22.71 -29.49
C ASN A 426 19.04 24.21 -29.75
N TYR A 427 18.10 24.59 -30.61
CA TYR A 427 17.89 26.00 -30.92
C TYR A 427 16.46 26.16 -31.42
N PHE A 428 16.03 27.42 -31.51
CA PHE A 428 14.64 27.74 -31.78
C PHE A 428 14.54 28.27 -33.20
N LEU A 429 13.84 27.53 -34.05
CA LEU A 429 13.46 27.98 -35.38
C LEU A 429 11.98 28.30 -35.40
N SER A 430 11.59 29.18 -36.29
CA SER A 430 10.20 29.48 -36.58
C SER A 430 9.89 29.06 -38.02
N PRO A 431 8.65 28.63 -38.34
CA PRO A 431 7.46 28.40 -37.51
C PRO A 431 7.71 27.46 -36.33
N ALA A 432 6.92 27.58 -35.26
CA ALA A 432 7.22 26.83 -34.06
C ALA A 432 5.96 26.56 -33.26
N PHE A 433 6.00 25.50 -32.46
CA PHE A 433 5.09 25.33 -31.35
C PHE A 433 5.75 25.87 -30.09
N ARG A 434 5.03 26.72 -29.37
CA ARG A 434 5.55 27.38 -28.19
C ARG A 434 4.70 27.05 -26.99
N TYR A 435 5.35 27.03 -25.82
CA TYR A 435 4.59 27.03 -24.59
C TYR A 435 3.89 28.39 -24.43
N GLN A 436 2.78 28.39 -23.72
CA GLN A 436 2.06 29.62 -23.47
C GLN A 436 1.42 29.50 -22.09
N PRO A 437 1.11 30.61 -21.45
CA PRO A 437 0.50 30.54 -20.12
C PRO A 437 -0.87 29.87 -20.18
N ASP A 438 -1.23 29.23 -19.07
CA ASP A 438 -2.58 28.70 -18.94
C ASP A 438 -3.59 29.85 -18.95
N PRO A 439 -4.73 29.67 -19.61
CA PRO A 439 -5.67 30.79 -19.74
C PRO A 439 -6.36 31.20 -18.44
N TRP A 440 -5.71 30.99 -17.30
CA TRP A 440 -6.28 31.43 -16.03
C TRP A 440 -5.18 31.86 -15.07
N LYS B 27 18.28 37.79 -10.99
CA LYS B 27 17.96 36.51 -10.38
C LYS B 27 18.93 35.43 -10.85
N PHE B 28 18.71 34.23 -10.38
CA PHE B 28 19.54 33.06 -10.61
C PHE B 28 18.69 32.01 -11.29
N PRO B 29 19.27 30.96 -11.87
CA PRO B 29 18.44 29.92 -12.47
C PRO B 29 17.51 29.28 -11.44
N ARG B 30 16.25 29.18 -11.80
CA ARG B 30 15.25 28.46 -11.02
C ARG B 30 15.20 27.01 -11.47
N VAL B 31 15.25 26.10 -10.50
CA VAL B 31 15.50 24.70 -10.74
C VAL B 31 14.40 23.89 -10.09
N LYS B 32 13.63 23.16 -10.90
CA LYS B 32 12.49 22.41 -10.42
C LYS B 32 12.81 20.92 -10.36
N ASN B 33 12.37 20.27 -9.30
CA ASN B 33 12.26 18.82 -9.27
C ASN B 33 10.82 18.47 -9.63
N TRP B 34 10.65 17.73 -10.72
CA TRP B 34 9.29 17.47 -11.19
C TRP B 34 8.62 16.31 -10.46
N GLU B 35 9.38 15.47 -9.75
CA GLU B 35 8.75 14.42 -8.98
C GLU B 35 8.08 14.97 -7.73
N VAL B 36 8.75 15.88 -7.05
CA VAL B 36 8.28 16.40 -5.77
C VAL B 36 7.66 17.78 -5.92
N GLY B 37 7.98 18.51 -6.99
CA GLY B 37 7.48 19.86 -7.14
C GLY B 37 8.32 20.93 -6.49
N SER B 38 9.41 20.54 -5.84
CA SER B 38 10.24 21.48 -5.11
C SER B 38 11.06 22.33 -6.09
N ILE B 39 11.31 23.57 -5.69
CA ILE B 39 12.02 24.52 -6.53
C ILE B 39 13.14 25.14 -5.72
N THR B 40 14.34 25.18 -6.30
CA THR B 40 15.48 25.87 -5.71
C THR B 40 16.04 26.86 -6.73
N TYR B 41 16.87 27.77 -6.26
CA TYR B 41 17.59 28.68 -7.13
C TYR B 41 19.07 28.39 -7.00
N ASP B 42 19.74 28.21 -8.15
CA ASP B 42 21.16 27.88 -8.14
C ASP B 42 21.93 29.20 -8.13
N THR B 43 22.21 29.69 -6.93
CA THR B 43 23.00 30.91 -6.81
C THR B 43 24.48 30.65 -7.02
N LEU B 44 24.92 29.40 -6.78
CA LEU B 44 26.32 29.04 -6.95
C LEU B 44 26.77 29.22 -8.40
N SER B 45 25.85 29.03 -9.35
CA SER B 45 26.20 29.20 -10.76
C SER B 45 26.76 30.59 -11.05
N ALA B 46 26.36 31.60 -10.28
CA ALA B 46 26.89 32.94 -10.49
C ALA B 46 28.40 32.99 -10.29
N GLN B 47 28.97 32.01 -9.61
CA GLN B 47 30.41 31.93 -9.38
C GLN B 47 31.14 31.18 -10.48
N ALA B 48 30.44 30.71 -11.50
CA ALA B 48 31.09 30.02 -12.61
C ALA B 48 32.16 30.91 -13.21
N GLN B 49 33.40 30.41 -13.24
CA GLN B 49 34.49 31.21 -13.78
C GLN B 49 34.62 30.95 -15.28
N GLN B 50 34.99 29.74 -15.66
CA GLN B 50 35.17 29.43 -17.07
C GLN B 50 33.81 29.28 -17.76
N ASP B 51 33.83 29.51 -19.08
CA ASP B 51 32.62 29.43 -19.89
C ASP B 51 32.45 28.03 -20.47
N GLY B 52 31.18 27.65 -20.62
CA GLY B 52 30.85 26.43 -21.31
C GLY B 52 30.57 26.71 -22.78
N PRO B 53 30.00 25.72 -23.48
CA PRO B 53 29.83 25.83 -24.93
C PRO B 53 28.51 26.44 -25.38
N CYS B 54 27.58 26.69 -24.47
CA CYS B 54 26.26 27.13 -24.88
C CYS B 54 26.23 28.65 -25.05
N THR B 55 25.33 29.09 -25.91
CA THR B 55 25.01 30.50 -26.08
C THR B 55 23.51 30.63 -26.09
N PRO B 56 22.97 31.85 -25.95
CA PRO B 56 21.51 32.00 -26.09
C PRO B 56 20.99 31.49 -27.42
N ARG B 57 21.80 31.50 -28.47
CA ARG B 57 21.31 31.04 -29.77
C ARG B 57 21.20 29.52 -29.83
N ARG B 58 22.02 28.78 -29.10
CA ARG B 58 22.00 27.33 -29.23
C ARG B 58 22.67 26.67 -28.04
N CYS B 59 22.06 25.57 -27.59
CA CYS B 59 22.59 24.79 -26.47
C CYS B 59 23.44 23.63 -27.00
N LEU B 60 24.66 23.51 -26.47
CA LEU B 60 25.58 22.43 -26.80
C LEU B 60 25.79 21.52 -25.60
N GLY B 61 24.80 21.45 -24.71
CA GLY B 61 24.93 20.66 -23.50
C GLY B 61 25.18 19.18 -23.75
N SER B 62 24.74 18.65 -24.89
CA SER B 62 24.89 17.22 -25.11
C SER B 62 26.25 16.85 -25.70
N LEU B 63 27.09 17.82 -26.03
CA LEU B 63 28.39 17.53 -26.62
C LEU B 63 29.35 16.98 -25.56
N VAL B 64 30.09 15.94 -25.94
CA VAL B 64 31.01 15.32 -24.99
C VAL B 64 32.19 16.23 -24.72
N PHE B 65 32.82 16.74 -25.78
CA PHE B 65 34.01 17.58 -25.70
C PHE B 65 33.70 18.91 -26.37
N PRO B 66 33.14 19.88 -25.65
CA PRO B 66 32.91 21.23 -26.17
C PRO B 66 34.20 21.91 -26.64
N ALA B 79 51.17 35.71 -18.30
CA ALA B 79 49.90 35.98 -17.64
C ALA B 79 49.95 35.68 -16.12
N PRO B 80 50.83 36.38 -15.40
CA PRO B 80 50.90 36.16 -13.94
C PRO B 80 49.73 36.75 -13.17
N GLU B 81 48.94 37.63 -13.78
CA GLU B 81 47.86 38.30 -13.06
C GLU B 81 46.59 37.45 -13.00
N GLN B 82 46.36 36.62 -14.01
CA GLN B 82 45.26 35.68 -13.95
C GLN B 82 45.62 34.48 -13.07
N LEU B 83 46.90 34.14 -12.99
CA LEU B 83 47.32 33.11 -12.03
C LEU B 83 47.06 33.58 -10.61
N LEU B 84 47.40 34.84 -10.32
CA LEU B 84 47.19 35.39 -9.00
C LEU B 84 45.71 35.46 -8.64
N SER B 85 44.85 35.84 -9.57
CA SER B 85 43.42 35.90 -9.27
C SER B 85 42.87 34.50 -9.00
N GLN B 86 43.30 33.49 -9.76
CA GLN B 86 42.84 32.12 -9.50
C GLN B 86 43.43 31.59 -8.20
N ALA B 87 44.71 31.90 -7.94
CA ALA B 87 45.32 31.50 -6.68
C ALA B 87 44.63 32.15 -5.50
N ARG B 88 44.37 33.46 -5.60
CA ARG B 88 43.71 34.18 -4.51
C ARG B 88 42.34 33.59 -4.24
N ASP B 89 41.57 33.35 -5.30
CA ASP B 89 40.25 32.76 -5.14
C ASP B 89 40.34 31.41 -4.42
N PHE B 90 41.31 30.58 -4.80
CA PHE B 90 41.40 29.26 -4.21
C PHE B 90 41.81 29.33 -2.74
N ILE B 91 42.80 30.17 -2.42
CA ILE B 91 43.20 30.34 -1.03
C ILE B 91 42.01 30.78 -0.20
N ASN B 92 41.21 31.71 -0.75
CA ASN B 92 40.01 32.15 -0.06
C ASN B 92 39.01 31.01 0.12
N GLN B 93 38.82 30.18 -0.91
CA GLN B 93 37.99 29.00 -0.75
C GLN B 93 38.50 28.13 0.38
N TYR B 94 39.82 27.89 0.39
CA TYR B 94 40.38 27.02 1.42
C TYR B 94 40.13 27.59 2.81
N TYR B 95 40.45 28.87 3.02
CA TYR B 95 40.32 29.39 4.37
C TYR B 95 38.85 29.53 4.78
N SER B 96 37.93 29.68 3.81
CA SER B 96 36.51 29.59 4.15
C SER B 96 36.14 28.19 4.59
N SER B 97 36.68 27.18 3.90
CA SER B 97 36.30 25.80 4.18
C SER B 97 36.64 25.39 5.60
N ILE B 98 37.73 25.93 6.16
CA ILE B 98 38.14 25.59 7.52
C ILE B 98 37.70 26.66 8.52
N LYS B 99 36.81 27.56 8.12
CA LYS B 99 36.23 28.54 9.04
C LYS B 99 37.27 29.52 9.54
N ARG B 100 38.25 29.83 8.69
CA ARG B 100 39.36 30.68 9.11
C ARG B 100 39.52 31.92 8.23
N SER B 101 38.46 32.35 7.52
CA SER B 101 38.59 33.54 6.69
CA SER B 101 38.57 33.54 6.69
C SER B 101 38.92 34.75 7.55
N GLY B 102 39.86 35.56 7.08
CA GLY B 102 40.30 36.74 7.79
C GLY B 102 41.39 36.50 8.80
N SER B 103 41.71 35.25 9.10
CA SER B 103 42.72 34.95 10.11
C SER B 103 44.10 35.44 9.67
N GLN B 104 45.00 35.55 10.65
CA GLN B 104 46.37 35.88 10.32
C GLN B 104 46.97 34.84 9.38
N ALA B 105 46.60 33.56 9.54
CA ALA B 105 47.04 32.51 8.63
C ALA B 105 46.49 32.74 7.22
N HIS B 106 45.23 33.14 7.13
CA HIS B 106 44.65 33.43 5.83
C HIS B 106 45.41 34.53 5.11
N GLU B 107 45.61 35.67 5.80
CA GLU B 107 46.29 36.82 5.20
C GLU B 107 47.74 36.49 4.88
N GLN B 108 48.42 35.74 5.76
CA GLN B 108 49.80 35.34 5.50
C GLN B 108 49.91 34.50 4.24
N ARG B 109 48.97 33.57 4.04
CA ARG B 109 49.04 32.71 2.87
C ARG B 109 48.82 33.50 1.59
N LEU B 110 47.82 34.39 1.60
CA LEU B 110 47.59 35.25 0.45
C LEU B 110 48.85 36.03 0.09
N GLN B 111 49.51 36.61 1.10
CA GLN B 111 50.71 37.39 0.84
C GLN B 111 51.85 36.50 0.36
N GLU B 112 52.01 35.32 0.96
CA GLU B 112 53.05 34.39 0.52
C GLU B 112 52.86 33.98 -0.93
N VAL B 113 51.63 33.67 -1.32
CA VAL B 113 51.37 33.26 -2.70
C VAL B 113 51.68 34.40 -3.65
N GLU B 114 51.15 35.60 -3.37
CA GLU B 114 51.47 36.77 -4.18
C GLU B 114 52.98 36.95 -4.32
N ALA B 115 53.70 36.84 -3.20
CA ALA B 115 55.15 37.03 -3.26
C ALA B 115 55.81 35.94 -4.10
N GLU B 116 55.42 34.69 -3.88
CA GLU B 116 56.03 33.57 -4.59
C GLU B 116 55.79 33.69 -6.09
N VAL B 117 54.57 34.04 -6.49
CA VAL B 117 54.26 34.21 -7.90
C VAL B 117 55.09 35.35 -8.50
N ALA B 118 55.24 36.45 -7.76
CA ALA B 118 56.04 37.56 -8.27
C ALA B 118 57.52 37.19 -8.37
N ALA B 119 58.00 36.34 -7.45
CA ALA B 119 59.42 36.00 -7.48
C ALA B 119 59.70 34.87 -8.47
N THR B 120 58.79 33.89 -8.57
CA THR B 120 59.05 32.64 -9.27
C THR B 120 58.14 32.37 -10.46
N GLY B 121 57.08 33.16 -10.66
CA GLY B 121 56.11 32.91 -11.71
C GLY B 121 55.06 31.86 -11.38
N THR B 122 55.18 31.16 -10.26
CA THR B 122 54.23 30.12 -9.91
C THR B 122 54.17 30.07 -8.37
N TYR B 123 53.59 29.01 -7.82
CA TYR B 123 53.68 28.79 -6.38
C TYR B 123 53.37 27.34 -6.12
N GLN B 124 53.53 26.95 -4.85
CA GLN B 124 53.38 25.57 -4.43
C GLN B 124 52.26 25.47 -3.40
N LEU B 125 51.37 24.51 -3.61
CA LEU B 125 50.31 24.28 -2.64
C LEU B 125 50.87 23.71 -1.35
N ARG B 126 50.30 24.13 -0.23
CA ARG B 126 50.54 23.40 1.01
C ARG B 126 49.81 22.07 0.95
N GLU B 127 50.28 21.11 1.75
CA GLU B 127 49.72 19.76 1.65
C GLU B 127 48.21 19.77 1.93
N SER B 128 47.78 20.55 2.92
CA SER B 128 46.35 20.61 3.23
CA SER B 128 46.36 20.63 3.25
C SER B 128 45.56 21.24 2.10
N GLU B 129 46.14 22.23 1.41
CA GLU B 129 45.46 22.86 0.27
C GLU B 129 45.31 21.90 -0.90
N LEU B 130 46.35 21.09 -1.17
CA LEU B 130 46.23 20.06 -2.20
C LEU B 130 45.08 19.12 -1.90
N VAL B 131 44.97 18.70 -0.64
CA VAL B 131 43.91 17.76 -0.29
C VAL B 131 42.55 18.40 -0.47
N PHE B 132 42.38 19.62 0.03
CA PHE B 132 41.15 20.36 -0.17
C PHE B 132 40.86 20.53 -1.67
N GLY B 133 41.89 20.89 -2.44
CA GLY B 133 41.68 21.18 -3.84
C GLY B 133 41.26 19.96 -4.64
N ALA B 134 41.86 18.81 -4.33
CA ALA B 134 41.48 17.57 -4.98
C ALA B 134 40.03 17.23 -4.68
N LYS B 135 39.64 17.35 -3.41
CA LYS B 135 38.27 17.09 -3.01
C LYS B 135 37.30 18.06 -3.66
N GLN B 136 37.65 19.35 -3.70
CA GLN B 136 36.81 20.33 -4.38
C GLN B 136 36.67 20.00 -5.86
N ALA B 137 37.76 19.58 -6.50
CA ALA B 137 37.68 19.28 -7.94
C ALA B 137 36.70 18.15 -8.20
N TRP B 138 36.70 17.16 -7.33
CA TRP B 138 35.73 16.09 -7.43
C TRP B 138 34.32 16.63 -7.17
N ARG B 139 34.17 17.37 -6.08
CA ARG B 139 32.91 18.01 -5.72
C ARG B 139 32.38 18.87 -6.86
N ASN B 140 33.27 19.50 -7.61
CA ASN B 140 32.85 20.40 -8.67
C ASN B 140 32.56 19.67 -9.99
N ALA B 141 32.83 18.37 -10.07
CA ALA B 141 32.76 17.66 -11.35
C ALA B 141 31.33 17.45 -11.78
N PRO B 142 30.83 18.17 -12.79
CA PRO B 142 29.39 18.11 -13.11
C PRO B 142 28.93 16.76 -13.63
N ARG B 143 29.82 15.98 -14.25
CA ARG B 143 29.42 14.70 -14.82
C ARG B 143 29.57 13.52 -13.86
N CYS B 144 29.91 13.75 -12.59
CA CYS B 144 30.11 12.65 -11.62
C CYS B 144 28.88 12.47 -10.75
N VAL B 145 28.24 11.31 -10.84
CA VAL B 145 27.09 11.04 -9.98
C VAL B 145 27.48 10.59 -8.58
N GLY B 146 28.74 10.26 -8.34
CA GLY B 146 29.06 9.65 -7.06
C GLY B 146 29.58 10.65 -6.05
N ARG B 147 29.25 11.92 -6.24
CA ARG B 147 29.84 13.01 -5.46
C ARG B 147 29.34 13.09 -4.03
N ILE B 148 28.32 12.30 -3.65
CA ILE B 148 28.00 12.20 -2.23
C ILE B 148 29.25 11.86 -1.43
N GLN B 149 30.18 11.16 -2.05
CA GLN B 149 31.40 10.70 -1.42
C GLN B 149 32.53 11.74 -1.41
N TRP B 150 32.28 12.97 -1.87
CA TRP B 150 33.39 13.86 -2.23
C TRP B 150 34.32 14.16 -1.06
N GLY B 151 33.80 14.13 0.16
CA GLY B 151 34.63 14.41 1.33
C GLY B 151 35.53 13.28 1.76
N LYS B 152 35.33 12.07 1.23
CA LYS B 152 36.12 10.90 1.58
C LYS B 152 37.01 10.58 0.39
N LEU B 153 38.21 11.15 0.37
CA LEU B 153 39.12 10.98 -0.74
C LEU B 153 40.52 10.89 -0.17
N GLN B 154 41.21 9.80 -0.49
CA GLN B 154 42.60 9.65 -0.05
C GLN B 154 43.49 10.34 -1.06
N VAL B 155 44.27 11.32 -0.61
CA VAL B 155 45.08 12.11 -1.52
C VAL B 155 46.53 11.68 -1.34
N PHE B 156 47.11 11.06 -2.35
CA PHE B 156 48.52 10.68 -2.31
C PHE B 156 49.34 11.78 -2.96
N ASP B 157 50.28 12.35 -2.21
CA ASP B 157 51.02 13.52 -2.68
C ASP B 157 52.27 13.01 -3.39
N ALA B 158 52.25 12.97 -4.71
CA ALA B 158 53.39 12.49 -5.48
C ALA B 158 54.09 13.63 -6.20
N ARG B 159 54.01 14.85 -5.63
CA ARG B 159 54.61 16.00 -6.30
C ARG B 159 56.14 15.97 -6.24
N ASP B 160 56.73 15.02 -5.52
CA ASP B 160 58.18 14.88 -5.52
CA ASP B 160 58.18 14.83 -5.48
C ASP B 160 58.67 13.85 -6.53
N CYS B 161 57.76 13.23 -7.28
CA CYS B 161 58.13 12.20 -8.25
C CYS B 161 59.13 12.74 -9.26
N ARG B 162 60.11 11.91 -9.61
CA ARG B 162 61.19 12.38 -10.49
C ARG B 162 61.37 11.57 -11.77
N SER B 163 60.69 10.43 -11.91
CA SER B 163 60.92 9.59 -13.08
C SER B 163 59.66 8.80 -13.38
N ALA B 164 59.67 8.13 -14.54
CA ALA B 164 58.53 7.30 -14.91
C ALA B 164 58.48 6.04 -14.06
N GLN B 165 59.65 5.53 -13.70
CA GLN B 165 59.72 4.42 -12.77
C GLN B 165 59.01 4.76 -11.46
N GLU B 166 59.29 5.95 -10.91
CA GLU B 166 58.68 6.31 -9.64
C GLU B 166 57.19 6.59 -9.81
N MET B 167 56.82 7.18 -10.96
CA MET B 167 55.41 7.24 -11.35
C MET B 167 54.73 5.88 -11.21
N PHE B 168 55.35 4.84 -11.76
CA PHE B 168 54.78 3.50 -11.68
C PHE B 168 54.65 3.04 -10.23
N THR B 169 55.68 3.32 -9.40
CA THR B 169 55.60 3.00 -7.98
C THR B 169 54.41 3.68 -7.32
N TYR B 170 54.23 4.97 -7.58
CA TYR B 170 53.07 5.67 -7.03
C TYR B 170 51.78 5.08 -7.55
N ILE B 171 51.74 4.78 -8.85
CA ILE B 171 50.53 4.22 -9.44
C ILE B 171 50.20 2.86 -8.84
N CYS B 172 51.22 2.01 -8.70
CA CYS B 172 50.96 0.69 -8.12
C CYS B 172 50.48 0.81 -6.68
N ASN B 173 51.06 1.74 -5.91
CA ASN B 173 50.61 1.93 -4.54
CA ASN B 173 50.63 1.95 -4.53
C ASN B 173 49.19 2.48 -4.48
N HIS B 174 48.86 3.40 -5.40
CA HIS B 174 47.48 3.86 -5.52
C HIS B 174 46.54 2.70 -5.78
N ILE B 175 46.88 1.87 -6.78
CA ILE B 175 46.00 0.76 -7.14
C ILE B 175 45.84 -0.19 -5.96
N LYS B 176 46.93 -0.50 -5.26
CA LYS B 176 46.83 -1.40 -4.12
C LYS B 176 45.96 -0.79 -3.01
N TYR B 177 46.16 0.49 -2.73
CA TYR B 177 45.38 1.14 -1.67
C TYR B 177 43.91 1.20 -2.05
N ALA B 178 43.63 1.67 -3.26
CA ALA B 178 42.26 1.92 -3.66
C ALA B 178 41.48 0.61 -3.81
N THR B 179 42.16 -0.42 -4.29
CA THR B 179 41.49 -1.69 -4.51
C THR B 179 41.17 -2.37 -3.19
N ASN B 180 42.13 -2.35 -2.25
CA ASN B 180 41.89 -2.78 -0.88
C ASN B 180 41.21 -4.15 -0.83
N ARG B 181 41.70 -5.06 -1.67
CA ARG B 181 41.17 -6.43 -1.77
C ARG B 181 39.67 -6.45 -2.03
N GLY B 182 39.17 -5.42 -2.71
CA GLY B 182 37.77 -5.34 -3.11
C GLY B 182 36.93 -4.38 -2.29
N ASN B 183 37.40 -3.97 -1.11
CA ASN B 183 36.71 -2.94 -0.33
C ASN B 183 37.23 -1.59 -0.80
N LEU B 184 36.72 -1.16 -1.94
CA LEU B 184 37.34 -0.07 -2.70
C LEU B 184 37.30 1.24 -1.91
N ARG B 185 38.36 2.03 -2.07
CA ARG B 185 38.50 3.33 -1.42
C ARG B 185 38.85 4.36 -2.46
N SER B 186 38.13 5.47 -2.45
CA SER B 186 38.41 6.57 -3.35
C SER B 186 39.79 7.14 -3.09
N ALA B 187 40.55 7.37 -4.17
CA ALA B 187 41.90 7.86 -4.02
C ALA B 187 42.27 8.68 -5.23
N ILE B 188 43.20 9.61 -5.03
CA ILE B 188 43.85 10.34 -6.10
C ILE B 188 45.33 10.41 -5.77
N THR B 189 46.17 10.30 -6.79
CA THR B 189 47.60 10.52 -6.65
C THR B 189 47.96 11.72 -7.50
N VAL B 190 48.58 12.72 -6.89
CA VAL B 190 48.84 13.98 -7.57
C VAL B 190 50.32 14.04 -7.86
N PHE B 191 50.67 13.95 -9.14
CA PHE B 191 52.04 14.08 -9.62
C PHE B 191 52.41 15.55 -9.76
N PRO B 192 53.70 15.86 -9.99
CA PRO B 192 54.14 17.26 -9.98
C PRO B 192 53.37 18.12 -10.98
N GLN B 193 53.16 19.37 -10.59
CA GLN B 193 52.40 20.30 -11.40
C GLN B 193 53.19 20.69 -12.65
N ARG B 194 52.47 21.25 -13.60
CA ARG B 194 53.09 21.81 -14.78
C ARG B 194 53.95 23.00 -14.38
N CYS B 195 55.12 23.11 -15.00
CA CYS B 195 55.96 24.22 -14.65
C CYS B 195 56.78 24.57 -15.87
N PRO B 196 57.02 25.85 -16.13
CA PRO B 196 57.75 26.22 -17.34
C PRO B 196 59.19 25.71 -17.28
N GLY B 197 59.74 25.43 -18.46
CA GLY B 197 61.08 24.91 -18.56
C GLY B 197 61.19 23.41 -18.59
N ARG B 198 60.08 22.71 -18.34
CA ARG B 198 60.06 21.27 -18.16
C ARG B 198 58.79 20.71 -18.78
N GLY B 199 58.89 19.55 -19.40
CA GLY B 199 57.71 18.87 -19.89
C GLY B 199 56.83 18.37 -18.75
N ASP B 200 55.65 17.89 -19.13
CA ASP B 200 54.67 17.43 -18.16
C ASP B 200 54.93 15.98 -17.80
N PHE B 201 54.55 15.63 -16.57
CA PHE B 201 54.25 14.23 -16.30
C PHE B 201 52.92 13.89 -16.97
N ARG B 202 52.86 12.75 -17.67
CA ARG B 202 51.62 12.31 -18.28
C ARG B 202 51.47 10.81 -18.16
N ILE B 203 50.24 10.37 -17.88
CA ILE B 203 49.86 8.98 -18.09
C ILE B 203 49.12 8.93 -19.41
N TRP B 204 49.69 8.24 -20.40
CA TRP B 204 49.07 8.20 -21.72
C TRP B 204 47.74 7.44 -21.69
N ASN B 205 47.66 6.37 -20.92
CA ASN B 205 46.43 5.59 -20.84
C ASN B 205 45.31 6.42 -20.24
N SER B 206 44.08 6.18 -20.70
CA SER B 206 42.96 6.98 -20.23
C SER B 206 42.49 6.52 -18.86
N GLN B 207 42.73 5.25 -18.54
CA GLN B 207 42.51 4.71 -17.22
C GLN B 207 43.71 3.86 -16.85
N LEU B 208 43.89 3.65 -15.55
CA LEU B 208 44.94 2.74 -15.11
C LEU B 208 44.68 1.30 -15.54
N VAL B 209 43.41 0.87 -15.60
CA VAL B 209 43.09 -0.46 -16.11
C VAL B 209 42.28 -0.31 -17.38
N ARG B 210 42.80 -0.85 -18.49
CA ARG B 210 42.17 -0.84 -19.80
C ARG B 210 42.42 -2.19 -20.45
N TYR B 211 41.41 -2.72 -21.12
CA TYR B 211 41.60 -3.95 -21.88
C TYR B 211 42.00 -3.59 -23.30
N ALA B 212 42.97 -4.36 -23.81
CA ALA B 212 43.45 -4.16 -25.16
C ALA B 212 42.31 -4.24 -26.17
N GLY B 213 42.41 -3.41 -27.21
CA GLY B 213 41.56 -3.53 -28.37
C GLY B 213 42.42 -3.79 -29.59
N TYR B 214 42.32 -4.99 -30.14
CA TYR B 214 43.13 -5.42 -31.27
C TYR B 214 42.32 -5.29 -32.56
N ARG B 215 42.66 -4.30 -33.37
CA ARG B 215 41.98 -4.13 -34.64
C ARG B 215 42.32 -5.30 -35.55
N GLN B 216 41.28 -5.94 -36.06
CA GLN B 216 41.46 -7.06 -36.98
C GLN B 216 41.37 -6.53 -38.41
N GLN B 217 42.06 -7.22 -39.31
CA GLN B 217 42.19 -6.69 -40.68
C GLN B 217 40.83 -6.45 -41.32
N ASP B 218 39.81 -7.23 -40.95
CA ASP B 218 38.47 -7.04 -41.51
C ASP B 218 37.73 -5.85 -40.89
N GLY B 219 38.38 -5.06 -40.05
CA GLY B 219 37.77 -3.90 -39.43
C GLY B 219 37.23 -4.13 -38.03
N SER B 220 36.88 -5.38 -37.69
CA SER B 220 36.38 -5.65 -36.35
C SER B 220 37.50 -5.47 -35.32
N VAL B 221 37.11 -5.52 -34.05
CA VAL B 221 38.04 -5.40 -32.94
C VAL B 221 37.89 -6.59 -32.03
N ARG B 222 39.01 -7.21 -31.69
CA ARG B 222 39.05 -8.18 -30.60
C ARG B 222 39.42 -7.43 -29.32
N GLY B 223 38.56 -7.53 -28.31
CA GLY B 223 38.79 -6.80 -27.08
C GLY B 223 37.91 -5.58 -27.02
N ASP B 224 38.43 -4.51 -26.44
CA ASP B 224 37.64 -3.32 -26.19
C ASP B 224 37.89 -2.30 -27.28
N PRO B 225 36.91 -2.03 -28.15
CA PRO B 225 37.16 -1.10 -29.26
C PRO B 225 37.48 0.32 -28.80
N ALA B 226 37.09 0.71 -27.58
CA ALA B 226 37.47 2.02 -27.07
C ALA B 226 38.98 2.20 -26.93
N ASN B 227 39.74 1.11 -26.87
CA ASN B 227 41.17 1.18 -26.57
C ASN B 227 42.04 0.82 -27.76
N VAL B 228 41.52 0.89 -28.98
CA VAL B 228 42.32 0.53 -30.14
C VAL B 228 43.55 1.43 -30.24
N GLU B 229 43.38 2.72 -29.95
CA GLU B 229 44.50 3.64 -30.20
C GLU B 229 45.61 3.45 -29.15
N ILE B 230 45.23 3.39 -27.87
CA ILE B 230 46.25 3.19 -26.85
C ILE B 230 46.87 1.81 -26.98
N THR B 231 46.10 0.82 -27.43
CA THR B 231 46.68 -0.49 -27.71
C THR B 231 47.77 -0.39 -28.78
N GLU B 232 47.49 0.29 -29.88
CA GLU B 232 48.48 0.38 -30.95
C GLU B 232 49.69 1.20 -30.51
N LEU B 233 49.45 2.22 -29.69
CA LEU B 233 50.57 2.97 -29.11
C LEU B 233 51.43 2.07 -28.23
N CYS B 234 50.79 1.24 -27.39
CA CYS B 234 51.54 0.31 -26.56
C CYS B 234 52.38 -0.63 -27.40
N ILE B 235 51.80 -1.21 -28.45
CA ILE B 235 52.55 -2.06 -29.36
C ILE B 235 53.67 -1.27 -30.02
N GLN B 236 53.38 -0.04 -30.45
CA GLN B 236 54.40 0.80 -31.07
C GLN B 236 55.60 1.01 -30.15
N HIS B 237 55.37 1.11 -28.85
CA HIS B 237 56.44 1.35 -27.89
C HIS B 237 56.99 0.06 -27.31
N GLY B 238 56.76 -1.07 -27.97
CA GLY B 238 57.46 -2.30 -27.66
C GLY B 238 56.69 -3.32 -26.86
N TRP B 239 55.40 -3.13 -26.63
CA TRP B 239 54.61 -4.14 -25.93
C TRP B 239 54.29 -5.30 -26.86
N THR B 240 54.56 -6.51 -26.39
CA THR B 240 54.14 -7.71 -27.07
C THR B 240 52.65 -7.92 -26.80
N PRO B 241 51.79 -7.74 -27.79
CA PRO B 241 50.35 -7.81 -27.54
C PRO B 241 49.91 -9.22 -27.21
N GLY B 242 48.76 -9.32 -26.54
CA GLY B 242 48.06 -10.58 -26.40
C GLY B 242 47.12 -10.79 -27.58
N ASN B 243 46.21 -11.74 -27.40
CA ASN B 243 45.23 -12.00 -28.45
C ASN B 243 43.82 -12.20 -27.88
N GLY B 244 43.60 -11.90 -26.60
CA GLY B 244 42.31 -12.13 -25.99
C GLY B 244 41.42 -10.90 -26.02
N ARG B 245 40.27 -11.02 -25.37
CA ARG B 245 39.32 -9.92 -25.29
C ARG B 245 39.47 -9.11 -24.01
N PHE B 246 40.23 -9.60 -23.04
CA PHE B 246 40.35 -8.92 -21.75
C PHE B 246 41.81 -8.89 -21.32
N ASP B 247 42.70 -8.53 -22.26
CA ASP B 247 44.12 -8.38 -21.98
C ASP B 247 44.35 -7.01 -21.36
N VAL B 248 44.84 -7.00 -20.11
CA VAL B 248 45.08 -5.73 -19.44
C VAL B 248 46.28 -5.05 -20.09
N LEU B 249 46.11 -3.80 -20.45
CA LEU B 249 47.15 -3.07 -21.15
C LEU B 249 48.26 -2.65 -20.21
N PRO B 250 49.48 -2.56 -20.71
CA PRO B 250 50.53 -1.87 -19.95
C PRO B 250 50.25 -0.38 -19.88
N LEU B 251 50.93 0.26 -18.96
CA LEU B 251 50.88 1.71 -18.81
C LEU B 251 52.02 2.35 -19.59
N LEU B 252 51.68 3.39 -20.34
CA LEU B 252 52.67 4.25 -20.97
C LEU B 252 52.78 5.49 -20.10
N LEU B 253 53.91 5.62 -19.41
CA LEU B 253 54.11 6.68 -18.44
C LEU B 253 55.19 7.62 -18.96
N GLN B 254 54.87 8.90 -18.96
CA GLN B 254 55.77 9.90 -19.53
C GLN B 254 56.29 10.77 -18.41
N ALA B 255 57.60 10.74 -18.20
CA ALA B 255 58.26 11.69 -17.34
C ALA B 255 58.63 12.93 -18.15
N PRO B 256 58.84 14.07 -17.50
CA PRO B 256 59.12 15.31 -18.24
C PRO B 256 60.24 15.14 -19.26
N ASP B 257 59.96 15.59 -20.49
CA ASP B 257 60.96 15.69 -21.56
C ASP B 257 61.52 14.33 -21.93
N GLU B 258 60.71 13.29 -21.76
CA GLU B 258 61.12 11.92 -21.96
C GLU B 258 60.06 11.23 -22.81
N PRO B 259 60.45 10.35 -23.72
CA PRO B 259 59.45 9.50 -24.36
C PRO B 259 58.74 8.67 -23.32
N PRO B 260 57.50 8.24 -23.57
CA PRO B 260 56.81 7.40 -22.60
C PRO B 260 57.57 6.10 -22.38
N GLU B 261 57.37 5.52 -21.21
CA GLU B 261 58.00 4.27 -20.84
C GLU B 261 56.91 3.26 -20.48
N LEU B 262 57.08 2.05 -20.96
CA LEU B 262 56.09 0.98 -20.84
C LEU B 262 56.27 0.28 -19.50
N PHE B 263 55.17 0.12 -18.77
CA PHE B 263 55.17 -0.61 -17.50
C PHE B 263 54.04 -1.62 -17.47
N LEU B 264 54.36 -2.88 -17.14
CA LEU B 264 53.35 -3.92 -16.99
C LEU B 264 52.83 -3.93 -15.55
N LEU B 265 51.52 -3.87 -15.41
CA LEU B 265 50.93 -3.99 -14.08
C LEU B 265 51.04 -5.44 -13.62
N PRO B 266 51.52 -5.69 -12.40
CA PRO B 266 51.53 -7.06 -11.89
C PRO B 266 50.11 -7.61 -11.87
N PRO B 267 49.89 -8.79 -12.45
CA PRO B 267 48.51 -9.30 -12.52
C PRO B 267 47.82 -9.38 -11.18
N GLU B 268 48.55 -9.67 -10.09
CA GLU B 268 47.95 -9.69 -8.77
C GLU B 268 47.53 -8.31 -8.29
N LEU B 269 47.98 -7.25 -8.97
CA LEU B 269 47.54 -5.90 -8.62
C LEU B 269 46.21 -5.54 -9.26
N VAL B 270 45.87 -6.15 -10.39
CA VAL B 270 44.67 -5.77 -11.12
C VAL B 270 43.59 -6.78 -10.71
N LEU B 271 42.73 -6.36 -9.78
CA LEU B 271 41.63 -7.22 -9.35
C LEU B 271 40.56 -7.22 -10.43
N GLU B 272 40.14 -8.41 -10.85
CA GLU B 272 39.08 -8.53 -11.85
C GLU B 272 37.96 -9.40 -11.32
N VAL B 273 36.78 -9.24 -11.93
CA VAL B 273 35.57 -9.94 -11.53
C VAL B 273 35.06 -10.76 -12.70
N PRO B 274 35.09 -12.09 -12.65
CA PRO B 274 34.44 -12.87 -13.70
C PRO B 274 32.94 -12.67 -13.63
N LEU B 275 32.30 -12.53 -14.79
CA LEU B 275 30.88 -12.23 -14.81
C LEU B 275 30.07 -13.52 -14.93
N GLU B 276 29.14 -13.69 -14.01
CA GLU B 276 28.17 -14.76 -14.07
C GLU B 276 26.81 -14.17 -13.75
N HIS B 277 25.77 -14.95 -14.04
CA HIS B 277 24.44 -14.47 -13.74
C HIS B 277 23.80 -15.43 -12.75
N PRO B 278 23.09 -14.91 -11.74
CA PRO B 278 22.56 -15.80 -10.69
C PRO B 278 21.63 -16.88 -11.20
N THR B 279 20.93 -16.63 -12.28
CA THR B 279 20.02 -17.65 -12.80
C THR B 279 20.22 -17.96 -14.27
N LEU B 280 21.08 -17.28 -15.01
CA LEU B 280 21.32 -17.64 -16.41
C LEU B 280 22.67 -18.33 -16.43
N GLU B 281 22.66 -19.66 -16.27
CA GLU B 281 23.89 -20.38 -15.97
C GLU B 281 24.89 -20.29 -17.12
N TRP B 282 24.41 -20.19 -18.35
CA TRP B 282 25.28 -20.08 -19.52
C TRP B 282 26.01 -18.75 -19.57
N PHE B 283 25.51 -17.72 -18.88
CA PHE B 283 26.13 -16.41 -18.96
C PHE B 283 27.62 -16.48 -18.61
N ALA B 284 27.96 -17.29 -17.61
CA ALA B 284 29.36 -17.44 -17.20
C ALA B 284 30.24 -17.93 -18.36
N ALA B 285 29.71 -18.77 -19.26
CA ALA B 285 30.47 -19.32 -20.37
C ALA B 285 30.79 -18.29 -21.43
N LEU B 286 30.18 -17.11 -21.37
CA LEU B 286 30.60 -16.02 -22.23
C LEU B 286 32.04 -15.60 -21.96
N GLY B 287 32.61 -16.00 -20.82
CA GLY B 287 33.95 -15.60 -20.46
C GLY B 287 34.12 -14.12 -20.24
N LEU B 288 33.07 -13.41 -19.85
CA LEU B 288 33.16 -11.98 -19.64
C LEU B 288 33.77 -11.67 -18.27
N ARG B 289 34.53 -10.59 -18.22
CA ARG B 289 35.17 -10.11 -17.00
C ARG B 289 35.10 -8.59 -16.99
N TRP B 290 35.27 -7.99 -15.81
CA TRP B 290 35.60 -6.58 -15.72
C TRP B 290 36.49 -6.35 -14.51
N TYR B 291 37.15 -5.20 -14.48
CA TYR B 291 38.11 -4.95 -13.41
C TYR B 291 37.45 -4.18 -12.27
N ALA B 292 38.07 -4.25 -11.10
CA ALA B 292 37.45 -3.65 -9.92
C ALA B 292 37.52 -2.14 -9.96
N LEU B 293 38.64 -1.60 -10.45
CA LEU B 293 39.02 -0.23 -10.14
C LEU B 293 38.81 0.72 -11.31
N PRO B 294 37.82 1.63 -11.24
CA PRO B 294 37.72 2.68 -12.26
C PRO B 294 38.69 3.80 -11.90
N ALA B 295 39.77 3.94 -12.64
CA ALA B 295 40.83 4.87 -12.27
C ALA B 295 41.13 5.74 -13.48
N VAL B 296 40.58 6.94 -13.50
CA VAL B 296 40.76 7.84 -14.63
C VAL B 296 42.12 8.50 -14.53
N SER B 297 42.90 8.43 -15.60
CA SER B 297 44.29 8.85 -15.52
C SER B 297 44.70 9.86 -16.58
N ASN B 298 43.77 10.39 -17.36
CA ASN B 298 44.15 11.28 -18.45
C ASN B 298 43.60 12.69 -18.28
N MET B 299 42.99 13.01 -17.14
CA MET B 299 42.43 14.33 -16.92
C MET B 299 43.41 15.21 -16.17
N LEU B 300 43.25 16.51 -16.39
CA LEU B 300 44.11 17.49 -15.77
C LEU B 300 43.41 18.03 -14.52
N LEU B 301 44.14 18.06 -13.42
CA LEU B 301 43.63 18.61 -12.17
C LEU B 301 44.10 20.05 -12.06
N GLU B 302 43.16 20.96 -11.90
CA GLU B 302 43.46 22.39 -11.85
C GLU B 302 43.06 22.89 -10.48
N ILE B 303 44.03 23.44 -9.74
CA ILE B 303 43.80 23.95 -8.40
C ILE B 303 44.48 25.30 -8.31
N GLY B 304 43.69 26.36 -8.07
CA GLY B 304 44.27 27.68 -7.84
C GLY B 304 45.16 28.17 -8.97
N GLY B 305 44.76 27.90 -10.22
CA GLY B 305 45.58 28.23 -11.35
C GLY B 305 46.75 27.31 -11.59
N LEU B 306 47.05 26.37 -10.69
CA LEU B 306 48.07 25.37 -10.94
C LEU B 306 47.46 24.21 -11.69
N GLU B 307 48.25 23.60 -12.58
CA GLU B 307 47.79 22.50 -13.41
C GLU B 307 48.61 21.26 -13.10
N PHE B 308 47.90 20.16 -12.87
CA PHE B 308 48.51 18.85 -12.61
C PHE B 308 48.06 17.94 -13.74
N PRO B 309 48.86 17.81 -14.80
CA PRO B 309 48.43 16.99 -15.95
C PRO B 309 48.38 15.51 -15.65
N ALA B 310 49.02 15.05 -14.59
CA ALA B 310 48.99 13.65 -14.19
C ALA B 310 48.48 13.63 -12.76
N ALA B 311 47.27 13.15 -12.59
CA ALA B 311 46.67 13.10 -11.27
C ALA B 311 45.58 12.04 -11.32
N PRO B 312 45.94 10.76 -11.48
CA PRO B 312 44.92 9.72 -11.64
C PRO B 312 44.08 9.59 -10.39
N PHE B 313 42.78 9.44 -10.60
CA PHE B 313 41.86 9.30 -9.48
C PHE B 313 40.98 8.09 -9.71
N SER B 314 40.44 7.56 -8.61
CA SER B 314 39.67 6.34 -8.73
C SER B 314 38.63 6.29 -7.63
N GLY B 315 37.54 5.57 -7.90
CA GLY B 315 36.52 5.38 -6.90
C GLY B 315 36.08 3.94 -6.98
N TRP B 316 34.79 3.72 -7.22
CA TRP B 316 34.27 2.40 -7.50
C TRP B 316 33.19 2.53 -8.55
N TYR B 317 32.86 1.40 -9.16
CA TYR B 317 32.02 1.42 -10.33
C TYR B 317 30.56 1.58 -9.96
N MET B 318 29.83 2.31 -10.81
CA MET B 318 28.38 2.17 -10.91
C MET B 318 28.09 1.10 -11.96
N SER B 319 27.19 0.17 -11.63
CA SER B 319 27.05 -1.05 -12.43
C SER B 319 26.67 -0.78 -13.88
N THR B 320 25.93 0.30 -14.16
CA THR B 320 25.54 0.60 -15.53
C THR B 320 26.73 0.97 -16.41
N GLU B 321 27.81 1.50 -15.82
CA GLU B 321 28.99 1.77 -16.62
C GLU B 321 29.49 0.50 -17.28
N ILE B 322 29.47 -0.60 -16.51
CA ILE B 322 29.98 -1.86 -17.00
C ILE B 322 28.90 -2.60 -17.78
N GLY B 323 27.75 -2.81 -17.14
CA GLY B 323 26.72 -3.66 -17.73
C GLY B 323 26.03 -3.01 -18.92
N THR B 324 25.81 -1.70 -18.86
CA THR B 324 25.11 -1.08 -19.98
C THR B 324 26.09 -0.52 -21.01
N ARG B 325 27.00 0.35 -20.57
CA ARG B 325 27.86 1.02 -21.54
C ARG B 325 28.95 0.08 -22.05
N ASN B 326 29.77 -0.45 -21.15
CA ASN B 326 30.95 -1.20 -21.58
C ASN B 326 30.58 -2.49 -22.28
N LEU B 327 29.56 -3.19 -21.79
CA LEU B 327 29.21 -4.46 -22.41
C LEU B 327 28.18 -4.33 -23.52
N CYS B 328 27.27 -3.34 -23.46
CA CYS B 328 26.17 -3.31 -24.42
C CYS B 328 26.28 -2.22 -25.48
N ASP B 329 27.18 -1.25 -25.34
CA ASP B 329 27.35 -0.27 -26.41
C ASP B 329 27.70 -0.99 -27.71
N PRO B 330 27.09 -0.62 -28.84
CA PRO B 330 27.44 -1.27 -30.11
C PRO B 330 28.90 -1.12 -30.46
N HIS B 331 29.52 -0.03 -30.02
CA HIS B 331 30.92 0.24 -30.30
C HIS B 331 31.84 -0.16 -29.14
N ARG B 332 31.33 -0.89 -28.16
CA ARG B 332 32.17 -1.51 -27.13
C ARG B 332 32.07 -3.00 -27.27
N TYR B 333 31.90 -3.78 -26.19
CA TYR B 333 31.90 -5.23 -26.32
C TYR B 333 30.67 -5.74 -27.06
N ASN B 334 29.58 -4.96 -27.11
CA ASN B 334 28.46 -5.23 -28.03
C ASN B 334 27.87 -6.64 -27.86
N ILE B 335 27.57 -7.03 -26.62
CA ILE B 335 27.16 -8.41 -26.36
C ILE B 335 25.65 -8.58 -26.34
N LEU B 336 24.89 -7.51 -26.59
CA LEU B 336 23.47 -7.51 -26.26
C LEU B 336 22.71 -8.58 -27.04
N GLU B 337 22.97 -8.69 -28.33
CA GLU B 337 22.19 -9.63 -29.14
C GLU B 337 22.54 -11.07 -28.81
N ASP B 338 23.82 -11.35 -28.57
CA ASP B 338 24.21 -12.71 -28.22
C ASP B 338 23.60 -13.13 -26.89
N VAL B 339 23.50 -12.20 -25.95
CA VAL B 339 22.84 -12.50 -24.68
C VAL B 339 21.33 -12.66 -24.90
N ALA B 340 20.74 -11.80 -25.72
CA ALA B 340 19.31 -11.95 -25.98
C ALA B 340 19.00 -13.26 -26.69
N VAL B 341 19.84 -13.67 -27.64
CA VAL B 341 19.60 -14.96 -28.29
C VAL B 341 19.74 -16.10 -27.28
N CYS B 342 20.74 -16.04 -26.41
CA CYS B 342 20.91 -17.14 -25.45
C CYS B 342 19.78 -17.17 -24.42
N MET B 343 19.14 -16.03 -24.15
CA MET B 343 17.92 -15.96 -23.34
C MET B 343 16.68 -16.44 -24.10
N ASP B 344 16.93 -16.87 -25.34
CA ASP B 344 15.90 -17.20 -26.33
C ASP B 344 14.81 -16.14 -26.37
N LEU B 345 15.22 -14.88 -26.39
CA LEU B 345 14.27 -13.82 -26.70
C LEU B 345 14.07 -13.74 -28.20
N ASP B 346 12.96 -13.11 -28.61
CA ASP B 346 12.65 -12.94 -30.02
C ASP B 346 13.32 -11.66 -30.49
N THR B 347 14.44 -11.80 -31.20
CA THR B 347 15.23 -10.64 -31.60
C THR B 347 14.86 -10.13 -32.98
N ARG B 348 13.81 -10.67 -33.60
CA ARG B 348 13.45 -10.28 -34.97
C ARG B 348 12.59 -9.03 -35.03
N THR B 349 12.03 -8.58 -33.91
CA THR B 349 11.25 -7.36 -33.87
C THR B 349 11.62 -6.58 -32.61
N THR B 350 11.63 -5.25 -32.74
CA THR B 350 12.08 -4.43 -31.62
C THR B 350 11.06 -4.36 -30.49
N SER B 351 9.77 -4.58 -30.79
CA SER B 351 8.71 -4.32 -29.82
C SER B 351 8.57 -5.42 -28.76
N SER B 352 9.25 -6.56 -28.90
CA SER B 352 9.36 -7.49 -27.77
C SER B 352 10.25 -6.94 -26.66
N LEU B 353 10.97 -5.85 -26.92
CA LEU B 353 11.87 -5.24 -25.95
C LEU B 353 12.96 -6.21 -25.51
N TRP B 354 13.42 -7.02 -26.45
CA TRP B 354 14.50 -7.95 -26.16
C TRP B 354 15.79 -7.22 -25.78
N LYS B 355 16.08 -6.08 -26.42
CA LYS B 355 17.27 -5.33 -26.03
C LYS B 355 17.19 -4.91 -24.58
N ASP B 356 16.00 -4.42 -24.16
CA ASP B 356 15.81 -3.94 -22.80
C ASP B 356 15.97 -5.08 -21.80
N LYS B 357 15.36 -6.21 -22.11
CA LYS B 357 15.42 -7.36 -21.20
C LYS B 357 16.83 -7.90 -21.08
N ALA B 358 17.52 -8.06 -22.21
CA ALA B 358 18.89 -8.57 -22.15
C ALA B 358 19.78 -7.59 -21.39
N ALA B 359 19.62 -6.28 -21.62
CA ALA B 359 20.43 -5.29 -20.91
C ALA B 359 20.18 -5.34 -19.42
N VAL B 360 18.94 -5.49 -18.98
CA VAL B 360 18.72 -5.55 -17.53
C VAL B 360 19.44 -6.76 -16.95
N GLU B 361 19.39 -7.91 -17.64
CA GLU B 361 20.01 -9.11 -17.06
C GLU B 361 21.53 -9.02 -17.09
N ILE B 362 22.10 -8.33 -18.09
CA ILE B 362 23.53 -8.10 -18.07
C ILE B 362 23.91 -7.22 -16.89
N ASN B 363 23.08 -6.20 -16.59
CA ASN B 363 23.36 -5.38 -15.43
C ASN B 363 23.19 -6.17 -14.14
N VAL B 364 22.17 -7.04 -14.09
CA VAL B 364 22.03 -7.95 -12.96
C VAL B 364 23.30 -8.77 -12.79
N ALA B 365 23.81 -9.31 -13.89
CA ALA B 365 24.99 -10.17 -13.82
C ALA B 365 26.18 -9.40 -13.25
N VAL B 366 26.38 -8.15 -13.68
CA VAL B 366 27.49 -7.33 -13.15
C VAL B 366 27.33 -7.16 -11.64
N LEU B 367 26.13 -6.78 -11.21
CA LEU B 367 25.90 -6.52 -9.79
C LEU B 367 26.09 -7.78 -8.99
N HIS B 368 25.46 -8.87 -9.43
CA HIS B 368 25.64 -10.16 -8.78
C HIS B 368 27.11 -10.55 -8.73
N SER B 369 27.83 -10.38 -9.83
CA SER B 369 29.19 -10.89 -9.88
C SER B 369 30.11 -10.06 -9.00
N TYR B 370 29.90 -8.75 -8.95
CA TYR B 370 30.72 -7.92 -8.07
C TYR B 370 30.44 -8.22 -6.61
N GLN B 371 29.17 -8.42 -6.26
CA GLN B 371 28.84 -8.75 -4.87
C GLN B 371 29.42 -10.11 -4.49
N LEU B 372 29.32 -11.08 -5.40
CA LEU B 372 29.89 -12.41 -5.17
C LEU B 372 31.39 -12.35 -4.95
N ALA B 373 32.10 -11.57 -5.77
CA ALA B 373 33.54 -11.39 -5.63
C ALA B 373 33.90 -10.41 -4.52
N LYS B 374 32.89 -9.86 -3.83
CA LYS B 374 33.08 -8.91 -2.73
C LYS B 374 33.87 -7.69 -3.19
N VAL B 375 33.53 -7.18 -4.36
CA VAL B 375 34.12 -5.96 -4.89
C VAL B 375 33.05 -4.88 -4.85
N THR B 376 33.39 -3.73 -4.25
CA THR B 376 32.44 -2.63 -4.13
C THR B 376 31.83 -2.27 -5.47
N ILE B 377 30.50 -2.15 -5.49
CA ILE B 377 29.80 -1.65 -6.68
C ILE B 377 28.50 -1.04 -6.22
N VAL B 378 28.00 -0.06 -6.97
CA VAL B 378 26.75 0.60 -6.61
C VAL B 378 25.82 0.52 -7.80
N ASP B 379 24.56 0.15 -7.55
CA ASP B 379 23.65 0.15 -8.68
C ASP B 379 23.17 1.56 -8.96
N HIS B 380 22.52 1.75 -10.11
CA HIS B 380 22.17 3.10 -10.54
C HIS B 380 21.01 3.67 -9.73
N HIS B 381 20.19 2.83 -9.10
CA HIS B 381 19.15 3.35 -8.22
C HIS B 381 19.76 3.93 -6.95
N ALA B 382 20.63 3.15 -6.32
CA ALA B 382 21.28 3.63 -5.11
C ALA B 382 22.13 4.86 -5.41
N ALA B 383 22.86 4.81 -6.52
CA ALA B 383 23.77 5.92 -6.85
C ALA B 383 23.00 7.21 -7.10
N THR B 384 21.92 7.14 -7.88
CA THR B 384 21.17 8.36 -8.15
C THR B 384 20.42 8.84 -6.92
N ALA B 385 19.94 7.93 -6.07
CA ALA B 385 19.32 8.38 -4.82
C ALA B 385 20.34 9.15 -3.99
N SER B 386 21.56 8.65 -3.93
CA SER B 386 22.54 9.35 -3.11
C SER B 386 22.93 10.67 -3.75
N PHE B 387 22.93 10.74 -5.09
CA PHE B 387 23.19 12.02 -5.74
C PHE B 387 22.11 13.04 -5.41
N MET B 388 20.85 12.62 -5.27
CA MET B 388 19.82 13.55 -4.84
C MET B 388 20.11 14.08 -3.44
N LYS B 389 20.59 13.22 -2.54
CA LYS B 389 21.01 13.69 -1.23
C LYS B 389 22.15 14.68 -1.37
N HIS B 390 23.10 14.37 -2.26
CA HIS B 390 24.20 15.29 -2.51
C HIS B 390 23.69 16.65 -2.97
N LEU B 391 22.74 16.66 -3.93
CA LEU B 391 22.18 17.92 -4.39
C LEU B 391 21.60 18.71 -3.23
N GLU B 392 20.84 18.05 -2.36
CA GLU B 392 20.26 18.70 -1.20
C GLU B 392 21.33 19.25 -0.27
N ASN B 393 22.38 18.44 -0.02
CA ASN B 393 23.48 18.89 0.82
C ASN B 393 24.16 20.12 0.23
N GLU B 394 24.34 20.10 -1.09
CA GLU B 394 25.06 21.19 -1.76
C GLU B 394 24.22 22.45 -1.86
N GLN B 395 22.89 22.31 -1.97
CA GLN B 395 22.05 23.49 -1.95
C GLN B 395 22.23 24.24 -0.63
N LYS B 396 22.28 23.51 0.47
CA LYS B 396 22.47 24.13 1.77
C LYS B 396 23.90 24.64 1.93
N ALA B 397 24.89 23.87 1.46
CA ALA B 397 26.28 24.26 1.69
C ALA B 397 26.71 25.40 0.76
N ARG B 398 26.28 25.38 -0.50
CA ARG B 398 26.84 26.32 -1.47
C ARG B 398 25.78 27.02 -2.32
N GLY B 399 24.50 26.71 -2.13
CA GLY B 399 23.46 27.34 -2.91
C GLY B 399 23.38 26.83 -4.33
N GLY B 400 23.78 25.58 -4.58
CA GLY B 400 23.70 25.02 -5.90
C GLY B 400 24.70 23.89 -6.05
N CYS B 401 24.66 23.30 -7.24
CA CYS B 401 25.51 22.17 -7.56
C CYS B 401 25.60 22.03 -9.06
N PRO B 402 26.78 22.18 -9.66
CA PRO B 402 26.89 22.00 -11.10
C PRO B 402 26.68 20.53 -11.45
N ALA B 403 25.80 20.28 -12.40
CA ALA B 403 25.45 18.92 -12.72
C ALA B 403 25.07 18.86 -14.19
N ASP B 404 25.59 17.86 -14.87
CA ASP B 404 25.39 17.64 -16.30
C ASP B 404 24.31 16.58 -16.43
N TRP B 405 23.08 17.00 -16.72
CA TRP B 405 21.94 16.09 -16.68
C TRP B 405 22.21 14.83 -17.52
N ALA B 406 22.71 15.00 -18.73
CA ALA B 406 22.88 13.87 -19.65
C ALA B 406 23.86 12.83 -19.10
N TRP B 407 24.82 13.25 -18.28
CA TRP B 407 25.77 12.30 -17.70
C TRP B 407 25.30 11.74 -16.38
N ILE B 408 24.49 12.50 -15.65
CA ILE B 408 24.02 12.06 -14.33
C ILE B 408 22.95 10.98 -14.48
N VAL B 409 22.02 11.17 -15.42
CA VAL B 409 20.92 10.22 -15.62
C VAL B 409 21.49 8.94 -16.20
N PRO B 410 21.25 7.78 -15.59
CA PRO B 410 21.91 6.55 -16.05
C PRO B 410 21.43 6.13 -17.42
N PRO B 411 22.20 5.29 -18.10
CA PRO B 411 21.91 4.95 -19.50
C PRO B 411 20.87 3.86 -19.68
N ILE B 412 20.37 3.26 -18.59
CA ILE B 412 19.14 2.46 -18.61
C ILE B 412 18.26 3.01 -17.51
N SER B 413 16.95 2.83 -17.69
CA SER B 413 15.97 3.10 -16.64
C SER B 413 16.03 4.54 -16.16
N GLY B 414 16.35 5.44 -17.06
CA GLY B 414 16.53 6.83 -16.73
C GLY B 414 15.45 7.40 -15.83
N SER B 415 14.19 7.36 -16.28
CA SER B 415 13.14 8.00 -15.50
C SER B 415 12.70 7.17 -14.30
N LEU B 416 13.22 5.94 -14.16
CA LEU B 416 12.99 5.21 -12.90
C LEU B 416 13.89 5.73 -11.79
N THR B 417 14.86 6.63 -12.13
CA THR B 417 15.74 7.21 -11.13
C THR B 417 15.34 8.65 -10.83
N PRO B 418 15.53 9.11 -9.59
CA PRO B 418 15.06 10.45 -9.22
C PRO B 418 15.76 11.57 -9.98
N VAL B 419 16.98 11.33 -10.47
CA VAL B 419 17.72 12.42 -11.10
C VAL B 419 17.11 12.80 -12.44
N PHE B 420 16.39 11.88 -13.08
CA PHE B 420 15.76 12.21 -14.35
C PHE B 420 14.77 13.35 -14.19
N HIS B 421 14.09 13.40 -13.06
CA HIS B 421 13.04 14.37 -12.84
C HIS B 421 13.59 15.64 -12.21
N GLN B 422 14.89 15.71 -12.05
CA GLN B 422 15.53 16.84 -11.41
C GLN B 422 16.13 17.75 -12.48
N GLU B 423 15.69 18.99 -12.55
CA GLU B 423 16.36 19.95 -13.43
C GLU B 423 17.74 20.24 -12.87
N MET B 424 18.71 20.43 -13.76
CA MET B 424 20.07 20.62 -13.33
C MET B 424 20.66 21.81 -14.07
N VAL B 425 21.63 22.46 -13.42
CA VAL B 425 22.37 23.56 -14.01
C VAL B 425 23.81 23.11 -14.17
N ASN B 426 24.34 23.23 -15.39
CA ASN B 426 25.71 22.84 -15.68
C ASN B 426 26.57 24.08 -15.81
N TYR B 427 27.68 24.08 -15.08
CA TYR B 427 28.61 25.20 -15.13
C TYR B 427 29.94 24.75 -14.53
N PHE B 428 30.97 25.54 -14.77
CA PHE B 428 32.35 25.15 -14.46
C PHE B 428 32.84 25.93 -13.25
N LEU B 429 33.11 25.21 -12.17
CA LEU B 429 33.79 25.78 -11.02
C LEU B 429 35.20 25.21 -10.98
N SER B 430 36.07 25.95 -10.31
CA SER B 430 37.42 25.51 -10.03
C SER B 430 37.61 25.48 -8.52
N PRO B 431 38.40 24.55 -7.96
CA PRO B 431 39.18 23.45 -8.56
C PRO B 431 38.39 22.53 -9.48
N ALA B 432 39.07 21.93 -10.45
CA ALA B 432 38.37 21.17 -11.47
C ALA B 432 39.24 20.06 -12.02
N PHE B 433 38.59 18.99 -12.44
CA PHE B 433 39.16 18.05 -13.39
C PHE B 433 38.75 18.48 -14.79
N ARG B 434 39.73 18.55 -15.67
CA ARG B 434 39.51 19.06 -17.01
C ARG B 434 40.02 18.04 -18.01
N TYR B 435 39.41 18.04 -19.18
CA TYR B 435 39.99 17.34 -20.31
C TYR B 435 41.27 18.02 -20.74
N GLN B 436 42.16 17.24 -21.35
CA GLN B 436 43.38 17.79 -21.89
C GLN B 436 43.74 16.99 -23.13
N PRO B 437 44.54 17.55 -24.03
CA PRO B 437 44.93 16.81 -25.24
C PRO B 437 45.77 15.59 -24.89
N ASP B 438 45.66 14.56 -25.72
CA ASP B 438 46.53 13.41 -25.58
C ASP B 438 47.96 13.83 -25.91
N PRO B 439 48.95 13.36 -25.17
CA PRO B 439 50.31 13.87 -25.34
C PRO B 439 51.06 13.29 -26.53
N TRP B 440 50.40 12.60 -27.44
CA TRP B 440 51.08 12.11 -28.62
C TRP B 440 50.65 12.86 -29.87
N LYS C 27 -25.34 -36.26 27.53
CA LYS C 27 -25.23 -35.67 28.86
C LYS C 27 -23.92 -34.91 29.02
N PHE C 28 -22.89 -35.31 28.26
CA PHE C 28 -21.67 -34.52 28.17
C PHE C 28 -21.70 -33.72 26.88
N PRO C 29 -21.60 -32.39 26.94
CA PRO C 29 -21.74 -31.59 25.71
C PRO C 29 -20.62 -31.87 24.73
N ARG C 30 -21.00 -32.02 23.47
CA ARG C 30 -20.04 -32.13 22.38
C ARG C 30 -19.54 -30.75 22.00
N VAL C 31 -18.23 -30.59 21.91
CA VAL C 31 -17.60 -29.29 21.71
C VAL C 31 -16.70 -29.36 20.48
N LYS C 32 -16.99 -28.55 19.48
CA LYS C 32 -16.29 -28.63 18.21
C LYS C 32 -15.47 -27.38 17.95
N ASN C 33 -14.28 -27.57 17.40
CA ASN C 33 -13.50 -26.49 16.83
C ASN C 33 -13.77 -26.50 15.33
N TRP C 34 -14.29 -25.39 14.81
CA TRP C 34 -14.74 -25.35 13.43
C TRP C 34 -13.62 -25.04 12.45
N GLU C 35 -12.47 -24.59 12.93
CA GLU C 35 -11.34 -24.36 12.06
C GLU C 35 -10.58 -25.65 11.75
N VAL C 36 -10.42 -26.50 12.77
CA VAL C 36 -9.71 -27.77 12.63
C VAL C 36 -10.67 -28.95 12.49
N GLY C 37 -11.90 -28.83 12.96
CA GLY C 37 -12.83 -29.93 12.93
C GLY C 37 -12.69 -30.90 14.07
N SER C 38 -11.89 -30.56 15.09
CA SER C 38 -11.67 -31.47 16.21
C SER C 38 -12.82 -31.38 17.21
N ILE C 39 -13.10 -32.50 17.85
CA ILE C 39 -14.24 -32.68 18.75
C ILE C 39 -13.70 -33.10 20.11
N THR C 40 -14.17 -32.43 21.17
CA THR C 40 -13.97 -32.88 22.54
C THR C 40 -15.32 -32.98 23.23
N TYR C 41 -15.35 -33.66 24.37
CA TYR C 41 -16.53 -33.71 25.21
C TYR C 41 -16.20 -33.08 26.56
N ASP C 42 -17.03 -32.14 26.99
CA ASP C 42 -16.77 -31.46 28.26
C ASP C 42 -17.40 -32.28 29.38
N THR C 43 -16.59 -33.14 29.99
CA THR C 43 -17.08 -33.91 31.12
C THR C 43 -17.00 -33.12 32.42
N LEU C 44 -16.21 -32.03 32.43
CA LEU C 44 -16.06 -31.25 33.65
C LEU C 44 -17.35 -30.49 33.99
N SER C 45 -18.14 -30.12 32.98
CA SER C 45 -19.35 -29.35 33.24
C SER C 45 -20.34 -30.12 34.10
N ALA C 46 -20.23 -31.45 34.15
CA ALA C 46 -21.11 -32.22 35.03
C ALA C 46 -20.83 -31.95 36.50
N GLN C 47 -19.72 -31.30 36.83
CA GLN C 47 -19.39 -30.91 38.20
C GLN C 47 -19.82 -29.49 38.53
N ALA C 48 -20.53 -28.82 37.64
CA ALA C 48 -20.92 -27.43 37.88
C ALA C 48 -21.76 -27.30 39.13
N GLN C 49 -21.26 -26.54 40.11
CA GLN C 49 -22.03 -26.28 41.33
C GLN C 49 -23.15 -25.29 41.05
N GLN C 50 -22.84 -23.99 41.01
CA GLN C 50 -23.89 -22.99 40.93
C GLN C 50 -24.57 -23.06 39.57
N ASP C 51 -25.82 -22.63 39.54
CA ASP C 51 -26.59 -22.60 38.32
C ASP C 51 -26.40 -21.27 37.62
N GLY C 52 -26.29 -21.32 36.31
CA GLY C 52 -26.19 -20.12 35.52
C GLY C 52 -27.57 -19.60 35.15
N PRO C 53 -27.59 -18.59 34.29
CA PRO C 53 -28.85 -17.90 34.00
C PRO C 53 -29.67 -18.51 32.86
N CYS C 54 -29.14 -19.49 32.14
CA CYS C 54 -29.85 -20.02 30.99
C CYS C 54 -30.83 -21.12 31.41
N THR C 55 -31.80 -21.37 30.53
CA THR C 55 -32.77 -22.46 30.66
C THR C 55 -32.98 -23.04 29.28
N PRO C 56 -33.57 -24.23 29.15
CA PRO C 56 -33.89 -24.73 27.81
C PRO C 56 -34.75 -23.77 27.00
N ARG C 57 -35.53 -22.91 27.65
CA ARG C 57 -36.38 -21.97 26.93
C ARG C 57 -35.61 -20.76 26.38
N ARG C 58 -34.56 -20.32 27.05
CA ARG C 58 -33.90 -19.10 26.58
C ARG C 58 -32.49 -19.03 27.11
N CYS C 59 -31.57 -18.66 26.23
CA CYS C 59 -30.18 -18.48 26.58
C CYS C 59 -29.94 -17.03 26.98
N LEU C 60 -29.34 -16.84 28.15
CA LEU C 60 -28.93 -15.52 28.62
C LEU C 60 -27.41 -15.41 28.68
N GLY C 61 -26.72 -16.17 27.82
CA GLY C 61 -25.28 -16.18 27.81
C GLY C 61 -24.65 -14.82 27.56
N SER C 62 -25.36 -13.91 26.90
CA SER C 62 -24.79 -12.62 26.58
C SER C 62 -24.96 -11.58 27.68
N LEU C 63 -25.70 -11.90 28.74
CA LEU C 63 -25.93 -10.93 29.81
C LEU C 63 -24.69 -10.80 30.68
N VAL C 64 -24.35 -9.57 31.07
CA VAL C 64 -23.14 -9.34 31.84
C VAL C 64 -23.31 -9.83 33.28
N PHE C 65 -24.42 -9.45 33.92
CA PHE C 65 -24.60 -9.74 35.32
C PHE C 65 -25.79 -10.68 35.56
N PRO C 66 -25.79 -11.45 36.66
CA PRO C 66 -26.94 -12.28 36.99
C PRO C 66 -28.16 -11.45 37.36
N GLU C 81 -24.91 -24.63 58.37
CA GLU C 81 -23.87 -25.65 58.33
C GLU C 81 -23.74 -26.32 56.96
N GLN C 82 -24.44 -25.79 55.95
CA GLN C 82 -24.16 -26.16 54.56
C GLN C 82 -22.73 -25.83 54.17
N LEU C 83 -22.07 -24.99 54.96
CA LEU C 83 -20.65 -24.72 54.83
C LEU C 83 -19.84 -26.02 54.73
N LEU C 84 -20.21 -27.00 55.55
CA LEU C 84 -19.43 -28.23 55.64
C LEU C 84 -19.41 -28.99 54.32
N SER C 85 -20.52 -28.97 53.58
CA SER C 85 -20.57 -29.64 52.29
CA SER C 85 -20.56 -29.65 52.29
C SER C 85 -19.59 -29.01 51.31
N GLN C 86 -19.55 -27.68 51.25
CA GLN C 86 -18.62 -27.01 50.36
C GLN C 86 -17.18 -27.14 50.86
N ALA C 87 -17.00 -27.16 52.19
CA ALA C 87 -15.65 -27.32 52.73
C ALA C 87 -15.12 -28.71 52.42
N ARG C 88 -15.94 -29.74 52.64
CA ARG C 88 -15.51 -31.10 52.34
C ARG C 88 -15.21 -31.26 50.86
N ASP C 89 -16.07 -30.72 49.99
CA ASP C 89 -15.81 -30.80 48.57
C ASP C 89 -14.50 -30.11 48.20
N PHE C 90 -14.22 -28.97 48.83
CA PHE C 90 -12.98 -28.27 48.53
C PHE C 90 -11.76 -29.05 49.02
N ILE C 91 -11.79 -29.52 50.27
CA ILE C 91 -10.67 -30.31 50.77
C ILE C 91 -10.45 -31.53 49.89
N ASN C 92 -11.54 -32.21 49.50
CA ASN C 92 -11.41 -33.35 48.60
C ASN C 92 -10.75 -32.94 47.29
N GLN C 93 -11.21 -31.84 46.69
CA GLN C 93 -10.57 -31.31 45.49
C GLN C 93 -9.08 -31.13 45.69
N TYR C 94 -8.73 -30.45 46.78
CA TYR C 94 -7.32 -30.16 47.02
C TYR C 94 -6.51 -31.45 47.14
N TYR C 95 -6.98 -32.38 47.97
CA TYR C 95 -6.16 -33.57 48.20
C TYR C 95 -6.10 -34.46 46.98
N SER C 96 -7.15 -34.48 46.16
CA SER C 96 -7.05 -35.13 44.85
C SER C 96 -5.98 -34.47 44.00
N SER C 97 -5.91 -33.14 44.03
CA SER C 97 -5.00 -32.45 43.13
C SER C 97 -3.55 -32.70 43.48
N ILE C 98 -3.27 -33.00 44.74
CA ILE C 98 -1.91 -33.26 45.16
C ILE C 98 -1.67 -34.76 45.33
N LYS C 99 -2.56 -35.59 44.78
CA LYS C 99 -2.45 -37.05 44.77
C LYS C 99 -2.40 -37.63 46.18
N ARG C 100 -3.18 -37.05 47.08
CA ARG C 100 -3.23 -37.53 48.45
C ARG C 100 -4.65 -37.88 48.90
N SER C 101 -5.56 -38.12 47.96
CA SER C 101 -6.92 -38.55 48.33
C SER C 101 -6.88 -39.83 49.14
N GLY C 102 -7.63 -39.82 50.24
CA GLY C 102 -7.76 -40.99 51.10
C GLY C 102 -6.60 -41.25 52.02
N SER C 103 -5.61 -40.36 52.09
CA SER C 103 -4.48 -40.58 52.96
C SER C 103 -4.78 -40.06 54.36
N GLN C 104 -3.85 -40.33 55.28
CA GLN C 104 -4.01 -39.87 56.66
C GLN C 104 -4.14 -38.35 56.71
N ALA C 105 -3.30 -37.65 55.93
CA ALA C 105 -3.36 -36.19 55.91
C ALA C 105 -4.71 -35.70 55.41
N HIS C 106 -5.25 -36.35 54.38
CA HIS C 106 -6.57 -36.02 53.87
C HIS C 106 -7.64 -36.20 54.95
N GLU C 107 -7.67 -37.38 55.57
CA GLU C 107 -8.63 -37.63 56.65
C GLU C 107 -8.42 -36.68 57.81
N GLN C 108 -7.16 -36.43 58.18
CA GLN C 108 -6.86 -35.54 59.30
C GLN C 108 -7.34 -34.12 59.02
N ARG C 109 -7.23 -33.68 57.76
CA ARG C 109 -7.67 -32.33 57.45
C ARG C 109 -9.19 -32.26 57.46
N LEU C 110 -9.87 -33.27 56.91
CA LEU C 110 -11.32 -33.30 56.97
C LEU C 110 -11.82 -33.23 58.41
N GLN C 111 -11.20 -34.00 59.31
CA GLN C 111 -11.61 -33.95 60.72
C GLN C 111 -11.40 -32.56 61.31
N GLU C 112 -10.28 -31.91 60.95
CA GLU C 112 -10.00 -30.58 61.50
C GLU C 112 -11.07 -29.57 61.11
N VAL C 113 -11.50 -29.56 59.83
CA VAL C 113 -12.46 -28.56 59.41
C VAL C 113 -13.83 -28.83 60.02
N GLU C 114 -14.20 -30.11 60.16
CA GLU C 114 -15.43 -30.45 60.87
C GLU C 114 -15.37 -29.96 62.32
N ALA C 115 -14.25 -30.21 63.00
CA ALA C 115 -14.10 -29.75 64.37
C ALA C 115 -14.18 -28.23 64.46
N GLU C 116 -13.52 -27.53 63.54
CA GLU C 116 -13.54 -26.07 63.55
C GLU C 116 -14.96 -25.54 63.37
N VAL C 117 -15.68 -26.08 62.39
CA VAL C 117 -17.03 -25.59 62.12
C VAL C 117 -17.94 -25.90 63.30
N ALA C 118 -17.77 -27.08 63.91
CA ALA C 118 -18.57 -27.43 65.08
C ALA C 118 -18.31 -26.48 66.23
N ALA C 119 -17.06 -26.03 66.39
CA ALA C 119 -16.69 -25.14 67.48
C ALA C 119 -16.93 -23.67 67.18
N THR C 120 -16.76 -23.25 65.91
CA THR C 120 -16.73 -21.85 65.58
C THR C 120 -17.73 -21.43 64.51
N GLY C 121 -18.47 -22.36 63.92
CA GLY C 121 -19.34 -22.04 62.81
C GLY C 121 -18.63 -21.76 61.49
N THR C 122 -17.30 -21.76 61.48
CA THR C 122 -16.53 -21.52 60.26
C THR C 122 -15.23 -22.30 60.39
N TYR C 123 -14.33 -22.09 59.43
CA TYR C 123 -13.02 -22.70 59.55
C TYR C 123 -12.01 -21.82 58.84
N GLN C 124 -10.74 -22.16 59.01
CA GLN C 124 -9.66 -21.38 58.43
C GLN C 124 -8.89 -22.26 57.46
N LEU C 125 -8.56 -21.70 56.30
CA LEU C 125 -7.73 -22.43 55.35
C LEU C 125 -6.30 -22.45 55.83
N ARG C 126 -5.63 -23.59 55.62
CA ARG C 126 -4.18 -23.56 55.68
C ARG C 126 -3.66 -22.70 54.53
N GLU C 127 -2.42 -22.20 54.69
CA GLU C 127 -1.83 -21.34 53.65
C GLU C 127 -1.79 -22.03 52.30
N SER C 128 -1.46 -23.32 52.27
CA SER C 128 -1.39 -24.06 51.02
C SER C 128 -2.75 -24.14 50.34
N GLU C 129 -3.80 -24.39 51.14
CA GLU C 129 -5.16 -24.43 50.61
C GLU C 129 -5.58 -23.07 50.05
N LEU C 130 -5.22 -21.99 50.74
CA LEU C 130 -5.52 -20.65 50.24
C LEU C 130 -4.90 -20.42 48.87
N VAL C 131 -3.63 -20.81 48.72
CA VAL C 131 -2.95 -20.64 47.45
C VAL C 131 -3.62 -21.48 46.38
N PHE C 132 -3.89 -22.74 46.71
CA PHE C 132 -4.61 -23.61 45.77
C PHE C 132 -5.95 -23.00 45.41
N GLY C 133 -6.70 -22.53 46.41
CA GLY C 133 -8.01 -21.97 46.16
C GLY C 133 -7.98 -20.76 45.23
N ALA C 134 -7.03 -19.85 45.47
CA ALA C 134 -6.95 -18.65 44.63
C ALA C 134 -6.61 -19.02 43.20
N LYS C 135 -5.64 -19.93 43.02
CA LYS C 135 -5.28 -20.36 41.66
C LYS C 135 -6.45 -21.06 40.99
N GLN C 136 -7.18 -21.88 41.74
CA GLN C 136 -8.34 -22.57 41.18
C GLN C 136 -9.43 -21.57 40.79
N ALA C 137 -9.65 -20.55 41.61
CA ALA C 137 -10.67 -19.57 41.26
C ALA C 137 -10.35 -18.89 39.94
N TRP C 138 -9.07 -18.56 39.74
CA TRP C 138 -8.61 -17.99 38.49
C TRP C 138 -8.82 -18.99 37.36
N ARG C 139 -8.28 -20.20 37.54
CA ARG C 139 -8.44 -21.28 36.57
C ARG C 139 -9.90 -21.46 36.17
N ASN C 140 -10.82 -21.30 37.12
CA ASN C 140 -12.24 -21.54 36.89
C ASN C 140 -12.96 -20.34 36.29
N ALA C 141 -12.32 -19.18 36.18
CA ALA C 141 -13.02 -17.97 35.73
C ALA C 141 -13.36 -18.04 34.25
N PRO C 142 -14.64 -18.15 33.87
CA PRO C 142 -14.95 -18.43 32.46
C PRO C 142 -14.62 -17.29 31.53
N ARG C 143 -14.61 -16.05 32.02
CA ARG C 143 -14.44 -14.85 31.21
C ARG C 143 -12.99 -14.42 31.07
N CYS C 144 -12.04 -15.17 31.64
CA CYS C 144 -10.63 -14.79 31.60
C CYS C 144 -9.93 -15.53 30.48
N VAL C 145 -9.50 -14.78 29.44
CA VAL C 145 -8.67 -15.37 28.39
C VAL C 145 -7.23 -15.60 28.81
N GLY C 146 -6.80 -15.08 29.96
CA GLY C 146 -5.42 -15.21 30.37
C GLY C 146 -5.07 -16.45 31.18
N ARG C 147 -5.96 -17.44 31.23
CA ARG C 147 -5.81 -18.54 32.19
C ARG C 147 -4.67 -19.51 31.85
N ILE C 148 -4.00 -19.38 30.70
CA ILE C 148 -2.78 -20.19 30.52
C ILE C 148 -1.81 -19.94 31.66
N GLN C 149 -1.90 -18.79 32.31
CA GLN C 149 -1.00 -18.37 33.37
C GLN C 149 -1.41 -18.85 34.76
N TRP C 150 -2.53 -19.59 34.88
CA TRP C 150 -3.17 -19.74 36.20
C TRP C 150 -2.26 -20.40 37.23
N GLY C 151 -1.33 -21.23 36.80
CA GLY C 151 -0.43 -21.84 37.75
C GLY C 151 0.63 -20.91 38.30
N LYS C 152 0.75 -19.70 37.76
CA LYS C 152 1.79 -18.76 38.19
C LYS C 152 1.06 -17.58 38.80
N LEU C 153 0.92 -17.60 40.12
CA LEU C 153 0.17 -16.59 40.83
C LEU C 153 0.80 -16.42 42.19
N GLN C 154 1.17 -15.18 42.52
CA GLN C 154 1.68 -14.86 43.84
C GLN C 154 0.50 -14.53 44.74
N VAL C 155 0.41 -15.23 45.86
CA VAL C 155 -0.72 -15.08 46.78
C VAL C 155 -0.22 -14.43 48.04
N PHE C 156 -0.65 -13.19 48.28
CA PHE C 156 -0.30 -12.52 49.52
C PHE C 156 -1.42 -12.78 50.52
N ASP C 157 -1.05 -13.33 51.67
CA ASP C 157 -1.99 -13.70 52.72
C ASP C 157 -2.14 -12.50 53.65
N ALA C 158 -3.22 -11.74 53.47
CA ALA C 158 -3.50 -10.60 54.33
C ALA C 158 -4.65 -10.90 55.29
N ARG C 159 -4.81 -12.17 55.65
CA ARG C 159 -5.94 -12.54 56.50
C ARG C 159 -5.76 -12.08 57.93
N ASP C 160 -4.55 -11.68 58.32
CA ASP C 160 -4.35 -11.08 59.63
C ASP C 160 -4.72 -9.60 59.65
N CYS C 161 -5.25 -9.07 58.55
CA CYS C 161 -5.43 -7.63 58.41
C CYS C 161 -6.46 -7.11 59.40
N ARG C 162 -6.12 -5.98 60.03
CA ARG C 162 -7.05 -5.22 60.83
C ARG C 162 -6.76 -3.75 60.54
N SER C 163 -7.79 -3.01 60.14
CA SER C 163 -7.78 -1.58 59.81
C SER C 163 -7.51 -1.31 58.33
N ALA C 164 -8.17 -0.27 57.82
CA ALA C 164 -7.98 0.14 56.44
C ALA C 164 -6.56 0.63 56.19
N GLN C 165 -5.90 1.18 57.21
CA GLN C 165 -4.50 1.57 57.06
C GLN C 165 -3.64 0.36 56.74
N GLU C 166 -3.88 -0.75 57.42
CA GLU C 166 -3.15 -1.98 57.10
C GLU C 166 -3.55 -2.51 55.74
N MET C 167 -4.84 -2.43 55.41
CA MET C 167 -5.31 -2.75 54.06
C MET C 167 -4.49 -2.01 53.01
N PHE C 168 -4.33 -0.70 53.19
CA PHE C 168 -3.60 0.12 52.23
C PHE C 168 -2.17 -0.35 52.10
N THR C 169 -1.52 -0.69 53.22
CA THR C 169 -0.14 -1.15 53.15
C THR C 169 -0.05 -2.42 52.32
N TYR C 170 -0.94 -3.39 52.58
CA TYR C 170 -0.96 -4.62 51.79
C TYR C 170 -1.17 -4.33 50.31
N ILE C 171 -2.08 -3.39 50.01
CA ILE C 171 -2.38 -3.05 48.63
C ILE C 171 -1.18 -2.41 47.96
N CYS C 172 -0.47 -1.53 48.68
CA CYS C 172 0.70 -0.90 48.08
C CYS C 172 1.80 -1.92 47.83
N ASN C 173 1.97 -2.88 48.73
CA ASN C 173 2.95 -3.93 48.51
C ASN C 173 2.56 -4.82 47.33
N HIS C 174 1.25 -5.10 47.20
CA HIS C 174 0.77 -5.85 46.04
C HIS C 174 1.11 -5.11 44.75
N ILE C 175 0.75 -3.83 44.69
CA ILE C 175 0.99 -3.05 43.48
C ILE C 175 2.48 -3.01 43.16
N LYS C 176 3.32 -2.78 44.18
CA LYS C 176 4.76 -2.78 43.96
C LYS C 176 5.23 -4.13 43.44
N TYR C 177 4.84 -5.21 44.11
CA TYR C 177 5.26 -6.54 43.66
C TYR C 177 4.78 -6.81 42.24
N ALA C 178 3.49 -6.55 41.99
CA ALA C 178 2.89 -6.96 40.73
C ALA C 178 3.39 -6.09 39.58
N THR C 179 3.62 -4.80 39.84
CA THR C 179 4.10 -3.92 38.80
C THR C 179 5.54 -4.25 38.45
N ASN C 180 6.42 -4.37 39.46
CA ASN C 180 7.76 -4.88 39.25
C ASN C 180 8.48 -4.11 38.14
N ARG C 181 8.35 -2.78 38.21
CA ARG C 181 8.99 -1.88 37.24
C ARG C 181 8.60 -2.18 35.80
N GLY C 182 7.40 -2.69 35.57
CA GLY C 182 6.93 -2.99 34.23
C GLY C 182 7.00 -4.45 33.84
N ASN C 183 7.78 -5.26 34.54
CA ASN C 183 7.80 -6.70 34.28
C ASN C 183 6.72 -7.34 35.16
N LEU C 184 5.47 -7.22 34.70
CA LEU C 184 4.32 -7.45 35.57
C LEU C 184 4.25 -8.90 36.03
N ARG C 185 3.80 -9.09 37.27
CA ARG C 185 3.69 -10.42 37.88
C ARG C 185 2.29 -10.56 38.45
N SER C 186 1.61 -11.65 38.09
CA SER C 186 0.25 -11.84 38.54
C SER C 186 0.25 -12.06 40.06
N ALA C 187 -0.72 -11.45 40.74
CA ALA C 187 -0.73 -11.51 42.19
C ALA C 187 -2.15 -11.34 42.70
N ILE C 188 -2.38 -11.88 43.89
CA ILE C 188 -3.65 -11.69 44.58
C ILE C 188 -3.32 -11.45 46.05
N THR C 189 -4.04 -10.52 46.66
CA THR C 189 -3.93 -10.30 48.09
C THR C 189 -5.28 -10.66 48.69
N VAL C 190 -5.27 -11.55 49.68
CA VAL C 190 -6.49 -12.06 50.28
C VAL C 190 -6.64 -11.44 51.66
N PHE C 191 -7.65 -10.61 51.84
CA PHE C 191 -7.97 -10.01 53.12
C PHE C 191 -8.88 -10.95 53.91
N PRO C 192 -9.14 -10.66 55.19
CA PRO C 192 -9.88 -11.63 56.02
C PRO C 192 -11.22 -12.02 55.41
N GLN C 193 -11.61 -13.27 55.68
CA GLN C 193 -12.87 -13.79 55.19
C GLN C 193 -14.05 -13.12 55.90
N ARG C 194 -15.20 -13.21 55.25
CA ARG C 194 -16.47 -12.85 55.87
C ARG C 194 -16.71 -13.75 57.07
N CYS C 195 -17.37 -13.20 58.08
CA CYS C 195 -17.75 -13.95 59.27
C CYS C 195 -18.98 -13.29 59.89
N PRO C 196 -19.80 -14.04 60.62
CA PRO C 196 -21.03 -13.46 61.16
C PRO C 196 -20.74 -12.42 62.23
N GLY C 197 -21.67 -11.46 62.35
CA GLY C 197 -21.55 -10.43 63.37
C GLY C 197 -20.37 -9.51 63.18
N ARG C 198 -19.86 -9.39 61.97
CA ARG C 198 -18.77 -8.48 61.68
C ARG C 198 -18.83 -8.09 60.21
N GLY C 199 -18.68 -6.80 59.93
CA GLY C 199 -18.69 -6.34 58.56
C GLY C 199 -17.54 -6.90 57.75
N ASP C 200 -17.67 -6.80 56.44
CA ASP C 200 -16.65 -7.25 55.51
C ASP C 200 -15.55 -6.22 55.34
N PHE C 201 -14.36 -6.69 55.01
CA PHE C 201 -13.40 -5.84 54.33
C PHE C 201 -13.89 -5.62 52.90
N ARG C 202 -13.78 -4.38 52.43
CA ARG C 202 -14.16 -4.08 51.05
C ARG C 202 -13.24 -3.00 50.49
N ILE C 203 -12.85 -3.19 49.26
CA ILE C 203 -12.29 -2.12 48.45
C ILE C 203 -13.43 -1.58 47.61
N TRP C 204 -13.79 -0.31 47.85
CA TRP C 204 -14.91 0.26 47.11
C TRP C 204 -14.59 0.41 45.63
N ASN C 205 -13.34 0.70 45.28
CA ASN C 205 -12.95 0.89 43.89
C ASN C 205 -13.06 -0.43 43.12
N SER C 206 -13.53 -0.34 41.87
CA SER C 206 -13.64 -1.56 41.07
C SER C 206 -12.28 -2.08 40.66
N GLN C 207 -11.28 -1.20 40.58
CA GLN C 207 -9.90 -1.59 40.35
C GLN C 207 -9.01 -0.76 41.25
N LEU C 208 -7.78 -1.24 41.49
CA LEU C 208 -6.81 -0.47 42.24
C LEU C 208 -6.43 0.82 41.51
N VAL C 209 -6.41 0.79 40.19
CA VAL C 209 -6.09 1.99 39.41
C VAL C 209 -7.29 2.31 38.54
N ARG C 210 -7.87 3.48 38.76
CA ARG C 210 -8.99 3.99 37.99
C ARG C 210 -8.75 5.47 37.74
N TYR C 211 -9.15 5.93 36.56
CA TYR C 211 -9.13 7.34 36.26
C TYR C 211 -10.46 7.97 36.62
N ALA C 212 -10.40 9.16 37.20
CA ALA C 212 -11.61 9.88 37.56
C ALA C 212 -12.49 10.12 36.34
N GLY C 213 -13.79 10.19 36.59
CA GLY C 213 -14.73 10.68 35.62
C GLY C 213 -15.53 11.79 36.25
N TYR C 214 -15.44 13.00 35.71
CA TYR C 214 -16.08 14.18 36.26
C TYR C 214 -17.28 14.56 35.41
N ARG C 215 -18.47 14.57 36.03
CA ARG C 215 -19.67 15.04 35.35
C ARG C 215 -19.59 16.54 35.09
N GLN C 216 -19.85 16.94 33.86
CA GLN C 216 -19.82 18.35 33.50
C GLN C 216 -21.22 18.95 33.55
N GLN C 217 -21.28 20.28 33.41
CA GLN C 217 -22.55 21.01 33.42
C GLN C 217 -23.55 20.42 32.44
N ASP C 218 -23.14 20.22 31.20
CA ASP C 218 -23.99 19.71 30.14
C ASP C 218 -24.28 18.23 30.26
N GLY C 219 -23.91 17.54 31.34
CA GLY C 219 -24.14 16.12 31.45
C GLY C 219 -23.07 15.24 30.85
N SER C 220 -22.07 15.81 30.18
CA SER C 220 -20.97 15.01 29.66
C SER C 220 -19.95 14.74 30.76
N VAL C 221 -18.94 13.93 30.43
CA VAL C 221 -17.95 13.46 31.38
C VAL C 221 -16.56 13.84 30.90
N ARG C 222 -15.76 14.40 31.80
CA ARG C 222 -14.34 14.55 31.56
C ARG C 222 -13.64 13.41 32.28
N GLY C 223 -12.81 12.69 31.56
CA GLY C 223 -12.18 11.51 32.13
C GLY C 223 -12.99 10.28 31.80
N ASP C 224 -12.90 9.25 32.63
CA ASP C 224 -13.45 7.94 32.31
C ASP C 224 -14.91 7.88 32.76
N PRO C 225 -15.87 7.81 31.83
CA PRO C 225 -17.28 7.74 32.26
C PRO C 225 -17.61 6.50 33.07
N ALA C 226 -16.81 5.43 32.96
CA ALA C 226 -17.10 4.25 33.78
C ALA C 226 -16.91 4.53 35.26
N ASN C 227 -16.17 5.58 35.63
CA ASN C 227 -15.83 5.84 37.01
C ASN C 227 -16.53 7.06 37.60
N VAL C 228 -17.61 7.54 36.99
CA VAL C 228 -18.29 8.70 37.52
C VAL C 228 -18.77 8.44 38.95
N GLU C 229 -19.37 7.28 39.19
CA GLU C 229 -19.96 7.03 40.50
C GLU C 229 -18.88 6.96 41.58
N ILE C 230 -17.83 6.17 41.34
CA ILE C 230 -16.77 6.06 42.34
C ILE C 230 -16.04 7.40 42.49
N THR C 231 -15.91 8.18 41.41
CA THR C 231 -15.28 9.49 41.51
C THR C 231 -16.03 10.37 42.50
N GLU C 232 -17.35 10.44 42.37
CA GLU C 232 -18.06 11.32 43.29
C GLU C 232 -18.17 10.72 44.69
N LEU C 233 -18.06 9.40 44.83
CA LEU C 233 -17.92 8.81 46.16
C LEU C 233 -16.61 9.24 46.81
N CYS C 234 -15.53 9.28 46.03
CA CYS C 234 -14.26 9.77 46.56
C CYS C 234 -14.39 11.22 46.99
N ILE C 235 -14.92 12.07 46.10
CA ILE C 235 -15.15 13.48 46.44
C ILE C 235 -16.03 13.60 47.67
N GLN C 236 -17.08 12.79 47.74
CA GLN C 236 -17.99 12.85 48.88
C GLN C 236 -17.28 12.47 50.18
N HIS C 237 -16.24 11.65 50.11
CA HIS C 237 -15.46 11.28 51.28
C HIS C 237 -14.20 12.12 51.45
N GLY C 238 -14.16 13.31 50.86
CA GLY C 238 -13.13 14.28 51.15
C GLY C 238 -11.98 14.37 50.18
N TRP C 239 -12.05 13.69 49.04
CA TRP C 239 -11.00 13.80 48.05
C TRP C 239 -11.11 15.14 47.33
N THR C 240 -9.99 15.82 47.18
CA THR C 240 -9.95 17.01 46.33
C THR C 240 -9.85 16.57 44.87
N PRO C 241 -10.90 16.78 44.08
CA PRO C 241 -10.89 16.29 42.70
C PRO C 241 -9.89 17.03 41.84
N GLY C 242 -9.36 16.33 40.85
CA GLY C 242 -8.59 16.97 39.81
C GLY C 242 -9.50 17.59 38.78
N ASN C 243 -8.90 17.92 37.63
CA ASN C 243 -9.64 18.47 36.50
C ASN C 243 -9.22 17.82 35.19
N GLY C 244 -8.51 16.70 35.25
CA GLY C 244 -7.91 16.12 34.06
C GLY C 244 -8.69 14.93 33.51
N ARG C 245 -8.18 14.41 32.39
CA ARG C 245 -8.77 13.27 31.74
C ARG C 245 -8.27 11.96 32.29
N PHE C 246 -7.13 11.97 32.98
CA PHE C 246 -6.49 10.75 33.46
C PHE C 246 -6.00 10.93 34.89
N ASP C 247 -6.85 11.46 35.75
CA ASP C 247 -6.52 11.62 37.16
C ASP C 247 -6.72 10.29 37.88
N VAL C 248 -5.65 9.75 38.46
CA VAL C 248 -5.75 8.47 39.18
C VAL C 248 -6.55 8.68 40.46
N LEU C 249 -7.55 7.83 40.69
CA LEU C 249 -8.43 8.00 41.84
C LEU C 249 -7.75 7.54 43.12
N PRO C 250 -8.14 8.09 44.27
CA PRO C 250 -7.71 7.52 45.55
C PRO C 250 -8.45 6.21 45.79
N LEU C 251 -7.99 5.47 46.79
CA LEU C 251 -8.63 4.22 47.19
C LEU C 251 -9.59 4.47 48.34
N LEU C 252 -10.79 3.92 48.25
CA LEU C 252 -11.72 3.91 49.36
C LEU C 252 -11.71 2.50 49.96
N LEU C 253 -11.16 2.38 51.16
CA LEU C 253 -10.93 1.09 51.80
C LEU C 253 -11.82 0.98 53.04
N GLN C 254 -12.49 -0.14 53.17
CA GLN C 254 -13.48 -0.37 54.21
C GLN C 254 -13.01 -1.52 55.10
N ALA C 255 -12.61 -1.18 56.33
CA ALA C 255 -12.39 -2.16 57.37
C ALA C 255 -13.73 -2.49 58.03
N PRO C 256 -13.85 -3.67 58.64
CA PRO C 256 -15.15 -4.10 59.18
C PRO C 256 -15.84 -3.05 60.04
N ASP C 257 -17.09 -2.76 59.68
CA ASP C 257 -18.01 -1.92 60.44
C ASP C 257 -17.58 -0.46 60.51
N GLU C 258 -16.68 -0.04 59.63
CA GLU C 258 -16.25 1.35 59.59
C GLU C 258 -16.62 1.97 58.26
N PRO C 259 -16.81 3.29 58.21
CA PRO C 259 -16.93 3.96 56.92
C PRO C 259 -15.61 3.80 56.15
N PRO C 260 -15.68 3.87 54.83
CA PRO C 260 -14.43 3.75 54.05
C PRO C 260 -13.51 4.91 54.33
N GLU C 261 -12.21 4.62 54.30
CA GLU C 261 -11.17 5.63 54.43
C GLU C 261 -10.55 5.88 53.07
N LEU C 262 -10.25 7.15 52.79
CA LEU C 262 -9.57 7.52 51.56
C LEU C 262 -8.07 7.33 51.71
N PHE C 263 -7.45 6.76 50.68
CA PHE C 263 -6.01 6.61 50.63
C PHE C 263 -5.51 7.04 49.27
N LEU C 264 -4.56 7.96 49.24
CA LEU C 264 -3.94 8.36 47.98
C LEU C 264 -2.84 7.38 47.61
N LEU C 265 -2.88 6.89 46.39
CA LEU C 265 -1.78 6.05 45.91
C LEU C 265 -0.58 6.94 45.63
N PRO C 266 0.59 6.66 46.22
CA PRO C 266 1.79 7.41 45.86
C PRO C 266 1.99 7.38 44.36
N PRO C 267 2.25 8.52 43.73
CA PRO C 267 2.24 8.56 42.25
C PRO C 267 3.29 7.65 41.64
N GLU C 268 4.43 7.46 42.32
CA GLU C 268 5.48 6.57 41.84
C GLU C 268 5.12 5.09 41.99
N LEU C 269 4.02 4.78 42.65
CA LEU C 269 3.55 3.41 42.71
C LEU C 269 2.66 3.04 41.52
N VAL C 270 2.06 4.02 40.86
CA VAL C 270 1.13 3.81 39.77
C VAL C 270 1.89 4.01 38.47
N LEU C 271 2.31 2.91 37.86
CA LEU C 271 3.04 3.00 36.60
C LEU C 271 2.04 3.26 35.48
N GLU C 272 2.31 4.29 34.68
CA GLU C 272 1.48 4.61 33.54
C GLU C 272 2.33 4.62 32.28
N VAL C 273 1.66 4.47 31.15
CA VAL C 273 2.29 4.39 29.84
C VAL C 273 1.69 5.48 28.95
N PRO C 274 2.41 6.55 28.65
CA PRO C 274 1.88 7.51 27.69
C PRO C 274 1.83 6.87 26.31
N LEU C 275 0.74 7.13 25.61
CA LEU C 275 0.46 6.43 24.37
C LEU C 275 1.03 7.20 23.19
N GLU C 276 1.81 6.51 22.37
CA GLU C 276 2.36 7.08 21.16
C GLU C 276 2.18 6.05 20.05
N HIS C 277 2.37 6.49 18.82
CA HIS C 277 2.20 5.58 17.69
C HIS C 277 3.51 5.45 16.93
N PRO C 278 3.87 4.25 16.46
CA PRO C 278 5.15 4.07 15.77
C PRO C 278 5.34 4.98 14.57
N THR C 279 4.28 5.29 13.83
CA THR C 279 4.43 6.07 12.61
C THR C 279 3.58 7.32 12.56
N LEU C 280 2.50 7.40 13.34
CA LEU C 280 1.66 8.59 13.36
C LEU C 280 2.20 9.51 14.43
N GLU C 281 3.09 10.42 14.02
CA GLU C 281 3.85 11.23 14.97
C GLU C 281 2.96 12.11 15.83
N TRP C 282 1.77 12.48 15.35
CA TRP C 282 0.84 13.31 16.09
C TRP C 282 0.09 12.55 17.19
N PHE C 283 0.14 11.22 17.19
CA PHE C 283 -0.65 10.48 18.16
C PHE C 283 -0.22 10.82 19.58
N ALA C 284 1.10 10.95 19.79
CA ALA C 284 1.61 11.26 21.12
C ALA C 284 1.01 12.55 21.66
N ALA C 285 0.72 13.51 20.78
CA ALA C 285 0.20 14.79 21.22
C ALA C 285 -1.22 14.70 21.75
N LEU C 286 -1.95 13.62 21.43
CA LEU C 286 -3.29 13.43 21.99
C LEU C 286 -3.26 13.25 23.50
N GLY C 287 -2.09 13.02 24.07
CA GLY C 287 -1.98 12.91 25.52
C GLY C 287 -2.76 11.76 26.10
N LEU C 288 -2.96 10.69 25.33
CA LEU C 288 -3.61 9.51 25.88
C LEU C 288 -2.63 8.74 26.73
N ARG C 289 -3.17 8.09 27.76
CA ARG C 289 -2.39 7.35 28.72
C ARG C 289 -3.20 6.16 29.16
N TRP C 290 -2.51 5.14 29.65
CA TRP C 290 -3.18 4.11 30.42
C TRP C 290 -2.20 3.60 31.46
N TYR C 291 -2.71 2.83 32.40
CA TYR C 291 -1.88 2.36 33.50
C TYR C 291 -1.44 0.93 33.23
N ALA C 292 -0.37 0.53 33.93
CA ALA C 292 0.27 -0.75 33.66
C ALA C 292 -0.54 -1.91 34.23
N LEU C 293 -1.15 -1.71 35.38
CA LEU C 293 -1.60 -2.84 36.20
C LEU C 293 -3.11 -2.95 36.19
N PRO C 294 -3.69 -3.96 35.52
CA PRO C 294 -5.11 -4.26 35.69
C PRO C 294 -5.32 -5.07 36.97
N ALA C 295 -5.96 -4.44 37.96
CA ALA C 295 -6.04 -5.02 39.30
C ALA C 295 -7.48 -4.92 39.76
N VAL C 296 -8.22 -6.01 39.64
CA VAL C 296 -9.65 -6.04 39.93
C VAL C 296 -9.85 -6.19 41.43
N SER C 297 -10.62 -5.28 42.02
CA SER C 297 -10.69 -5.21 43.48
C SER C 297 -12.10 -5.31 44.04
N ASN C 298 -13.11 -5.58 43.20
CA ASN C 298 -14.49 -5.59 43.69
C ASN C 298 -15.13 -6.97 43.59
N MET C 299 -14.39 -8.00 43.26
CA MET C 299 -14.96 -9.33 43.18
C MET C 299 -14.71 -10.10 44.46
N LEU C 300 -15.61 -11.04 44.73
CA LEU C 300 -15.56 -11.88 45.90
C LEU C 300 -14.90 -13.19 45.53
N LEU C 301 -13.98 -13.63 46.37
CA LEU C 301 -13.28 -14.88 46.19
C LEU C 301 -13.93 -15.91 47.12
N GLU C 302 -14.39 -17.02 46.53
CA GLU C 302 -15.08 -18.05 47.30
C GLU C 302 -14.25 -19.31 47.24
N ILE C 303 -13.85 -19.81 48.41
CA ILE C 303 -13.05 -21.01 48.50
C ILE C 303 -13.67 -21.88 49.58
N GLY C 304 -14.08 -23.09 49.22
CA GLY C 304 -14.55 -24.03 50.23
C GLY C 304 -15.65 -23.50 51.12
N GLY C 305 -16.58 -22.75 50.54
CA GLY C 305 -17.64 -22.14 51.32
C GLY C 305 -17.26 -20.87 52.04
N LEU C 306 -15.98 -20.55 52.13
CA LEU C 306 -15.52 -19.31 52.73
C LEU C 306 -15.57 -18.20 51.69
N GLU C 307 -15.87 -16.99 52.14
CA GLU C 307 -16.07 -15.86 51.24
C GLU C 307 -15.10 -14.74 51.61
N PHE C 308 -14.33 -14.30 50.63
CA PHE C 308 -13.36 -13.23 50.81
C PHE C 308 -13.82 -12.04 49.99
N PRO C 309 -14.58 -11.11 50.57
CA PRO C 309 -15.12 -9.99 49.79
C PRO C 309 -14.05 -8.99 49.36
N ALA C 310 -12.85 -9.04 49.93
CA ALA C 310 -11.75 -8.18 49.51
C ALA C 310 -10.59 -9.09 49.18
N ALA C 311 -10.35 -9.32 47.89
CA ALA C 311 -9.25 -10.17 47.43
C ALA C 311 -8.80 -9.66 46.06
N PRO C 312 -8.21 -8.46 46.02
CA PRO C 312 -7.85 -7.86 44.73
C PRO C 312 -6.78 -8.68 44.01
N PHE C 313 -6.99 -8.88 42.71
CA PHE C 313 -6.06 -9.68 41.92
C PHE C 313 -5.62 -8.87 40.72
N SER C 314 -4.42 -9.16 40.23
CA SER C 314 -3.93 -8.41 39.10
C SER C 314 -3.12 -9.34 38.21
N GLY C 315 -3.04 -8.97 36.93
CA GLY C 315 -2.23 -9.69 35.98
C GLY C 315 -1.56 -8.66 35.11
N TRP C 316 -1.65 -8.81 33.79
CA TRP C 316 -1.23 -7.76 32.89
C TRP C 316 -2.26 -7.63 31.79
N TYR C 317 -2.22 -6.52 31.06
CA TYR C 317 -3.29 -6.19 30.15
C TYR C 317 -3.17 -6.96 28.84
N MET C 318 -4.32 -7.29 28.26
CA MET C 318 -4.41 -7.59 26.84
C MET C 318 -4.76 -6.28 26.11
N SER C 319 -4.08 -6.01 25.00
CA SER C 319 -4.07 -4.65 24.45
C SER C 319 -5.45 -4.19 23.99
N THR C 320 -6.35 -5.14 23.63
CA THR C 320 -7.69 -4.72 23.22
C THR C 320 -8.50 -4.16 24.36
N GLU C 321 -8.19 -4.55 25.60
CA GLU C 321 -8.92 -3.94 26.72
C GLU C 321 -8.69 -2.44 26.74
N ILE C 322 -7.46 -2.03 26.44
CA ILE C 322 -7.12 -0.61 26.48
C ILE C 322 -7.48 0.07 25.17
N GLY C 323 -6.96 -0.47 24.08
CA GLY C 323 -7.07 0.21 22.81
C GLY C 323 -8.48 0.20 22.25
N THR C 324 -9.17 -0.93 22.38
CA THR C 324 -10.52 -1.05 21.83
C THR C 324 -11.58 -0.66 22.85
N ARG C 325 -11.59 -1.29 24.01
CA ARG C 325 -12.70 -1.04 24.94
C ARG C 325 -12.51 0.29 25.68
N ASN C 326 -11.40 0.45 26.41
CA ASN C 326 -11.30 1.62 27.28
C ASN C 326 -11.25 2.92 26.50
N LEU C 327 -10.60 2.92 25.34
CA LEU C 327 -10.45 4.16 24.59
C LEU C 327 -11.46 4.35 23.47
N CYS C 328 -12.00 3.28 22.89
CA CYS C 328 -12.91 3.43 21.76
C CYS C 328 -14.36 3.13 22.08
N ASP C 329 -14.67 2.53 23.23
CA ASP C 329 -16.08 2.34 23.56
C ASP C 329 -16.79 3.69 23.54
N PRO C 330 -18.00 3.76 23.00
CA PRO C 330 -18.71 5.05 22.97
C PRO C 330 -19.03 5.58 24.36
N HIS C 331 -19.15 4.70 25.35
CA HIS C 331 -19.43 5.08 26.73
C HIS C 331 -18.17 5.07 27.60
N ARG C 332 -17.01 4.97 26.99
CA ARG C 332 -15.75 5.13 27.70
C ARG C 332 -15.08 6.40 27.17
N TYR C 333 -13.79 6.39 26.84
CA TYR C 333 -13.15 7.64 26.43
C TYR C 333 -13.61 8.07 25.05
N ASN C 334 -14.07 7.11 24.23
CA ASN C 334 -14.79 7.43 23.00
C ASN C 334 -13.95 8.30 22.05
N ILE C 335 -12.67 7.96 21.90
CA ILE C 335 -11.75 8.77 21.09
C ILE C 335 -11.66 8.32 19.65
N LEU C 336 -12.46 7.35 19.23
CA LEU C 336 -12.30 6.78 17.88
C LEU C 336 -12.34 7.87 16.81
N GLU C 337 -13.39 8.71 16.83
CA GLU C 337 -13.56 9.70 15.78
C GLU C 337 -12.46 10.77 15.81
N ASP C 338 -11.97 11.09 17.00
CA ASP C 338 -10.83 12.01 17.16
C ASP C 338 -9.61 11.51 16.39
N VAL C 339 -9.26 10.24 16.61
CA VAL C 339 -8.13 9.65 15.90
C VAL C 339 -8.42 9.56 14.41
N ALA C 340 -9.67 9.23 14.05
CA ALA C 340 -10.03 9.18 12.64
C ALA C 340 -9.86 10.54 11.96
N VAL C 341 -10.26 11.62 12.63
CA VAL C 341 -10.00 12.97 12.13
C VAL C 341 -8.50 13.15 11.88
N CYS C 342 -7.67 12.76 12.85
CA CYS C 342 -6.24 13.00 12.73
C CYS C 342 -5.62 12.16 11.62
N MET C 343 -6.17 10.97 11.35
CA MET C 343 -5.71 10.12 10.26
C MET C 343 -6.26 10.54 8.89
N ASP C 344 -7.00 11.65 8.81
CA ASP C 344 -7.61 12.10 7.55
C ASP C 344 -8.51 11.05 6.92
N LEU C 345 -9.21 10.27 7.74
CA LEU C 345 -10.09 9.23 7.20
C LEU C 345 -11.44 9.81 6.83
N ASP C 346 -12.06 9.21 5.81
CA ASP C 346 -13.39 9.60 5.38
C ASP C 346 -14.39 9.12 6.41
N THR C 347 -14.79 10.01 7.31
CA THR C 347 -15.80 9.68 8.30
C THR C 347 -17.21 9.94 7.82
N ARG C 348 -17.40 10.20 6.53
CA ARG C 348 -18.73 10.51 6.00
C ARG C 348 -19.50 9.28 5.52
N THR C 349 -18.83 8.14 5.30
CA THR C 349 -19.49 6.89 4.93
C THR C 349 -18.97 5.77 5.84
N THR C 350 -19.88 4.93 6.35
CA THR C 350 -19.42 3.80 7.17
C THR C 350 -18.58 2.84 6.36
N SER C 351 -18.85 2.74 5.04
CA SER C 351 -18.25 1.72 4.20
C SER C 351 -16.78 1.98 3.89
N SER C 352 -16.24 3.15 4.25
CA SER C 352 -14.79 3.31 4.18
C SER C 352 -14.08 2.54 5.29
N LEU C 353 -14.84 2.03 6.26
CA LEU C 353 -14.26 1.32 7.41
C LEU C 353 -13.28 2.20 8.18
N TRP C 354 -13.58 3.50 8.22
CA TRP C 354 -12.75 4.42 8.99
C TRP C 354 -12.74 4.05 10.46
N LYS C 355 -13.87 3.57 11.00
CA LYS C 355 -13.86 3.17 12.40
C LYS C 355 -12.88 2.04 12.62
N ASP C 356 -12.84 1.07 11.70
CA ASP C 356 -12.00 -0.10 11.89
C ASP C 356 -10.53 0.29 11.78
N LYS C 357 -10.21 1.17 10.84
CA LYS C 357 -8.82 1.59 10.63
C LYS C 357 -8.31 2.38 11.82
N ALA C 358 -9.14 3.29 12.34
CA ALA C 358 -8.73 4.07 13.51
C ALA C 358 -8.53 3.18 14.71
N ALA C 359 -9.45 2.24 14.94
CA ALA C 359 -9.31 1.36 16.10
C ALA C 359 -8.04 0.52 16.00
N VAL C 360 -7.76 -0.01 14.82
CA VAL C 360 -6.56 -0.80 14.66
C VAL C 360 -5.32 0.00 15.04
N GLU C 361 -5.23 1.24 14.56
CA GLU C 361 -4.05 2.06 14.87
C GLU C 361 -4.00 2.44 16.35
N ILE C 362 -5.15 2.59 17.00
CA ILE C 362 -5.11 2.83 18.44
C ILE C 362 -4.58 1.61 19.15
N ASN C 363 -5.01 0.42 18.73
CA ASN C 363 -4.47 -0.80 19.31
C ASN C 363 -2.99 -0.95 19.00
N VAL C 364 -2.56 -0.53 17.79
CA VAL C 364 -1.14 -0.48 17.48
C VAL C 364 -0.41 0.45 18.45
N ALA C 365 -0.96 1.64 18.69
CA ALA C 365 -0.30 2.57 19.61
C ALA C 365 -0.16 1.95 21.01
N VAL C 366 -1.22 1.32 21.52
CA VAL C 366 -1.13 0.70 22.84
C VAL C 366 0.01 -0.33 22.89
N LEU C 367 0.02 -1.26 21.94
CA LEU C 367 1.06 -2.30 21.95
C LEU C 367 2.44 -1.69 21.83
N HIS C 368 2.63 -0.81 20.83
CA HIS C 368 3.93 -0.15 20.68
C HIS C 368 4.33 0.59 21.95
N SER C 369 3.39 1.27 22.58
CA SER C 369 3.72 2.14 23.70
C SER C 369 4.12 1.33 24.93
N TYR C 370 3.40 0.25 25.20
CA TYR C 370 3.75 -0.59 26.32
C TYR C 370 5.06 -1.32 26.08
N GLN C 371 5.30 -1.79 24.85
CA GLN C 371 6.58 -2.43 24.56
C GLN C 371 7.72 -1.44 24.70
N LEU C 372 7.52 -0.24 24.17
CA LEU C 372 8.54 0.80 24.30
C LEU C 372 8.79 1.13 25.76
N ALA C 373 7.73 1.22 26.56
CA ALA C 373 7.85 1.47 27.99
C ALA C 373 8.33 0.26 28.76
N LYS C 374 8.51 -0.89 28.10
CA LYS C 374 8.89 -2.16 28.74
C LYS C 374 7.91 -2.52 29.84
N VAL C 375 6.62 -2.38 29.54
CA VAL C 375 5.55 -2.83 30.43
C VAL C 375 4.84 -4.00 29.77
N THR C 376 4.75 -5.10 30.51
CA THR C 376 4.12 -6.31 29.99
C THR C 376 2.77 -6.01 29.36
N ILE C 377 2.59 -6.49 28.13
CA ILE C 377 1.30 -6.42 27.45
C ILE C 377 1.26 -7.61 26.50
N VAL C 378 0.05 -8.13 26.27
CA VAL C 378 -0.14 -9.20 25.31
C VAL C 378 -1.17 -8.73 24.29
N ASP C 379 -0.90 -8.98 23.00
CA ASP C 379 -1.92 -8.63 22.00
C ASP C 379 -2.98 -9.73 21.94
N HIS C 380 -4.10 -9.42 21.26
CA HIS C 380 -5.22 -10.34 21.29
C HIS C 380 -4.95 -11.61 20.49
N HIS C 381 -4.02 -11.57 19.51
CA HIS C 381 -3.67 -12.77 18.79
C HIS C 381 -2.88 -13.73 19.67
N ALA C 382 -1.83 -13.20 20.33
CA ALA C 382 -1.03 -14.04 21.20
C ALA C 382 -1.87 -14.59 22.34
N ALA C 383 -2.72 -13.76 22.95
CA ALA C 383 -3.49 -14.19 24.11
C ALA C 383 -4.48 -15.28 23.73
N THR C 384 -5.15 -15.14 22.58
CA THR C 384 -6.13 -16.16 22.19
C THR C 384 -5.44 -17.46 21.79
N ALA C 385 -4.27 -17.37 21.15
CA ALA C 385 -3.53 -18.58 20.83
C ALA C 385 -3.15 -19.32 22.10
N SER C 386 -2.72 -18.58 23.12
CA SER C 386 -2.38 -19.21 24.40
CA SER C 386 -2.38 -19.23 24.39
C SER C 386 -3.62 -19.79 25.07
N PHE C 387 -4.77 -19.13 24.91
CA PHE C 387 -5.96 -19.68 25.51
C PHE C 387 -6.37 -20.99 24.85
N MET C 388 -6.16 -21.10 23.53
CA MET C 388 -6.41 -22.38 22.86
C MET C 388 -5.54 -23.48 23.44
N LYS C 389 -4.26 -23.16 23.67
CA LYS C 389 -3.37 -24.09 24.35
C LYS C 389 -3.90 -24.43 25.74
N HIS C 390 -4.42 -23.43 26.44
CA HIS C 390 -5.01 -23.65 27.76
C HIS C 390 -6.17 -24.63 27.70
N LEU C 391 -7.08 -24.42 26.73
CA LEU C 391 -8.19 -25.34 26.55
C LEU C 391 -7.71 -26.77 26.36
N GLU C 392 -6.64 -26.93 25.58
CA GLU C 392 -6.09 -28.25 25.34
C GLU C 392 -5.51 -28.84 26.61
N ASN C 393 -4.73 -28.05 27.35
CA ASN C 393 -4.24 -28.50 28.65
C ASN C 393 -5.39 -28.94 29.55
N GLU C 394 -6.46 -28.14 29.59
CA GLU C 394 -7.54 -28.41 30.54
C GLU C 394 -8.36 -29.62 30.11
N GLN C 395 -8.55 -29.82 28.81
CA GLN C 395 -9.20 -31.04 28.37
C GLN C 395 -8.47 -32.26 28.92
N LYS C 396 -7.14 -32.25 28.86
CA LYS C 396 -6.38 -33.37 29.39
C LYS C 396 -6.38 -33.38 30.91
N ALA C 397 -6.26 -32.21 31.53
CA ALA C 397 -6.18 -32.13 32.99
C ALA C 397 -7.51 -32.47 33.63
N ARG C 398 -8.61 -31.92 33.12
CA ARG C 398 -9.88 -31.98 33.83
C ARG C 398 -11.08 -32.38 32.96
N GLY C 399 -10.89 -32.67 31.68
CA GLY C 399 -12.03 -33.02 30.85
C GLY C 399 -12.83 -31.85 30.35
N GLY C 400 -12.27 -30.65 30.37
CA GLY C 400 -13.00 -29.51 29.85
C GLY C 400 -12.55 -28.24 30.53
N CYS C 401 -13.24 -27.17 30.18
CA CYS C 401 -12.86 -25.84 30.67
C CYS C 401 -14.04 -24.90 30.52
N PRO C 402 -14.53 -24.34 31.62
CA PRO C 402 -15.61 -23.35 31.52
C PRO C 402 -15.08 -22.10 30.82
N ALA C 403 -15.78 -21.68 29.77
CA ALA C 403 -15.35 -20.54 28.98
C ALA C 403 -16.58 -19.80 28.46
N ASP C 404 -16.51 -18.48 28.54
CA ASP C 404 -17.59 -17.59 28.16
C ASP C 404 -17.19 -17.00 26.81
N TRP C 405 -17.75 -17.56 25.74
CA TRP C 405 -17.33 -17.22 24.38
C TRP C 405 -17.37 -15.72 24.12
N ALA C 406 -18.46 -15.06 24.51
CA ALA C 406 -18.60 -13.62 24.24
C ALA C 406 -17.48 -12.81 24.89
N TRP C 407 -16.93 -13.30 25.99
CA TRP C 407 -15.86 -12.60 26.70
C TRP C 407 -14.47 -13.00 26.22
N ILE C 408 -14.34 -14.25 25.77
CA ILE C 408 -13.04 -14.75 25.32
C ILE C 408 -12.68 -14.20 23.95
N VAL C 409 -13.67 -14.13 23.06
CA VAL C 409 -13.39 -13.57 21.72
C VAL C 409 -13.09 -12.09 21.84
N PRO C 410 -11.97 -11.62 21.28
CA PRO C 410 -11.58 -10.21 21.43
C PRO C 410 -12.57 -9.28 20.76
N PRO C 411 -12.60 -7.99 21.13
CA PRO C 411 -13.62 -7.07 20.60
C PRO C 411 -13.28 -6.43 19.27
N ILE C 412 -12.08 -6.64 18.74
CA ILE C 412 -11.77 -6.40 17.33
C ILE C 412 -11.24 -7.71 16.75
N SER C 413 -11.51 -7.92 15.45
CA SER C 413 -10.88 -9.02 14.71
C SER C 413 -11.22 -10.38 15.32
N GLY C 414 -12.45 -10.50 15.83
CA GLY C 414 -12.85 -11.75 16.46
C GLY C 414 -12.48 -12.99 15.68
N SER C 415 -12.91 -13.08 14.41
CA SER C 415 -12.74 -14.33 13.69
C SER C 415 -11.34 -14.51 13.15
N LEU C 416 -10.49 -13.49 13.28
CA LEU C 416 -9.06 -13.66 13.02
C LEU C 416 -8.36 -14.38 14.16
N THR C 417 -9.03 -14.56 15.30
CA THR C 417 -8.38 -15.27 16.39
C THR C 417 -8.96 -16.67 16.49
N PRO C 418 -8.17 -17.64 16.97
CA PRO C 418 -8.66 -19.03 16.94
C PRO C 418 -9.85 -19.29 17.86
N VAL C 419 -10.08 -18.45 18.87
CA VAL C 419 -11.13 -18.74 19.85
C VAL C 419 -12.51 -18.53 19.25
N PHE C 420 -12.60 -17.69 18.23
CA PHE C 420 -13.87 -17.46 17.56
C PHE C 420 -14.43 -18.75 17.00
N HIS C 421 -13.57 -19.60 16.47
CA HIS C 421 -13.99 -20.84 15.83
C HIS C 421 -14.10 -22.00 16.79
N GLN C 422 -13.98 -21.73 18.09
CA GLN C 422 -13.97 -22.77 19.10
C GLN C 422 -15.26 -22.71 19.89
N GLU C 423 -16.07 -23.77 19.81
CA GLU C 423 -17.24 -23.81 20.66
C GLU C 423 -16.81 -23.90 22.10
N MET C 424 -17.58 -23.28 22.99
CA MET C 424 -17.24 -23.27 24.39
C MET C 424 -18.47 -23.61 25.22
N VAL C 425 -18.21 -24.09 26.44
CA VAL C 425 -19.25 -24.44 27.40
C VAL C 425 -19.00 -23.56 28.62
N ASN C 426 -20.03 -22.88 29.08
CA ASN C 426 -19.91 -21.94 30.18
C ASN C 426 -20.65 -22.49 31.38
N TYR C 427 -19.94 -22.60 32.51
CA TYR C 427 -20.55 -23.13 33.72
C TYR C 427 -19.69 -22.66 34.90
N PHE C 428 -20.25 -22.83 36.11
CA PHE C 428 -19.67 -22.26 37.31
C PHE C 428 -19.05 -23.38 38.14
N LEU C 429 -17.74 -23.34 38.27
CA LEU C 429 -17.02 -24.18 39.22
C LEU C 429 -16.57 -23.34 40.40
N SER C 430 -16.36 -24.02 41.52
CA SER C 430 -15.76 -23.42 42.71
C SER C 430 -14.46 -24.15 43.02
N PRO C 431 -13.43 -23.46 43.58
CA PRO C 431 -13.29 -22.04 43.94
C PRO C 431 -13.58 -21.10 42.80
N ALA C 432 -14.08 -19.91 43.11
CA ALA C 432 -14.49 -18.99 42.07
C ALA C 432 -14.27 -17.56 42.50
N PHE C 433 -14.14 -16.68 41.50
CA PHE C 433 -14.37 -15.27 41.71
C PHE C 433 -15.81 -14.95 41.34
N ARG C 434 -16.49 -14.21 42.20
CA ARG C 434 -17.90 -13.92 42.04
C ARG C 434 -18.13 -12.41 42.03
N TYR C 435 -19.13 -11.98 41.27
CA TYR C 435 -19.63 -10.63 41.45
C TYR C 435 -20.29 -10.50 42.82
N GLN C 436 -20.30 -9.28 43.35
CA GLN C 436 -20.94 -9.00 44.62
C GLN C 436 -21.47 -7.57 44.57
N PRO C 437 -22.47 -7.26 45.39
CA PRO C 437 -23.02 -5.90 45.37
C PRO C 437 -22.01 -4.87 45.86
N ASP C 438 -22.14 -3.66 45.33
CA ASP C 438 -21.35 -2.55 45.79
C ASP C 438 -21.63 -2.31 47.27
N PRO C 439 -20.62 -1.97 48.07
CA PRO C 439 -20.81 -1.89 49.52
C PRO C 439 -21.59 -0.67 49.99
N TRP C 440 -22.43 -0.12 49.13
CA TRP C 440 -23.30 0.99 49.52
C TRP C 440 -24.70 0.81 48.96
N LYS D 27 -39.12 -12.40 36.72
CA LYS D 27 -40.28 -12.20 35.84
C LYS D 27 -39.95 -12.69 34.43
N PHE D 28 -39.37 -11.78 33.66
CA PHE D 28 -38.88 -11.96 32.31
C PHE D 28 -37.42 -11.54 32.30
N PRO D 29 -36.63 -12.04 31.35
CA PRO D 29 -35.24 -11.62 31.27
C PRO D 29 -35.12 -10.11 31.16
N ARG D 30 -34.25 -9.55 32.00
CA ARG D 30 -33.90 -8.14 31.94
C ARG D 30 -32.68 -7.96 31.07
N VAL D 31 -32.78 -7.04 30.10
CA VAL D 31 -31.84 -6.94 29.00
C VAL D 31 -31.28 -5.52 28.97
N LYS D 32 -29.97 -5.40 29.12
CA LYS D 32 -29.34 -4.08 29.19
C LYS D 32 -28.55 -3.78 27.91
N ASN D 33 -28.65 -2.54 27.47
CA ASN D 33 -27.70 -2.01 26.52
C ASN D 33 -26.65 -1.24 27.31
N TRP D 34 -25.40 -1.69 27.22
CA TRP D 34 -24.33 -1.08 28.02
C TRP D 34 -23.78 0.20 27.43
N GLU D 35 -24.02 0.46 26.15
CA GLU D 35 -23.58 1.72 25.59
C GLU D 35 -24.41 2.86 26.16
N VAL D 36 -25.72 2.67 26.26
CA VAL D 36 -26.66 3.72 26.55
C VAL D 36 -27.14 3.60 27.99
N GLY D 37 -27.14 2.38 28.52
CA GLY D 37 -27.67 2.14 29.85
C GLY D 37 -29.14 1.79 29.87
N SER D 38 -29.77 1.72 28.71
CA SER D 38 -31.19 1.42 28.64
C SER D 38 -31.43 -0.05 28.95
N ILE D 39 -32.58 -0.32 29.54
CA ILE D 39 -32.94 -1.65 30.00
C ILE D 39 -34.34 -1.96 29.54
N THR D 40 -34.53 -3.15 28.98
CA THR D 40 -35.85 -3.65 28.61
C THR D 40 -36.01 -5.05 29.19
N TYR D 41 -37.24 -5.55 29.13
CA TYR D 41 -37.55 -6.92 29.54
C TYR D 41 -38.06 -7.67 28.33
N ASP D 42 -37.50 -8.86 28.09
CA ASP D 42 -37.95 -9.66 26.94
C ASP D 42 -39.13 -10.50 27.39
N THR D 43 -40.33 -9.97 27.24
CA THR D 43 -41.53 -10.74 27.53
C THR D 43 -41.83 -11.74 26.42
N LEU D 44 -41.35 -11.48 25.20
CA LEU D 44 -41.61 -12.37 24.08
C LEU D 44 -40.96 -13.74 24.29
N SER D 45 -39.82 -13.77 24.98
CA SER D 45 -39.15 -15.03 25.26
C SER D 45 -40.07 -16.03 25.96
N ALA D 46 -41.05 -15.53 26.72
CA ALA D 46 -41.96 -16.44 27.41
C ALA D 46 -42.79 -17.28 26.45
N GLN D 47 -42.91 -16.87 25.19
CA GLN D 47 -43.63 -17.63 24.18
C GLN D 47 -42.75 -18.61 23.43
N ALA D 48 -41.51 -18.81 23.87
CA ALA D 48 -40.60 -19.71 23.17
C ALA D 48 -41.19 -21.12 23.18
N GLN D 49 -41.35 -21.69 21.99
CA GLN D 49 -42.06 -22.96 21.91
C GLN D 49 -41.10 -24.15 22.02
N GLN D 50 -40.05 -24.17 21.20
CA GLN D 50 -39.06 -25.21 21.28
C GLN D 50 -37.98 -24.86 22.31
N ASP D 51 -37.22 -25.87 22.71
CA ASP D 51 -36.17 -25.70 23.70
C ASP D 51 -34.83 -25.56 23.02
N GLY D 52 -33.97 -24.73 23.61
CA GLY D 52 -32.61 -24.62 23.17
C GLY D 52 -31.73 -25.58 23.93
N PRO D 53 -30.41 -25.45 23.74
CA PRO D 53 -29.46 -26.40 24.32
C PRO D 53 -28.96 -26.06 25.71
N CYS D 54 -29.24 -24.88 26.23
CA CYS D 54 -28.69 -24.50 27.51
C CYS D 54 -29.53 -25.06 28.65
N THR D 55 -28.89 -25.24 29.79
CA THR D 55 -29.55 -25.60 31.04
C THR D 55 -28.99 -24.71 32.13
N PRO D 56 -29.62 -24.69 33.31
CA PRO D 56 -29.05 -23.93 34.42
C PRO D 56 -27.64 -24.36 34.75
N ARG D 57 -27.30 -25.62 34.51
CA ARG D 57 -25.97 -26.10 34.83
C ARG D 57 -24.91 -25.59 33.87
N ARG D 58 -25.28 -25.32 32.60
CA ARG D 58 -24.27 -24.97 31.61
C ARG D 58 -24.88 -24.37 30.35
N CYS D 59 -24.29 -23.27 29.87
CA CYS D 59 -24.73 -22.60 28.66
C CYS D 59 -24.00 -23.15 27.45
N LEU D 60 -24.77 -23.51 26.40
CA LEU D 60 -24.24 -23.97 25.12
C LEU D 60 -24.51 -22.98 24.00
N GLY D 61 -24.64 -21.70 24.35
CA GLY D 61 -24.99 -20.71 23.35
C GLY D 61 -23.99 -20.58 22.23
N SER D 62 -22.74 -20.94 22.44
CA SER D 62 -21.76 -20.76 21.38
C SER D 62 -21.73 -21.94 20.42
N LEU D 63 -22.52 -22.99 20.67
CA LEU D 63 -22.52 -24.14 19.79
C LEU D 63 -23.23 -23.80 18.48
N VAL D 64 -22.61 -24.18 17.36
CA VAL D 64 -23.22 -23.90 16.07
C VAL D 64 -24.49 -24.73 15.89
N PHE D 65 -24.39 -26.04 16.08
CA PHE D 65 -25.53 -26.95 15.90
C PHE D 65 -25.87 -27.60 17.23
N PRO D 66 -26.87 -27.08 17.96
CA PRO D 66 -27.35 -27.72 19.19
C PRO D 66 -27.83 -29.15 18.95
N ALA D 79 -49.01 -38.09 15.59
CA ALA D 79 -49.09 -36.95 16.50
C ALA D 79 -49.90 -35.79 15.90
N PRO D 80 -51.20 -36.01 15.68
CA PRO D 80 -52.03 -34.94 15.11
C PRO D 80 -52.32 -33.80 16.08
N GLU D 81 -52.25 -34.05 17.38
CA GLU D 81 -52.65 -33.03 18.36
C GLU D 81 -51.59 -31.94 18.52
N GLN D 82 -50.32 -32.29 18.40
CA GLN D 82 -49.27 -31.28 18.39
C GLN D 82 -49.27 -30.52 17.06
N LEU D 83 -49.67 -31.16 15.97
CA LEU D 83 -49.82 -30.43 14.71
C LEU D 83 -50.94 -29.39 14.84
N LEU D 84 -52.06 -29.80 15.42
CA LEU D 84 -53.19 -28.91 15.61
C LEU D 84 -52.83 -27.71 16.50
N SER D 85 -52.07 -27.95 17.57
CA SER D 85 -51.76 -26.84 18.46
C SER D 85 -50.81 -25.85 17.80
N GLN D 86 -49.84 -26.35 17.03
CA GLN D 86 -48.96 -25.46 16.27
C GLN D 86 -49.73 -24.76 15.16
N ALA D 87 -50.67 -25.46 14.54
CA ALA D 87 -51.47 -24.82 13.49
C ALA D 87 -52.37 -23.74 14.07
N ARG D 88 -52.99 -24.03 15.22
CA ARG D 88 -53.86 -23.04 15.85
C ARG D 88 -53.07 -21.81 16.23
N ASP D 89 -51.90 -22.01 16.83
CA ASP D 89 -51.06 -20.89 17.22
C ASP D 89 -50.72 -20.03 16.01
N PHE D 90 -50.38 -20.67 14.90
CA PHE D 90 -49.97 -19.92 13.72
C PHE D 90 -51.14 -19.16 13.12
N ILE D 91 -52.30 -19.83 13.00
CA ILE D 91 -53.50 -19.15 12.51
C ILE D 91 -53.83 -17.95 13.38
N ASN D 92 -53.66 -18.10 14.70
CA ASN D 92 -53.88 -16.97 15.61
C ASN D 92 -52.86 -15.87 15.38
N GLN D 93 -51.59 -16.24 15.17
CA GLN D 93 -50.59 -15.23 14.81
C GLN D 93 -51.03 -14.48 13.55
N TYR D 94 -51.37 -15.24 12.51
CA TYR D 94 -51.79 -14.63 11.26
C TYR D 94 -52.93 -13.65 11.45
N TYR D 95 -53.98 -14.05 12.17
CA TYR D 95 -55.14 -13.16 12.26
C TYR D 95 -54.88 -11.97 13.17
N SER D 96 -53.98 -12.12 14.14
CA SER D 96 -53.54 -10.95 14.90
C SER D 96 -52.78 -9.97 14.01
N SER D 97 -51.86 -10.50 13.21
CA SER D 97 -51.04 -9.64 12.36
C SER D 97 -51.87 -8.75 11.46
N ILE D 98 -53.05 -9.22 11.03
CA ILE D 98 -53.91 -8.45 10.15
C ILE D 98 -55.05 -7.78 10.91
N LYS D 99 -54.99 -7.80 12.24
CA LYS D 99 -55.92 -7.06 13.09
C LYS D 99 -57.33 -7.63 12.98
N ARG D 100 -57.43 -8.95 12.81
CA ARG D 100 -58.74 -9.56 12.62
C ARG D 100 -58.97 -10.72 13.59
N SER D 101 -58.27 -10.75 14.72
CA SER D 101 -58.53 -11.79 15.71
CA SER D 101 -58.53 -11.77 15.74
C SER D 101 -59.99 -11.77 16.13
N GLY D 102 -60.57 -12.97 16.25
CA GLY D 102 -61.95 -13.10 16.63
C GLY D 102 -62.94 -12.89 15.50
N SER D 103 -62.49 -12.52 14.31
CA SER D 103 -63.40 -12.31 13.20
C SER D 103 -64.01 -13.64 12.76
N GLN D 104 -65.08 -13.56 11.98
CA GLN D 104 -65.66 -14.79 11.45
C GLN D 104 -64.68 -15.49 10.51
N ALA D 105 -63.83 -14.73 9.81
CA ALA D 105 -62.78 -15.36 9.00
C ALA D 105 -61.77 -16.08 9.88
N HIS D 106 -61.41 -15.47 11.01
CA HIS D 106 -60.49 -16.13 11.94
C HIS D 106 -61.09 -17.44 12.45
N GLU D 107 -62.36 -17.40 12.85
CA GLU D 107 -62.98 -18.60 13.41
C GLU D 107 -63.17 -19.67 12.34
N GLN D 108 -63.61 -19.27 11.14
CA GLN D 108 -63.73 -20.21 10.03
C GLN D 108 -62.41 -20.91 9.74
N ARG D 109 -61.30 -20.18 9.76
CA ARG D 109 -60.03 -20.78 9.39
C ARG D 109 -59.56 -21.77 10.43
N LEU D 110 -59.70 -21.42 11.71
CA LEU D 110 -59.44 -22.37 12.79
C LEU D 110 -60.21 -23.66 12.58
N GLN D 111 -61.52 -23.55 12.32
CA GLN D 111 -62.34 -24.75 12.17
C GLN D 111 -61.99 -25.53 10.91
N GLU D 112 -61.64 -24.82 9.82
CA GLU D 112 -61.22 -25.49 8.59
C GLU D 112 -59.93 -26.29 8.80
N VAL D 113 -58.96 -25.70 9.48
CA VAL D 113 -57.69 -26.41 9.73
C VAL D 113 -57.93 -27.64 10.61
N GLU D 114 -58.69 -27.47 11.71
CA GLU D 114 -59.03 -28.62 12.54
C GLU D 114 -59.68 -29.72 11.73
N ALA D 115 -60.63 -29.36 10.85
CA ALA D 115 -61.31 -30.38 10.07
C ALA D 115 -60.36 -31.02 9.06
N GLU D 116 -59.54 -30.22 8.40
CA GLU D 116 -58.63 -30.76 7.40
C GLU D 116 -57.63 -31.70 8.03
N VAL D 117 -57.11 -31.34 9.20
CA VAL D 117 -56.18 -32.21 9.90
C VAL D 117 -56.89 -33.49 10.33
N ALA D 118 -58.14 -33.37 10.82
CA ALA D 118 -58.86 -34.57 11.24
C ALA D 118 -59.17 -35.49 10.06
N ALA D 119 -59.38 -34.92 8.88
CA ALA D 119 -59.73 -35.74 7.73
C ALA D 119 -58.51 -36.23 6.95
N THR D 120 -57.47 -35.39 6.85
CA THR D 120 -56.34 -35.69 5.98
C THR D 120 -55.01 -35.86 6.69
N GLY D 121 -54.93 -35.62 8.01
CA GLY D 121 -53.68 -35.70 8.73
C GLY D 121 -52.77 -34.47 8.60
N THR D 122 -53.12 -33.51 7.75
CA THR D 122 -52.30 -32.33 7.57
C THR D 122 -53.24 -31.21 7.14
N TYR D 123 -52.68 -30.09 6.70
CA TYR D 123 -53.50 -29.07 6.06
C TYR D 123 -52.61 -28.28 5.12
N GLN D 124 -53.23 -27.36 4.39
CA GLN D 124 -52.57 -26.54 3.39
C GLN D 124 -52.72 -25.08 3.77
N LEU D 125 -51.61 -24.35 3.72
CA LEU D 125 -51.65 -22.91 3.97
C LEU D 125 -52.34 -22.16 2.84
N ARG D 126 -53.11 -21.14 3.20
CA ARG D 126 -53.55 -20.17 2.22
C ARG D 126 -52.36 -19.36 1.77
N GLU D 127 -52.43 -18.81 0.56
CA GLU D 127 -51.29 -18.08 0.02
C GLU D 127 -50.86 -16.94 0.94
N SER D 128 -51.83 -16.19 1.46
CA SER D 128 -51.49 -15.10 2.37
CA SER D 128 -51.52 -15.10 2.38
C SER D 128 -50.83 -15.62 3.64
N GLU D 129 -51.24 -16.80 4.11
CA GLU D 129 -50.61 -17.36 5.31
C GLU D 129 -49.18 -17.79 5.04
N LEU D 130 -48.92 -18.38 3.86
CA LEU D 130 -47.55 -18.73 3.48
C LEU D 130 -46.66 -17.51 3.52
N VAL D 131 -47.12 -16.41 2.94
CA VAL D 131 -46.29 -15.21 2.87
C VAL D 131 -46.02 -14.68 4.26
N PHE D 132 -47.08 -14.54 5.07
CA PHE D 132 -46.90 -14.14 6.46
C PHE D 132 -45.93 -15.07 7.18
N GLY D 133 -46.10 -16.38 6.98
CA GLY D 133 -45.28 -17.34 7.71
C GLY D 133 -43.81 -17.27 7.31
N ALA D 134 -43.54 -17.13 6.02
CA ALA D 134 -42.16 -16.99 5.58
C ALA D 134 -41.53 -15.72 6.14
N LYS D 135 -42.27 -14.61 6.18
CA LYS D 135 -41.70 -13.39 6.75
C LYS D 135 -41.48 -13.53 8.25
N GLN D 136 -42.43 -14.16 8.96
CA GLN D 136 -42.25 -14.39 10.39
C GLN D 136 -41.04 -15.28 10.65
N ALA D 137 -40.82 -16.29 9.81
CA ALA D 137 -39.69 -17.18 10.08
C ALA D 137 -38.39 -16.40 9.95
N TRP D 138 -38.34 -15.50 8.99
CA TRP D 138 -37.18 -14.61 8.88
C TRP D 138 -37.10 -13.71 10.10
N ARG D 139 -38.23 -13.11 10.45
CA ARG D 139 -38.32 -12.23 11.62
C ARG D 139 -37.87 -12.95 12.89
N ASN D 140 -38.18 -14.24 12.99
CA ASN D 140 -37.84 -15.00 14.18
C ASN D 140 -36.42 -15.54 14.18
N ALA D 141 -35.66 -15.37 13.09
CA ALA D 141 -34.36 -16.04 12.98
C ALA D 141 -33.32 -15.36 13.87
N PRO D 142 -32.90 -16.01 14.95
CA PRO D 142 -32.03 -15.34 15.94
C PRO D 142 -30.66 -14.97 15.42
N ARG D 143 -30.15 -15.68 14.41
CA ARG D 143 -28.79 -15.47 13.94
C ARG D 143 -28.72 -14.52 12.75
N CYS D 144 -29.85 -13.93 12.32
CA CYS D 144 -29.88 -13.03 11.17
C CYS D 144 -29.82 -11.57 11.63
N VAL D 145 -28.74 -10.86 11.27
CA VAL D 145 -28.63 -9.45 11.61
C VAL D 145 -29.42 -8.57 10.66
N GLY D 146 -29.91 -9.11 9.56
CA GLY D 146 -30.49 -8.24 8.55
C GLY D 146 -32.00 -8.12 8.68
N ARG D 147 -32.53 -8.43 9.85
CA ARG D 147 -33.97 -8.57 10.01
C ARG D 147 -34.73 -7.24 10.00
N ILE D 148 -34.06 -6.09 9.91
CA ILE D 148 -34.78 -4.84 9.74
C ILE D 148 -35.63 -4.94 8.48
N GLN D 149 -35.20 -5.81 7.57
CA GLN D 149 -35.83 -5.96 6.25
C GLN D 149 -36.99 -6.97 6.25
N TRP D 150 -37.36 -7.54 7.40
CA TRP D 150 -38.15 -8.76 7.41
C TRP D 150 -39.51 -8.59 6.74
N GLY D 151 -40.05 -7.38 6.73
CA GLY D 151 -41.31 -7.14 6.07
C GLY D 151 -41.24 -7.11 4.56
N LYS D 152 -40.06 -6.93 3.99
CA LYS D 152 -39.88 -6.85 2.53
C LYS D 152 -39.27 -8.17 2.06
N LEU D 153 -40.14 -9.10 1.68
CA LEU D 153 -39.71 -10.42 1.25
C LEU D 153 -40.63 -10.86 0.12
N GLN D 154 -40.05 -11.14 -1.04
CA GLN D 154 -40.82 -11.67 -2.16
C GLN D 154 -40.96 -13.18 -1.98
N VAL D 155 -42.20 -13.67 -1.94
CA VAL D 155 -42.46 -15.07 -1.63
C VAL D 155 -42.96 -15.75 -2.90
N PHE D 156 -42.16 -16.65 -3.45
CA PHE D 156 -42.54 -17.40 -4.64
C PHE D 156 -43.14 -18.72 -4.19
N ASP D 157 -44.38 -18.96 -4.59
CA ASP D 157 -45.12 -20.13 -4.13
C ASP D 157 -44.87 -21.23 -5.13
N ALA D 158 -43.95 -22.13 -4.80
CA ALA D 158 -43.61 -23.26 -5.65
C ALA D 158 -44.22 -24.55 -5.13
N ARG D 159 -45.34 -24.46 -4.40
CA ARG D 159 -45.91 -25.65 -3.77
C ARG D 159 -46.58 -26.58 -4.77
N ASP D 160 -46.77 -26.14 -6.01
CA ASP D 160 -47.26 -27.01 -7.07
C ASP D 160 -46.13 -27.69 -7.84
N CYS D 161 -44.88 -27.48 -7.43
CA CYS D 161 -43.75 -28.06 -8.15
C CYS D 161 -43.86 -29.58 -8.20
N ARG D 162 -43.50 -30.18 -9.35
CA ARG D 162 -43.68 -31.62 -9.51
C ARG D 162 -42.42 -32.40 -9.86
N SER D 163 -41.30 -31.74 -10.17
CA SER D 163 -40.13 -32.48 -10.58
C SER D 163 -38.89 -31.65 -10.27
N ALA D 164 -37.73 -32.27 -10.45
CA ALA D 164 -36.48 -31.56 -10.21
C ALA D 164 -36.23 -30.54 -11.30
N GLN D 165 -36.64 -30.86 -12.52
CA GLN D 165 -36.57 -29.90 -13.62
C GLN D 165 -37.37 -28.65 -13.28
N GLU D 166 -38.60 -28.83 -12.80
CA GLU D 166 -39.39 -27.68 -12.40
C GLU D 166 -38.79 -26.97 -11.18
N MET D 167 -38.19 -27.73 -10.25
CA MET D 167 -37.41 -27.10 -9.18
C MET D 167 -36.36 -26.15 -9.75
N PHE D 168 -35.62 -26.62 -10.75
CA PHE D 168 -34.60 -25.79 -11.36
C PHE D 168 -35.21 -24.53 -11.97
N THR D 169 -36.38 -24.67 -12.62
CA THR D 169 -37.06 -23.52 -13.18
C THR D 169 -37.38 -22.49 -12.12
N TYR D 170 -38.01 -22.92 -11.02
CA TYR D 170 -38.27 -22.00 -9.92
C TYR D 170 -36.98 -21.40 -9.36
N ILE D 171 -35.94 -22.22 -9.23
CA ILE D 171 -34.68 -21.73 -8.66
C ILE D 171 -34.07 -20.68 -9.57
N CYS D 172 -34.00 -20.96 -10.86
CA CYS D 172 -33.46 -19.98 -11.79
C CYS D 172 -34.28 -18.69 -11.76
N ASN D 173 -35.62 -18.81 -11.71
CA ASN D 173 -36.43 -17.59 -11.67
C ASN D 173 -36.20 -16.81 -10.38
N HIS D 174 -36.07 -17.51 -9.25
CA HIS D 174 -35.71 -16.88 -8.00
C HIS D 174 -34.41 -16.10 -8.13
N ILE D 175 -33.37 -16.76 -8.66
CA ILE D 175 -32.07 -16.14 -8.78
C ILE D 175 -32.16 -14.88 -9.64
N LYS D 176 -32.85 -14.97 -10.77
CA LYS D 176 -32.99 -13.81 -11.64
C LYS D 176 -33.74 -12.67 -10.95
N TYR D 177 -34.87 -12.98 -10.31
CA TYR D 177 -35.62 -11.93 -9.62
C TYR D 177 -34.81 -11.31 -8.50
N ALA D 178 -34.18 -12.17 -7.68
CA ALA D 178 -33.48 -11.69 -6.50
C ALA D 178 -32.24 -10.92 -6.88
N THR D 179 -31.55 -11.35 -7.93
CA THR D 179 -30.33 -10.65 -8.35
C THR D 179 -30.67 -9.30 -8.95
N ASN D 180 -31.68 -9.26 -9.82
CA ASN D 180 -32.21 -7.98 -10.30
C ASN D 180 -31.08 -7.11 -10.86
N ARG D 181 -30.18 -7.73 -11.62
CA ARG D 181 -29.02 -7.05 -12.23
C ARG D 181 -28.15 -6.34 -11.20
N GLY D 182 -28.12 -6.81 -9.97
CA GLY D 182 -27.30 -6.25 -8.92
C GLY D 182 -28.05 -5.46 -7.88
N ASN D 183 -29.29 -5.05 -8.17
CA ASN D 183 -30.10 -4.32 -7.20
C ASN D 183 -30.92 -5.36 -6.45
N LEU D 184 -30.25 -5.99 -5.49
CA LEU D 184 -30.73 -7.25 -4.93
C LEU D 184 -32.04 -7.07 -4.18
N ARG D 185 -32.89 -8.09 -4.30
CA ARG D 185 -34.20 -8.12 -3.64
C ARG D 185 -34.32 -9.42 -2.85
N SER D 186 -34.78 -9.30 -1.62
CA SER D 186 -34.94 -10.47 -0.77
C SER D 186 -36.06 -11.35 -1.30
N ALA D 187 -35.85 -12.66 -1.28
CA ALA D 187 -36.85 -13.55 -1.84
C ALA D 187 -36.73 -14.92 -1.23
N ILE D 188 -37.84 -15.62 -1.22
CA ILE D 188 -37.89 -17.02 -0.83
C ILE D 188 -38.78 -17.74 -1.83
N THR D 189 -38.37 -18.94 -2.21
CA THR D 189 -39.20 -19.83 -3.00
C THR D 189 -39.56 -21.03 -2.12
N VAL D 190 -40.87 -21.31 -2.00
CA VAL D 190 -41.35 -22.35 -1.10
C VAL D 190 -41.81 -23.52 -1.95
N PHE D 191 -41.05 -24.61 -1.91
CA PHE D 191 -41.41 -25.84 -2.60
C PHE D 191 -42.41 -26.61 -1.75
N PRO D 192 -42.98 -27.70 -2.27
CA PRO D 192 -44.09 -28.36 -1.55
C PRO D 192 -43.66 -28.86 -0.19
N GLN D 193 -44.60 -28.77 0.75
CA GLN D 193 -44.38 -29.21 2.11
C GLN D 193 -44.17 -30.72 2.20
N ARG D 194 -43.54 -31.12 3.29
CA ARG D 194 -43.40 -32.52 3.61
C ARG D 194 -44.78 -33.14 3.80
N CYS D 195 -44.96 -34.35 3.29
CA CYS D 195 -46.24 -35.01 3.46
C CYS D 195 -46.03 -36.52 3.50
N PRO D 196 -46.82 -37.22 4.30
CA PRO D 196 -46.64 -38.67 4.40
C PRO D 196 -46.88 -39.34 3.06
N GLY D 197 -46.15 -40.43 2.85
CA GLY D 197 -46.30 -41.21 1.64
C GLY D 197 -45.40 -40.80 0.51
N ARG D 198 -44.63 -39.73 0.70
CA ARG D 198 -43.83 -39.16 -0.37
C ARG D 198 -42.54 -38.60 0.23
N GLY D 199 -41.44 -38.79 -0.49
CA GLY D 199 -40.20 -38.17 -0.10
C GLY D 199 -40.28 -36.65 -0.17
N ASP D 200 -39.23 -36.01 0.32
CA ASP D 200 -39.16 -34.57 0.38
C ASP D 200 -38.59 -34.02 -0.93
N PHE D 201 -38.97 -32.79 -1.23
CA PHE D 201 -38.12 -31.98 -2.11
C PHE D 201 -36.92 -31.53 -1.29
N ARG D 202 -35.73 -31.64 -1.85
CA ARG D 202 -34.52 -31.13 -1.22
C ARG D 202 -33.62 -30.48 -2.24
N ILE D 203 -32.95 -29.41 -1.83
CA ILE D 203 -31.78 -28.90 -2.51
C ILE D 203 -30.59 -29.40 -1.73
N TRP D 204 -29.73 -30.21 -2.36
CA TRP D 204 -28.59 -30.74 -1.63
C TRP D 204 -27.57 -29.65 -1.31
N ASN D 205 -27.38 -28.70 -2.22
CA ASN D 205 -26.42 -27.64 -1.99
C ASN D 205 -26.85 -26.77 -0.81
N SER D 206 -25.88 -26.30 -0.04
CA SER D 206 -26.24 -25.48 1.12
C SER D 206 -26.62 -24.08 0.70
N GLN D 207 -26.11 -23.62 -0.45
CA GLN D 207 -26.54 -22.36 -1.04
C GLN D 207 -26.75 -22.57 -2.53
N LEU D 208 -27.54 -21.68 -3.13
CA LEU D 208 -27.72 -21.77 -4.57
C LEU D 208 -26.41 -21.49 -5.32
N VAL D 209 -25.54 -20.63 -4.79
CA VAL D 209 -24.25 -20.37 -5.42
C VAL D 209 -23.17 -20.79 -4.45
N ARG D 210 -22.37 -21.77 -4.86
CA ARG D 210 -21.23 -22.26 -4.10
C ARG D 210 -20.07 -22.45 -5.06
N TYR D 211 -18.87 -22.13 -4.58
CA TYR D 211 -17.69 -22.42 -5.36
C TYR D 211 -17.18 -23.80 -4.98
N ALA D 212 -16.79 -24.57 -6.00
CA ALA D 212 -16.20 -25.89 -5.81
C ALA D 212 -15.00 -25.83 -4.87
N GLY D 213 -14.85 -26.91 -4.10
CA GLY D 213 -13.65 -27.14 -3.35
C GLY D 213 -13.07 -28.49 -3.73
N TYR D 214 -11.87 -28.50 -4.32
CA TYR D 214 -11.24 -29.72 -4.82
C TYR D 214 -10.12 -30.14 -3.86
N ARG D 215 -10.29 -31.28 -3.19
CA ARG D 215 -9.21 -31.85 -2.41
C ARG D 215 -8.04 -32.17 -3.32
N GLN D 216 -6.84 -31.77 -2.91
CA GLN D 216 -5.64 -32.21 -3.60
C GLN D 216 -5.02 -33.36 -2.80
N GLN D 217 -4.22 -34.17 -3.48
CA GLN D 217 -3.60 -35.32 -2.82
C GLN D 217 -2.84 -34.90 -1.57
N ASP D 218 -2.17 -33.75 -1.63
CA ASP D 218 -1.43 -33.28 -0.47
C ASP D 218 -2.33 -32.76 0.66
N GLY D 219 -3.65 -32.98 0.64
CA GLY D 219 -4.52 -32.54 1.70
C GLY D 219 -5.06 -31.12 1.58
N SER D 220 -4.38 -30.27 0.82
CA SER D 220 -4.89 -28.91 0.64
C SER D 220 -6.15 -28.92 -0.22
N VAL D 221 -6.74 -27.74 -0.39
CA VAL D 221 -7.97 -27.57 -1.15
C VAL D 221 -7.78 -26.46 -2.17
N ARG D 222 -8.14 -26.73 -3.41
CA ARG D 222 -8.28 -25.69 -4.42
C ARG D 222 -9.74 -25.24 -4.46
N GLY D 223 -9.95 -23.95 -4.27
CA GLY D 223 -11.30 -23.45 -4.20
C GLY D 223 -11.74 -23.27 -2.77
N ASP D 224 -13.01 -23.53 -2.50
CA ASP D 224 -13.60 -23.23 -1.20
C ASP D 224 -13.63 -24.48 -0.34
N PRO D 225 -12.81 -24.58 0.69
CA PRO D 225 -12.82 -25.80 1.53
C PRO D 225 -14.17 -26.09 2.17
N ALA D 226 -15.05 -25.09 2.33
CA ALA D 226 -16.37 -25.36 2.89
C ALA D 226 -17.19 -26.28 2.01
N ASN D 227 -16.85 -26.42 0.73
CA ASN D 227 -17.71 -27.09 -0.23
C ASN D 227 -17.09 -28.38 -0.76
N VAL D 228 -16.09 -28.94 -0.07
CA VAL D 228 -15.47 -30.17 -0.53
C VAL D 228 -16.49 -31.28 -0.65
N GLU D 229 -17.37 -31.41 0.35
CA GLU D 229 -18.27 -32.55 0.34
C GLU D 229 -19.29 -32.43 -0.78
N ILE D 230 -19.90 -31.26 -0.94
CA ILE D 230 -20.89 -31.10 -2.00
C ILE D 230 -20.24 -31.17 -3.37
N THR D 231 -19.00 -30.66 -3.49
CA THR D 231 -18.23 -30.83 -4.72
C THR D 231 -18.08 -32.32 -5.06
N GLU D 232 -17.65 -33.12 -4.08
CA GLU D 232 -17.46 -34.54 -4.35
C GLU D 232 -18.78 -35.22 -4.69
N LEU D 233 -19.87 -34.79 -4.04
CA LEU D 233 -21.18 -35.33 -4.39
C LEU D 233 -21.57 -34.97 -5.81
N CYS D 234 -21.26 -33.74 -6.23
CA CYS D 234 -21.53 -33.35 -7.61
C CYS D 234 -20.74 -34.20 -8.59
N ILE D 235 -19.44 -34.37 -8.31
CA ILE D 235 -18.62 -35.24 -9.15
C ILE D 235 -19.16 -36.66 -9.14
N GLN D 236 -19.58 -37.14 -7.96
CA GLN D 236 -20.15 -38.48 -7.86
C GLN D 236 -21.38 -38.63 -8.74
N HIS D 237 -22.18 -37.57 -8.89
CA HIS D 237 -23.41 -37.65 -9.69
C HIS D 237 -23.22 -37.17 -11.12
N GLY D 238 -21.99 -37.19 -11.62
CA GLY D 238 -21.74 -36.97 -13.02
C GLY D 238 -21.36 -35.58 -13.43
N TRP D 239 -20.98 -34.72 -12.50
CA TRP D 239 -20.46 -33.41 -12.85
C TRP D 239 -18.99 -33.54 -13.23
N THR D 240 -18.63 -33.06 -14.41
CA THR D 240 -17.22 -32.96 -14.79
C THR D 240 -16.64 -31.75 -14.07
N PRO D 241 -15.72 -31.96 -13.11
CA PRO D 241 -15.26 -30.83 -12.29
C PRO D 241 -14.41 -29.88 -13.11
N GLY D 242 -14.31 -28.64 -12.62
CA GLY D 242 -13.33 -27.69 -13.10
C GLY D 242 -12.03 -27.85 -12.35
N ASN D 243 -11.18 -26.84 -12.47
CA ASN D 243 -9.95 -26.84 -11.68
C ASN D 243 -9.60 -25.46 -11.17
N GLY D 244 -10.58 -24.54 -11.10
CA GLY D 244 -10.32 -23.19 -10.65
C GLY D 244 -10.59 -23.03 -9.16
N ARG D 245 -10.34 -21.82 -8.69
CA ARG D 245 -10.65 -21.52 -7.29
C ARG D 245 -12.06 -20.98 -7.13
N PHE D 246 -12.73 -20.66 -8.22
CA PHE D 246 -14.07 -20.07 -8.14
C PHE D 246 -14.99 -20.70 -9.17
N ASP D 247 -14.98 -22.04 -9.25
CA ASP D 247 -15.88 -22.75 -10.16
C ASP D 247 -17.25 -22.87 -9.49
N VAL D 248 -18.26 -22.25 -10.10
CA VAL D 248 -19.60 -22.32 -9.53
C VAL D 248 -20.12 -23.74 -9.65
N LEU D 249 -20.61 -24.28 -8.56
CA LEU D 249 -21.04 -25.67 -8.55
C LEU D 249 -22.41 -25.80 -9.22
N PRO D 250 -22.68 -26.96 -9.82
CA PRO D 250 -24.06 -27.26 -10.23
C PRO D 250 -24.95 -27.46 -9.02
N LEU D 251 -26.24 -27.44 -9.28
CA LEU D 251 -27.22 -27.77 -8.26
C LEU D 251 -27.55 -29.26 -8.32
N LEU D 252 -27.62 -29.88 -7.15
CA LEU D 252 -28.15 -31.23 -7.00
C LEU D 252 -29.54 -31.09 -6.41
N LEU D 253 -30.55 -31.40 -7.21
CA LEU D 253 -31.93 -31.14 -6.85
C LEU D 253 -32.66 -32.45 -6.73
N GLN D 254 -33.32 -32.65 -5.61
CA GLN D 254 -33.98 -33.91 -5.32
C GLN D 254 -35.50 -33.72 -5.36
N ALA D 255 -36.15 -34.40 -6.29
CA ALA D 255 -37.60 -34.50 -6.26
C ALA D 255 -37.99 -35.68 -5.38
N PRO D 256 -39.23 -35.72 -4.89
CA PRO D 256 -39.63 -36.80 -3.98
C PRO D 256 -39.33 -38.18 -4.55
N ASP D 257 -38.67 -39.00 -3.72
CA ASP D 257 -38.42 -40.42 -3.98
C ASP D 257 -37.54 -40.64 -5.20
N GLU D 258 -36.75 -39.64 -5.58
CA GLU D 258 -35.89 -39.66 -6.74
C GLU D 258 -34.45 -39.44 -6.30
N PRO D 259 -33.49 -40.05 -6.99
CA PRO D 259 -32.10 -39.63 -6.80
C PRO D 259 -31.95 -38.19 -7.18
N PRO D 260 -30.97 -37.47 -6.61
CA PRO D 260 -30.76 -36.08 -7.01
C PRO D 260 -30.42 -36.00 -8.49
N GLU D 261 -30.74 -34.86 -9.07
CA GLU D 261 -30.49 -34.59 -10.48
C GLU D 261 -29.63 -33.35 -10.57
N LEU D 262 -28.67 -33.38 -11.48
CA LEU D 262 -27.65 -32.35 -11.58
C LEU D 262 -28.10 -31.28 -12.56
N PHE D 263 -28.03 -30.02 -12.16
CA PHE D 263 -28.42 -28.90 -13.01
C PHE D 263 -27.31 -27.85 -13.00
N LEU D 264 -26.91 -27.39 -14.18
CA LEU D 264 -25.92 -26.34 -14.31
C LEU D 264 -26.60 -24.97 -14.31
N LEU D 265 -26.15 -24.07 -13.46
CA LEU D 265 -26.66 -22.72 -13.51
C LEU D 265 -26.09 -22.01 -14.73
N PRO D 266 -26.92 -21.42 -15.58
CA PRO D 266 -26.39 -20.66 -16.71
C PRO D 266 -25.47 -19.56 -16.20
N PRO D 267 -24.26 -19.43 -16.74
CA PRO D 267 -23.33 -18.44 -16.18
C PRO D 267 -23.87 -17.03 -16.18
N GLU D 268 -24.71 -16.66 -17.15
CA GLU D 268 -25.29 -15.32 -17.11
C GLU D 268 -26.24 -15.13 -15.94
N LEU D 269 -26.68 -16.21 -15.29
CA LEU D 269 -27.55 -16.11 -14.14
C LEU D 269 -26.80 -15.83 -12.85
N VAL D 270 -25.55 -16.26 -12.75
CA VAL D 270 -24.78 -16.14 -11.52
C VAL D 270 -23.99 -14.83 -11.63
N LEU D 271 -24.52 -13.77 -11.06
CA LEU D 271 -23.80 -12.50 -11.04
C LEU D 271 -22.63 -12.60 -10.06
N GLU D 272 -21.44 -12.22 -10.53
CA GLU D 272 -20.26 -12.28 -9.69
C GLU D 272 -19.58 -10.91 -9.67
N VAL D 273 -18.73 -10.71 -8.66
CA VAL D 273 -18.04 -9.44 -8.48
C VAL D 273 -16.53 -9.69 -8.44
N PRO D 274 -15.77 -9.23 -9.42
CA PRO D 274 -14.31 -9.27 -9.29
C PRO D 274 -13.85 -8.33 -8.19
N LEU D 275 -12.90 -8.79 -7.39
CA LEU D 275 -12.49 -8.04 -6.22
C LEU D 275 -11.25 -7.22 -6.56
N GLU D 276 -11.33 -5.92 -6.34
CA GLU D 276 -10.18 -5.04 -6.41
C GLU D 276 -10.18 -4.16 -5.18
N HIS D 277 -9.05 -3.52 -4.95
CA HIS D 277 -8.97 -2.59 -3.86
C HIS D 277 -8.75 -1.19 -4.41
N PRO D 278 -9.40 -0.17 -3.85
CA PRO D 278 -9.33 1.17 -4.45
C PRO D 278 -7.93 1.75 -4.46
N THR D 279 -7.09 1.36 -3.50
CA THR D 279 -5.74 1.85 -3.49
C THR D 279 -4.68 0.77 -3.50
N LEU D 280 -5.00 -0.51 -3.36
CA LEU D 280 -3.95 -1.53 -3.41
C LEU D 280 -4.05 -2.19 -4.78
N GLU D 281 -3.35 -1.61 -5.77
CA GLU D 281 -3.58 -1.97 -7.16
C GLU D 281 -3.32 -3.45 -7.43
N TRP D 282 -2.38 -4.05 -6.70
CA TRP D 282 -2.07 -5.46 -6.92
C TRP D 282 -3.19 -6.38 -6.44
N PHE D 283 -4.08 -5.87 -5.57
CA PHE D 283 -5.11 -6.73 -5.01
C PHE D 283 -5.92 -7.41 -6.11
N ALA D 284 -6.26 -6.66 -7.15
CA ALA D 284 -7.00 -7.22 -8.29
C ALA D 284 -6.30 -8.42 -8.89
N ALA D 285 -4.95 -8.44 -8.87
CA ALA D 285 -4.22 -9.52 -9.50
C ALA D 285 -4.32 -10.83 -8.73
N LEU D 286 -4.81 -10.79 -7.49
CA LEU D 286 -5.10 -12.02 -6.76
C LEU D 286 -6.14 -12.88 -7.47
N GLY D 287 -6.90 -12.29 -8.40
CA GLY D 287 -7.93 -13.04 -9.09
C GLY D 287 -9.12 -13.40 -8.24
N LEU D 288 -9.35 -12.67 -7.15
CA LEU D 288 -10.46 -13.02 -6.26
C LEU D 288 -11.79 -12.50 -6.80
N ARG D 289 -12.85 -13.27 -6.50
CA ARG D 289 -14.20 -12.94 -6.89
C ARG D 289 -15.14 -13.42 -5.79
N TRP D 290 -16.35 -12.86 -5.76
CA TRP D 290 -17.43 -13.45 -4.98
C TRP D 290 -18.74 -13.21 -5.72
N TYR D 291 -19.77 -13.95 -5.34
CA TYR D 291 -21.03 -13.87 -6.05
C TYR D 291 -21.97 -12.90 -5.35
N ALA D 292 -22.90 -12.37 -6.14
CA ALA D 292 -23.81 -11.34 -5.65
C ALA D 292 -24.78 -11.89 -4.61
N LEU D 293 -25.26 -13.12 -4.80
CA LEU D 293 -26.49 -13.54 -4.16
C LEU D 293 -26.25 -14.53 -3.03
N PRO D 294 -26.48 -14.16 -1.75
CA PRO D 294 -26.44 -15.17 -0.69
C PRO D 294 -27.80 -15.86 -0.62
N ALA D 295 -27.87 -17.11 -1.04
CA ALA D 295 -29.15 -17.82 -1.14
C ALA D 295 -29.03 -19.16 -0.41
N VAL D 296 -29.53 -19.20 0.81
CA VAL D 296 -29.43 -20.39 1.65
C VAL D 296 -30.48 -21.39 1.21
N SER D 297 -30.06 -22.64 0.96
CA SER D 297 -30.97 -23.59 0.33
C SER D 297 -31.10 -24.92 1.06
N ASN D 298 -30.51 -25.06 2.25
CA ASN D 298 -30.56 -26.34 2.95
C ASN D 298 -31.31 -26.26 4.28
N MET D 299 -32.00 -25.17 4.56
CA MET D 299 -32.74 -25.03 5.80
C MET D 299 -34.19 -25.42 5.60
N LEU D 300 -34.80 -25.85 6.68
CA LEU D 300 -36.19 -26.28 6.66
C LEU D 300 -37.03 -25.11 7.14
N LEU D 301 -38.09 -24.79 6.40
CA LEU D 301 -39.03 -23.76 6.80
C LEU D 301 -40.21 -24.43 7.48
N GLU D 302 -40.49 -24.01 8.71
CA GLU D 302 -41.58 -24.59 9.49
C GLU D 302 -42.61 -23.50 9.77
N ILE D 303 -43.86 -23.75 9.37
CA ILE D 303 -44.96 -22.80 9.54
C ILE D 303 -46.16 -23.59 10.02
N GLY D 304 -46.65 -23.26 11.21
CA GLY D 304 -47.88 -23.87 11.70
C GLY D 304 -47.82 -25.37 11.79
N GLY D 305 -46.66 -25.91 12.16
CA GLY D 305 -46.48 -27.34 12.19
C GLY D 305 -46.22 -27.99 10.85
N LEU D 306 -46.40 -27.27 9.75
CA LEU D 306 -46.01 -27.77 8.43
C LEU D 306 -44.52 -27.55 8.22
N GLU D 307 -43.91 -28.45 7.47
CA GLU D 307 -42.48 -28.42 7.23
C GLU D 307 -42.23 -28.34 5.74
N PHE D 308 -41.39 -27.39 5.35
CA PHE D 308 -41.01 -27.18 3.96
C PHE D 308 -39.52 -27.43 3.89
N PRO D 309 -39.09 -28.65 3.55
CA PRO D 309 -37.64 -28.95 3.57
C PRO D 309 -36.86 -28.31 2.43
N ALA D 310 -37.52 -27.80 1.40
CA ALA D 310 -36.84 -27.05 0.35
C ALA D 310 -37.55 -25.71 0.24
N ALA D 311 -36.87 -24.65 0.68
CA ALA D 311 -37.43 -23.32 0.68
C ALA D 311 -36.28 -22.33 0.66
N PRO D 312 -35.54 -22.28 -0.46
CA PRO D 312 -34.35 -21.42 -0.51
C PRO D 312 -34.71 -19.95 -0.38
N PHE D 313 -33.91 -19.23 0.39
CA PHE D 313 -34.17 -17.81 0.61
C PHE D 313 -32.90 -17.03 0.37
N SER D 314 -33.07 -15.77 -0.02
CA SER D 314 -31.89 -15.00 -0.36
C SER D 314 -32.10 -13.56 0.04
N GLY D 315 -31.00 -12.86 0.26
CA GLY D 315 -31.07 -11.46 0.58
C GLY D 315 -29.94 -10.76 -0.14
N TRP D 316 -29.11 -10.06 0.62
CA TRP D 316 -27.87 -9.54 0.08
C TRP D 316 -26.81 -9.66 1.15
N TYR D 317 -25.56 -9.56 0.72
CA TYR D 317 -24.46 -9.82 1.62
C TYR D 317 -24.20 -8.66 2.57
N MET D 318 -23.76 -9.01 3.77
CA MET D 318 -23.00 -8.10 4.62
C MET D 318 -21.52 -8.34 4.37
N SER D 319 -20.75 -7.26 4.19
CA SER D 319 -19.42 -7.38 3.63
C SER D 319 -18.51 -8.28 4.47
N THR D 320 -18.69 -8.33 5.80
CA THR D 320 -17.81 -9.17 6.62
C THR D 320 -17.96 -10.65 6.29
N GLU D 321 -19.15 -11.07 5.84
CA GLU D 321 -19.33 -12.48 5.46
C GLU D 321 -18.32 -12.86 4.40
N ILE D 322 -18.10 -11.96 3.44
CA ILE D 322 -17.18 -12.24 2.35
C ILE D 322 -15.75 -11.91 2.75
N GLY D 323 -15.55 -10.67 3.18
CA GLY D 323 -14.19 -10.19 3.35
C GLY D 323 -13.51 -10.75 4.57
N THR D 324 -14.28 -11.06 5.62
CA THR D 324 -13.69 -11.59 6.84
C THR D 324 -13.77 -13.12 6.89
N ARG D 325 -14.99 -13.67 6.85
CA ARG D 325 -15.11 -15.12 7.02
C ARG D 325 -14.65 -15.87 5.78
N ASN D 326 -15.25 -15.57 4.62
CA ASN D 326 -15.01 -16.41 3.45
C ASN D 326 -13.58 -16.27 2.94
N LEU D 327 -13.04 -15.07 2.98
CA LEU D 327 -11.69 -14.90 2.45
C LEU D 327 -10.61 -15.04 3.52
N CYS D 328 -10.88 -14.70 4.78
CA CYS D 328 -9.82 -14.73 5.78
C CYS D 328 -9.88 -15.87 6.77
N ASP D 329 -10.97 -16.63 6.85
CA ASP D 329 -10.96 -17.81 7.69
C ASP D 329 -9.81 -18.72 7.28
N PRO D 330 -9.04 -19.26 8.23
CA PRO D 330 -7.95 -20.16 7.87
C PRO D 330 -8.42 -21.41 7.15
N HIS D 331 -9.66 -21.83 7.41
CA HIS D 331 -10.25 -22.99 6.78
C HIS D 331 -11.15 -22.64 5.61
N ARG D 332 -11.11 -21.39 5.15
CA ARG D 332 -11.75 -21.03 3.89
C ARG D 332 -10.68 -20.59 2.90
N TYR D 333 -10.85 -19.46 2.23
CA TYR D 333 -9.88 -19.10 1.20
C TYR D 333 -8.53 -18.69 1.81
N ASN D 334 -8.53 -18.24 3.07
CA ASN D 334 -7.29 -18.09 3.84
C ASN D 334 -6.26 -17.18 3.14
N ILE D 335 -6.69 -15.98 2.75
CA ILE D 335 -5.80 -15.10 1.97
C ILE D 335 -5.07 -14.10 2.84
N LEU D 336 -5.25 -14.13 4.16
CA LEU D 336 -4.84 -13.01 5.00
C LEU D 336 -3.34 -12.77 4.92
N GLU D 337 -2.55 -13.83 5.02
CA GLU D 337 -1.10 -13.65 5.07
C GLU D 337 -0.54 -13.19 3.73
N ASP D 338 -1.09 -13.69 2.62
CA ASP D 338 -0.63 -13.28 1.31
C ASP D 338 -0.94 -11.80 1.07
N VAL D 339 -2.13 -11.36 1.47
CA VAL D 339 -2.47 -9.94 1.39
C VAL D 339 -1.54 -9.13 2.29
N ALA D 340 -1.33 -9.59 3.52
CA ALA D 340 -0.50 -8.81 4.43
C ALA D 340 0.93 -8.71 3.92
N VAL D 341 1.47 -9.80 3.36
CA VAL D 341 2.80 -9.73 2.78
C VAL D 341 2.81 -8.78 1.59
N CYS D 342 1.76 -8.79 0.77
CA CYS D 342 1.74 -7.88 -0.37
C CYS D 342 1.57 -6.44 0.06
N MET D 343 0.91 -6.19 1.20
CA MET D 343 0.91 -4.86 1.80
C MET D 343 2.22 -4.49 2.46
N ASP D 344 3.22 -5.37 2.34
CA ASP D 344 4.51 -5.28 3.02
C ASP D 344 4.37 -4.97 4.51
N LEU D 345 3.46 -5.69 5.16
CA LEU D 345 3.34 -5.62 6.60
C LEU D 345 4.31 -6.61 7.23
N ASP D 346 4.71 -6.32 8.47
CA ASP D 346 5.64 -7.20 9.19
C ASP D 346 4.84 -8.34 9.78
N THR D 347 4.91 -9.50 9.14
CA THR D 347 4.13 -10.66 9.55
C THR D 347 4.88 -11.56 10.53
N ARG D 348 6.05 -11.13 11.01
CA ARG D 348 6.85 -11.98 11.87
C ARG D 348 6.36 -11.97 13.32
N THR D 349 5.76 -10.87 13.75
CA THR D 349 5.23 -10.75 15.10
C THR D 349 3.76 -10.38 15.05
N THR D 350 2.99 -10.87 16.02
CA THR D 350 1.56 -10.64 16.00
C THR D 350 1.21 -9.21 16.41
N SER D 351 2.03 -8.59 17.26
CA SER D 351 1.72 -7.30 17.83
C SER D 351 1.80 -6.15 16.83
N SER D 352 2.30 -6.40 15.62
CA SER D 352 2.15 -5.38 14.58
C SER D 352 0.70 -5.26 14.11
N LEU D 353 -0.15 -6.21 14.47
CA LEU D 353 -1.56 -6.23 14.07
C LEU D 353 -1.70 -6.31 12.55
N TRP D 354 -0.75 -6.98 11.91
CA TRP D 354 -0.82 -7.16 10.47
C TRP D 354 -2.07 -7.92 10.06
N LYS D 355 -2.48 -8.91 10.85
CA LYS D 355 -3.72 -9.61 10.53
C LYS D 355 -4.89 -8.64 10.50
N ASP D 356 -4.98 -7.79 11.54
CA ASP D 356 -6.08 -6.85 11.64
C ASP D 356 -6.07 -5.88 10.47
N LYS D 357 -4.89 -5.32 10.15
CA LYS D 357 -4.80 -4.37 9.06
C LYS D 357 -5.15 -5.02 7.74
N ALA D 358 -4.61 -6.21 7.48
CA ALA D 358 -4.89 -6.86 6.20
C ALA D 358 -6.37 -7.20 6.10
N ALA D 359 -6.99 -7.68 7.18
CA ALA D 359 -8.42 -8.00 7.16
C ALA D 359 -9.26 -6.78 6.85
N VAL D 360 -8.94 -5.65 7.45
CA VAL D 360 -9.73 -4.44 7.18
C VAL D 360 -9.67 -4.09 5.69
N GLU D 361 -8.48 -4.20 5.09
CA GLU D 361 -8.34 -3.81 3.69
C GLU D 361 -9.02 -4.81 2.77
N ILE D 362 -9.06 -6.07 3.17
CA ILE D 362 -9.82 -7.04 2.36
C ILE D 362 -11.29 -6.70 2.42
N ASN D 363 -11.79 -6.32 3.59
CA ASN D 363 -13.18 -5.89 3.70
C ASN D 363 -13.44 -4.62 2.90
N VAL D 364 -12.50 -3.67 2.93
CA VAL D 364 -12.62 -2.49 2.08
C VAL D 364 -12.75 -2.91 0.62
N ALA D 365 -11.91 -3.85 0.18
CA ALA D 365 -11.94 -4.29 -1.20
C ALA D 365 -13.30 -4.87 -1.58
N VAL D 366 -13.88 -5.71 -0.71
CA VAL D 366 -15.20 -6.26 -0.97
C VAL D 366 -16.23 -5.13 -1.11
N LEU D 367 -16.22 -4.19 -0.16
CA LEU D 367 -17.17 -3.09 -0.18
C LEU D 367 -17.00 -2.25 -1.44
N HIS D 368 -15.77 -1.84 -1.72
CA HIS D 368 -15.48 -1.10 -2.92
C HIS D 368 -15.89 -1.87 -4.17
N SER D 369 -15.58 -3.16 -4.22
CA SER D 369 -15.82 -3.92 -5.45
C SER D 369 -17.31 -4.11 -5.68
N TYR D 370 -18.06 -4.42 -4.62
CA TYR D 370 -19.50 -4.53 -4.77
C TYR D 370 -20.12 -3.20 -5.20
N GLN D 371 -19.68 -2.10 -4.59
CA GLN D 371 -20.21 -0.80 -4.99
C GLN D 371 -19.87 -0.48 -6.44
N LEU D 372 -18.62 -0.74 -6.85
CA LEU D 372 -18.20 -0.54 -8.23
C LEU D 372 -19.04 -1.37 -9.20
N ALA D 373 -19.31 -2.61 -8.85
CA ALA D 373 -20.10 -3.49 -9.69
C ALA D 373 -21.60 -3.22 -9.56
N LYS D 374 -21.99 -2.24 -8.74
CA LYS D 374 -23.38 -1.89 -8.53
C LYS D 374 -24.17 -3.10 -8.01
N VAL D 375 -23.57 -3.84 -7.09
CA VAL D 375 -24.23 -4.97 -6.45
C VAL D 375 -24.46 -4.63 -5.00
N THR D 376 -25.72 -4.74 -4.57
CA THR D 376 -26.13 -4.44 -3.21
C THR D 376 -25.23 -5.13 -2.19
N ILE D 377 -24.76 -4.35 -1.21
CA ILE D 377 -23.98 -4.90 -0.12
C ILE D 377 -24.12 -3.94 1.03
N VAL D 378 -24.01 -4.45 2.24
CA VAL D 378 -24.14 -3.61 3.40
C VAL D 378 -22.92 -3.84 4.27
N ASP D 379 -22.35 -2.77 4.81
CA ASP D 379 -21.20 -2.98 5.67
C ASP D 379 -21.70 -3.29 7.08
N HIS D 380 -20.80 -3.83 7.91
CA HIS D 380 -21.21 -4.31 9.23
C HIS D 380 -21.56 -3.18 10.18
N HIS D 381 -21.09 -1.97 9.93
CA HIS D 381 -21.55 -0.83 10.74
C HIS D 381 -22.99 -0.48 10.43
N ALA D 382 -23.30 -0.29 9.15
CA ALA D 382 -24.67 -0.01 8.77
C ALA D 382 -25.60 -1.15 9.17
N ALA D 383 -25.17 -2.41 8.95
CA ALA D 383 -26.07 -3.53 9.23
C ALA D 383 -26.39 -3.61 10.72
N THR D 384 -25.36 -3.47 11.57
CA THR D 384 -25.62 -3.57 12.99
C THR D 384 -26.40 -2.37 13.51
N ALA D 385 -26.20 -1.18 12.94
CA ALA D 385 -27.03 -0.06 13.34
C ALA D 385 -28.48 -0.32 12.97
N SER D 386 -28.71 -0.90 11.81
CA SER D 386 -30.09 -1.17 11.45
C SER D 386 -30.66 -2.28 12.32
N PHE D 387 -29.84 -3.25 12.74
CA PHE D 387 -30.35 -4.26 13.66
C PHE D 387 -30.74 -3.66 15.00
N MET D 388 -30.01 -2.63 15.47
CA MET D 388 -30.43 -1.96 16.70
C MET D 388 -31.81 -1.32 16.53
N LYS D 389 -32.06 -0.71 15.38
CA LYS D 389 -33.40 -0.20 15.12
C LYS D 389 -34.42 -1.33 15.09
N HIS D 390 -34.03 -2.48 14.51
CA HIS D 390 -34.93 -3.63 14.50
C HIS D 390 -35.28 -4.06 15.92
N LEU D 391 -34.27 -4.15 16.79
CA LEU D 391 -34.53 -4.48 18.20
C LEU D 391 -35.51 -3.53 18.83
N GLU D 392 -35.34 -2.22 18.55
CA GLU D 392 -36.24 -1.24 19.11
C GLU D 392 -37.66 -1.40 18.56
N ASN D 393 -37.78 -1.66 17.25
CA ASN D 393 -39.09 -1.91 16.66
C ASN D 393 -39.75 -3.13 17.28
N GLU D 394 -38.98 -4.20 17.49
CA GLU D 394 -39.54 -5.46 17.96
C GLU D 394 -39.91 -5.39 19.43
N GLN D 395 -39.16 -4.62 20.23
CA GLN D 395 -39.57 -4.36 21.60
C GLN D 395 -40.98 -3.78 21.62
N LYS D 396 -41.24 -2.79 20.76
CA LYS D 396 -42.57 -2.19 20.73
C LYS D 396 -43.59 -3.13 20.10
N ALA D 397 -43.22 -3.82 19.03
CA ALA D 397 -44.17 -4.68 18.34
C ALA D 397 -44.51 -5.93 19.16
N ARG D 398 -43.50 -6.55 19.79
CA ARG D 398 -43.70 -7.89 20.35
C ARG D 398 -43.17 -8.06 21.76
N GLY D 399 -42.57 -7.03 22.36
CA GLY D 399 -42.02 -7.16 23.69
C GLY D 399 -40.72 -7.93 23.74
N GLY D 400 -39.99 -8.03 22.63
CA GLY D 400 -38.69 -8.67 22.63
C GLY D 400 -38.27 -9.08 21.24
N CYS D 401 -37.10 -9.69 21.19
CA CYS D 401 -36.55 -10.16 19.91
C CYS D 401 -35.52 -11.25 20.14
N PRO D 402 -35.75 -12.47 19.63
CA PRO D 402 -34.73 -13.52 19.82
C PRO D 402 -33.50 -13.20 18.99
N ALA D 403 -32.34 -13.22 19.63
CA ALA D 403 -31.13 -12.81 18.96
C ALA D 403 -29.99 -13.61 19.56
N ASP D 404 -29.11 -14.07 18.69
CA ASP D 404 -27.98 -14.90 19.06
C ASP D 404 -26.75 -13.99 19.01
N TRP D 405 -26.34 -13.51 20.18
CA TRP D 405 -25.28 -12.51 20.27
C TRP D 405 -24.06 -12.90 19.45
N ALA D 406 -23.58 -14.14 19.60
CA ALA D 406 -22.35 -14.57 18.93
C ALA D 406 -22.46 -14.48 17.41
N TRP D 407 -23.67 -14.59 16.86
CA TRP D 407 -23.83 -14.50 15.41
C TRP D 407 -24.14 -13.09 14.94
N ILE D 408 -24.79 -12.30 15.79
CA ILE D 408 -25.14 -10.92 15.42
C ILE D 408 -23.90 -10.02 15.39
N VAL D 409 -23.02 -10.17 16.38
CA VAL D 409 -21.83 -9.34 16.49
C VAL D 409 -20.91 -9.72 15.34
N PRO D 410 -20.48 -8.77 14.52
CA PRO D 410 -19.72 -9.13 13.31
C PRO D 410 -18.34 -9.64 13.67
N PRO D 411 -17.68 -10.35 12.75
CA PRO D 411 -16.45 -11.07 13.10
C PRO D 411 -15.20 -10.22 13.06
N ILE D 412 -15.28 -8.97 12.63
CA ILE D 412 -14.24 -7.98 12.88
C ILE D 412 -14.91 -6.80 13.57
N SER D 413 -14.10 -6.05 14.33
CA SER D 413 -14.53 -4.78 14.92
C SER D 413 -15.80 -4.93 15.73
N GLY D 414 -15.92 -6.04 16.46
CA GLY D 414 -17.12 -6.35 17.20
C GLY D 414 -17.61 -5.19 18.05
N SER D 415 -16.77 -4.70 18.96
CA SER D 415 -17.20 -3.68 19.90
C SER D 415 -17.25 -2.30 19.29
N LEU D 416 -16.80 -2.13 18.05
CA LEU D 416 -17.07 -0.90 17.32
C LEU D 416 -18.50 -0.83 16.84
N THR D 417 -19.26 -1.93 16.94
CA THR D 417 -20.64 -1.93 16.50
C THR D 417 -21.58 -1.90 17.69
N PRO D 418 -22.77 -1.32 17.54
CA PRO D 418 -23.65 -1.17 18.69
C PRO D 418 -24.13 -2.50 19.27
N VAL D 419 -24.19 -3.56 18.46
CA VAL D 419 -24.77 -4.83 18.93
C VAL D 419 -23.87 -5.49 19.97
N PHE D 420 -22.56 -5.24 19.89
CA PHE D 420 -21.66 -5.80 20.89
C PHE D 420 -22.10 -5.42 22.29
N HIS D 421 -22.57 -4.18 22.46
CA HIS D 421 -22.88 -3.66 23.77
C HIS D 421 -24.31 -3.97 24.18
N GLN D 422 -25.02 -4.71 23.35
CA GLN D 422 -26.43 -4.98 23.56
C GLN D 422 -26.60 -6.39 24.09
N GLU D 423 -27.14 -6.55 25.29
CA GLU D 423 -27.47 -7.88 25.78
C GLU D 423 -28.61 -8.46 24.96
N MET D 424 -28.57 -9.77 24.73
CA MET D 424 -29.55 -10.39 23.85
C MET D 424 -30.05 -11.67 24.48
N VAL D 425 -31.29 -12.02 24.15
CA VAL D 425 -31.93 -13.25 24.64
C VAL D 425 -32.16 -14.14 23.43
N ASN D 426 -31.63 -15.36 23.49
CA ASN D 426 -31.79 -16.30 22.38
C ASN D 426 -32.86 -17.32 22.75
N TYR D 427 -33.84 -17.50 21.86
CA TYR D 427 -34.91 -18.46 22.07
C TYR D 427 -35.56 -18.75 20.73
N PHE D 428 -36.32 -19.83 20.69
CA PHE D 428 -36.88 -20.35 19.44
C PHE D 428 -38.35 -19.97 19.36
N LEU D 429 -38.70 -19.21 18.33
CA LEU D 429 -40.10 -18.96 17.99
C LEU D 429 -40.40 -19.64 16.66
N SER D 430 -41.69 -19.87 16.45
CA SER D 430 -42.18 -20.42 15.21
C SER D 430 -43.22 -19.46 14.64
N PRO D 431 -43.31 -19.30 13.30
CA PRO D 431 -42.55 -19.89 12.18
C PRO D 431 -41.04 -19.72 12.28
N ALA D 432 -40.30 -20.63 11.65
CA ALA D 432 -38.86 -20.70 11.87
C ALA D 432 -38.18 -21.31 10.66
N PHE D 433 -36.95 -20.86 10.42
CA PHE D 433 -35.98 -21.59 9.61
C PHE D 433 -35.18 -22.47 10.57
N ARG D 434 -35.06 -23.75 10.22
CA ARG D 434 -34.42 -24.71 11.10
C ARG D 434 -33.36 -25.45 10.32
N TYR D 435 -32.36 -25.93 11.04
CA TYR D 435 -31.42 -26.87 10.46
C TYR D 435 -32.10 -28.20 10.21
N GLN D 436 -31.62 -28.93 9.21
CA GLN D 436 -32.13 -30.26 8.96
C GLN D 436 -30.97 -31.13 8.50
N PRO D 437 -31.10 -32.44 8.63
CA PRO D 437 -30.01 -33.32 8.18
C PRO D 437 -29.79 -33.22 6.68
N ASP D 438 -28.55 -33.40 6.26
CA ASP D 438 -28.26 -33.51 4.85
C ASP D 438 -28.98 -34.73 4.31
N PRO D 439 -29.50 -34.68 3.08
CA PRO D 439 -30.34 -35.79 2.60
C PRO D 439 -29.53 -36.99 2.11
N TRP D 440 -28.21 -36.97 2.21
CA TRP D 440 -27.43 -38.14 1.78
C TRP D 440 -26.94 -38.96 2.97
CHA HEM E . 6.86 15.83 -28.36
CHB HEM E . 6.62 11.45 -30.45
CHC HEM E . 3.78 13.44 -33.87
CHD HEM E . 4.73 17.88 -32.19
C1A HEM E . 6.93 14.46 -28.56
C2A HEM E . 7.40 13.48 -27.60
C3A HEM E . 7.34 12.27 -28.15
C4A HEM E . 6.84 12.44 -29.52
CMA HEM E . 7.75 10.94 -27.48
CAA HEM E . 7.83 13.84 -26.17
CBA HEM E . 6.47 13.85 -25.43
CGA HEM E . 6.62 13.77 -23.93
O1A HEM E . 7.71 13.34 -23.46
O2A HEM E . 5.66 14.12 -23.19
C1B HEM E . 5.80 11.59 -31.56
C2B HEM E . 5.35 10.53 -32.42
C3B HEM E . 4.57 11.06 -33.37
C4B HEM E . 4.48 12.50 -33.14
CMB HEM E . 5.70 9.02 -32.27
CAB HEM E . 3.89 10.21 -34.48
CBB HEM E . 3.43 10.76 -35.60
C1C HEM E . 3.75 14.81 -33.70
C2C HEM E . 2.97 15.77 -34.45
C3C HEM E . 3.24 17.01 -33.97
C4C HEM E . 4.19 16.86 -32.92
CMC HEM E . 1.98 15.36 -35.58
CAC HEM E . 2.71 18.40 -34.42
CBC HEM E . 2.05 18.62 -35.57
C1D HEM E . 5.41 17.70 -31.01
C2D HEM E . 5.91 18.74 -30.18
C3D HEM E . 6.50 18.19 -29.12
C4D HEM E . 6.39 16.76 -29.24
CMD HEM E . 5.76 20.24 -30.47
CAD HEM E . 7.19 18.97 -27.98
CBD HEM E . 6.18 19.44 -26.95
CGD HEM E . 6.96 20.19 -25.90
O1D HEM E . 7.94 20.88 -26.26
O2D HEM E . 6.59 20.08 -24.70
NA HEM E . 6.58 13.78 -29.72
NB HEM E . 5.27 12.79 -32.03
NC HEM E . 4.48 15.53 -32.77
ND HEM E . 5.73 16.48 -30.42
FE HEM E . 5.82 14.70 -31.38
N1 H4B F . 12.03 13.83 -22.06
C2 H4B F . 10.79 13.71 -22.59
N2 H4B F . 10.63 13.16 -23.83
N3 H4B F . 9.72 14.14 -21.89
C4 H4B F . 9.84 14.67 -20.65
O4 H4B F . 8.83 15.07 -20.01
C4A H4B F . 11.10 14.82 -20.10
C8A H4B F . 12.20 14.37 -20.83
N5 H4B F . 11.26 15.34 -18.87
N8 H4B F . 13.46 14.49 -20.32
C6 H4B F . 12.55 15.92 -18.58
C7 H4B F . 13.66 14.93 -18.94
C9 H4B F . 12.67 16.39 -17.13
O9 H4B F . 12.39 15.35 -16.18
C10 H4B F . 14.07 16.96 -16.94
C11 H4B F . 14.20 17.62 -15.57
O10 H4B F . 14.31 17.91 -18.01
C11 A1A0C G . 2.95 14.52 -26.32
C12 A1A0C G . 2.26 13.92 -25.29
C17 A1A0C G . 4.45 17.54 -24.55
C16 A1A0C G . 3.66 15.71 -26.10
C15 A1A0C G . 3.68 16.26 -24.83
C14 A1A0C G . 2.99 15.65 -23.80
C13 A1A0C G . 2.28 14.48 -24.03
C18 A1A0C G . 3.49 18.68 -24.26
C20 A1A0C G . 4.50 19.66 -22.29
C02 A1A0C G . 3.24 12.02 -29.01
C03 A1A0C G . 2.69 12.67 -30.12
C04 A1A0C G . 2.22 13.97 -29.96
C05 A1A0C G . 2.32 14.58 -28.70
C06 A1A0C G . 2.89 13.89 -27.66
C07 A1A0C G . 1.60 14.76 -31.08
F12 A1A0C G . 1.56 12.77 -25.49
F13 A1A0C G . 1.60 13.87 -23.04
N01 A1A0C G . 3.31 12.62 -27.82
N02 A1A0C G . 3.71 10.75 -29.11
N19 A1A0C G . 4.21 19.86 -23.72
C ACT H . 1.24 13.29 -19.66
O ACT H . 0.50 12.39 -20.09
OXT ACT H . 0.82 14.08 -18.80
CH3 ACT H . 2.65 13.42 -20.17
C1 BTB I . -0.33 -11.14 -7.05
O1 BTB I . -0.38 -10.11 -6.06
C2 BTB I . 0.44 -12.33 -6.49
C3 BTB I . 1.90 -11.92 -6.30
O3 BTB I . 2.74 -13.02 -5.94
C4 BTB I . -0.16 -12.72 -5.13
O4 BTB I . 0.84 -13.05 -4.17
N BTB I . 0.29 -13.46 -7.44
C5 BTB I . 1.07 -13.27 -8.66
C6 BTB I . 1.54 -14.63 -9.17
O6 BTB I . 2.39 -15.23 -8.19
C7 BTB I . -1.13 -13.70 -7.78
C8 BTB I . -1.64 -15.01 -7.21
O8 BTB I . -0.62 -16.03 -7.27
C1 BTB J . 7.80 -0.57 2.23
O1 BTB J . 7.59 -1.93 1.87
C2 BTB J . 8.33 0.11 0.97
C3 BTB J . 7.29 -0.16 -0.11
O3 BTB J . 7.45 0.78 -1.18
C4 BTB J . 8.43 1.60 1.18
O4 BTB J . 7.28 2.23 0.60
N BTB J . 9.64 -0.49 0.63
C5 BTB J . 10.45 -0.72 1.85
C6 BTB J . 11.46 -1.84 1.60
O6 BTB J . 10.79 -3.05 1.26
C7 BTB J . 10.42 0.40 -0.25
C8 BTB J . 10.72 -0.32 -1.57
O8 BTB J . 9.50 -0.45 -2.32
C1 GOL K . -10.31 26.72 -48.26
O1 GOL K . -11.32 27.11 -47.37
C2 GOL K . -10.29 25.21 -48.48
O2 GOL K . -9.61 24.51 -47.46
C3 GOL K . -9.60 24.95 -49.82
O3 GOL K . -8.99 23.69 -49.77
C1 GOL L . -21.37 38.50 -22.63
O1 GOL L . -22.33 38.47 -23.66
C2 GOL L . -21.16 37.09 -22.08
O2 GOL L . -19.79 36.76 -22.11
C3 GOL L . -21.94 36.12 -22.95
O3 GOL L . -21.60 34.80 -22.57
C1 GOL M . 7.73 17.50 -17.53
O1 GOL M . 8.36 17.20 -18.74
C2 GOL M . 8.36 16.67 -16.42
O2 GOL M . 9.33 15.80 -16.96
C3 GOL M . 7.27 15.84 -15.74
O3 GOL M . 7.86 14.77 -15.02
CL CL N . 0.96 11.35 -22.61
GD GD3 O . 1.45 -15.31 -5.60
ZN ZN P . 22.93 24.45 -22.86
CHA HEM Q . 32.46 10.52 -13.76
CHB HEM Q . 30.53 7.48 -10.47
CHC HEM Q . 34.23 8.56 -7.56
CHD HEM Q . 35.55 12.18 -10.42
C1A HEM Q . 31.70 9.51 -13.18
C2A HEM Q . 30.73 8.66 -13.83
C3A HEM Q . 30.21 7.82 -12.92
C4A HEM Q . 30.81 8.13 -11.66
CMA HEM Q . 29.13 6.73 -13.17
CAA HEM Q . 30.37 8.67 -15.34
CBA HEM Q . 31.49 7.93 -16.06
CGA HEM Q . 31.14 7.50 -17.47
O1A HEM Q . 29.94 7.54 -17.83
O2A HEM Q . 32.07 7.10 -18.22
C1B HEM Q . 31.39 7.49 -9.40
C2B HEM Q . 31.31 6.64 -8.24
C3B HEM Q . 32.31 6.96 -7.43
C4B HEM Q . 33.09 8.01 -8.08
CMB HEM Q . 30.21 5.58 -7.99
CAB HEM Q . 32.64 6.28 -6.07
CBB HEM Q . 33.28 6.92 -5.10
C1C HEM Q . 34.93 9.61 -8.09
C2C HEM Q . 36.18 10.14 -7.57
C3C HEM Q . 36.53 11.12 -8.38
C4C HEM Q . 35.52 11.25 -9.42
CMC HEM Q . 36.92 9.58 -6.31
CAC HEM Q . 37.73 12.10 -8.36
CBC HEM Q . 38.46 12.33 -7.26
C1D HEM Q . 34.84 12.08 -11.60
C2D HEM Q . 34.94 12.95 -12.73
C3D HEM Q . 34.07 12.48 -13.66
C4D HEM Q . 33.42 11.31 -13.14
CMD HEM Q . 35.90 14.18 -12.84
CAD HEM Q . 33.80 13.08 -15.06
CBD HEM Q . 34.89 12.72 -16.04
CGD HEM Q . 34.47 13.36 -17.33
O1D HEM Q . 33.95 14.51 -17.28
O2D HEM Q . 34.67 12.74 -18.40
NA HEM Q . 31.73 9.15 -11.86
NB HEM Q . 32.49 8.31 -9.28
NC HEM Q . 34.56 10.30 -9.21
ND HEM Q . 33.90 11.10 -11.86
FE HEM Q . 32.97 9.93 -10.49
N1 H4B R . 26.61 9.88 -19.70
C2 H4B R . 27.62 9.26 -19.06
N2 H4B R . 27.50 9.03 -17.72
N3 H4B R . 28.70 8.84 -19.76
C4 H4B R . 28.80 9.05 -21.09
O4 H4B R . 29.80 8.65 -21.72
C4A H4B R . 27.78 9.71 -21.74
C8A H4B R . 26.68 10.12 -21.03
N5 H4B R . 27.84 9.93 -23.07
N8 H4B R . 25.65 10.77 -21.62
C6 H4B R . 26.97 10.93 -23.65
C7 H4B R . 25.57 10.92 -23.06
C9 H4B R . 26.96 10.87 -25.18
O9 H4B R . 26.52 9.62 -25.71
C10 H4B R . 26.07 11.99 -25.68
C11 H4B R . 26.29 12.21 -27.18
O10 H4B R . 26.47 13.14 -24.94
C11 A1A0C S . 34.86 6.87 -15.05
C12 A1A0C S . 35.02 5.72 -15.82
C17 A1A0C S . 35.05 9.58 -17.69
C16 A1A0C S . 34.88 8.11 -15.65
C15 A1A0C S . 35.05 8.21 -17.02
C14 A1A0C S . 35.20 7.05 -17.79
C13 A1A0C S . 35.20 5.81 -17.18
C18 A1A0C S . 36.49 10.01 -17.95
C20 A1A0C S . 37.93 11.49 -19.13
C02 A1A0C S . 33.58 5.67 -11.80
C03 A1A0C S . 34.45 6.27 -10.89
C04 A1A0C S . 35.48 7.07 -11.35
C05 A1A0C S . 35.62 7.27 -12.72
C06 A1A0C S . 34.70 6.68 -13.59
C07 A1A0C S . 36.46 7.71 -10.41
F12 A1A0C S . 35.01 4.51 -15.22
F13 A1A0C S . 35.35 4.67 -17.89
N01 A1A0C S . 33.71 5.89 -13.13
N02 A1A0C S . 32.57 4.88 -11.36
N19 A1A0C S . 36.52 11.10 -18.93
C ACT T . 35.14 3.25 -20.94
O ACT T . 35.43 2.26 -20.24
OXT ACT T . 35.88 3.58 -21.90
CH3 ACT T . 33.92 4.05 -20.61
C1 BTB U . 16.12 -23.16 -11.42
O1 BTB U . 14.71 -23.18 -11.69
C2 BTB U . 16.82 -22.20 -12.39
C3 BTB U . 15.95 -20.97 -12.61
O3 BTB U . 16.47 -20.15 -13.65
C4 BTB U . 18.15 -21.79 -11.75
O4 BTB U . 18.92 -20.96 -12.63
N BTB U . 17.09 -22.85 -13.70
C5 BTB U . 15.87 -22.94 -14.51
C6 BTB U . 16.14 -23.35 -15.94
O6 BTB U . 16.67 -22.23 -16.65
C7 BTB U . 17.74 -24.18 -13.55
C8 BTB U . 19.18 -24.05 -14.05
O8 BTB U . 19.15 -23.51 -15.38
C1 BTB V . 69.53 9.86 -19.89
O1 BTB V . 69.58 8.51 -19.39
C2 BTB V . 68.14 10.18 -20.42
C3 BTB V . 67.64 9.03 -21.30
O3 BTB V . 66.60 9.50 -22.16
C4 BTB V . 67.15 10.33 -19.25
O4 BTB V . 67.79 10.91 -18.10
N BTB V . 68.14 11.39 -21.27
C5 BTB V . 69.48 11.77 -21.75
C6 BTB V . 69.60 11.30 -23.20
O6 BTB V . 68.28 11.16 -23.76
C7 BTB V . 67.47 12.57 -20.69
C8 BTB V . 66.51 12.92 -21.80
O8 BTB V . 66.30 11.66 -22.44
C1 GOL W . 31.99 8.87 -24.31
O1 GOL W . 31.31 9.78 -23.49
C2 GOL W . 31.06 8.45 -25.45
O2 GOL W . 29.71 8.58 -25.03
C3 GOL W . 31.41 7.00 -25.79
O3 GOL W . 30.37 6.40 -26.53
CL CL X . 34.50 2.09 -17.59
GD GD3 Y . 18.49 -20.99 -15.15
CHA HEM Z . -11.06 -11.27 33.00
CHB HEM Z . -6.87 -11.29 30.58
CHC HEM Z . -4.69 -12.54 34.74
CHD HEM Z . -8.97 -13.33 36.86
C1A HEM Z . -10.11 -11.04 32.02
C2A HEM Z . -10.33 -10.37 30.75
C3A HEM Z . -9.18 -10.36 30.07
C4A HEM Z . -8.18 -11.05 30.88
CMA HEM Z . -9.00 -9.73 28.65
CAA HEM Z . -11.65 -9.73 30.31
CBA HEM Z . -11.61 -8.37 31.03
CGA HEM Z . -12.59 -7.37 30.49
O1A HEM Z . -13.01 -7.50 29.31
O2A HEM Z . -12.96 -6.43 31.25
C1B HEM Z . -5.89 -11.60 31.51
C2B HEM Z . -4.46 -11.60 31.29
C3B HEM Z . -3.84 -11.94 32.41
C4B HEM Z . -4.87 -12.18 33.42
CMB HEM Z . -3.75 -11.25 29.95
CAB HEM Z . -2.29 -12.04 32.52
CBB HEM Z . -1.67 -12.66 33.53
C1C HEM Z . -5.65 -12.81 35.68
C2C HEM Z . -5.42 -13.13 37.07
C3C HEM Z . -6.60 -13.34 37.67
C4C HEM Z . -7.62 -13.19 36.67
CMC HEM Z . -4.01 -13.17 37.73
CAC HEM Z . -6.93 -13.74 39.13
CBC HEM Z . -6.06 -14.28 39.99
C1D HEM Z . -9.91 -12.85 35.99
C2D HEM Z . -11.35 -12.89 36.17
C3D HEM Z . -11.91 -12.33 35.10
C4D HEM Z . -10.87 -11.90 34.20
CMD HEM Z . -12.09 -13.49 37.38
CAD HEM Z . -13.43 -12.19 34.87
CBD HEM Z . -13.99 -11.05 35.69
CGD HEM Z . -15.46 -11.00 35.39
O1D HEM Z . -16.07 -12.09 35.22
O2D HEM Z . -16.01 -9.88 35.31
NA HEM Z . -8.79 -11.43 32.05
NB HEM Z . -6.11 -11.96 32.82
NC HEM Z . -7.02 -12.86 35.48
ND HEM Z . -9.64 -12.24 34.77
FE HEM Z . -7.99 -12.45 33.66
N1 H4B AA . -16.12 -9.41 26.54
C2 H4B AA . -15.16 -8.94 27.37
N2 H4B AA . -13.93 -9.52 27.38
N3 H4B AA . -15.45 -7.90 28.19
C4 H4B AA . -16.66 -7.30 28.20
O4 H4B AA . -16.89 -6.34 28.97
C4A H4B AA . -17.65 -7.78 27.36
C8A H4B AA . -17.37 -8.85 26.52
N5 H4B AA . -18.86 -7.21 27.33
N8 H4B AA . -18.31 -9.34 25.68
C6 H4B AA . -19.97 -7.98 26.81
C7 H4B AA . -19.60 -8.67 25.51
C9 H4B AA . -21.22 -7.11 26.67
O9 H4B AA . -20.99 -5.96 25.83
C10 H4B AA . -22.33 -7.99 26.11
C11 H4B AA . -23.67 -7.26 26.21
O10 H4B AA . -22.36 -9.22 26.86
C11 A1A0C BA . -9.95 -6.98 33.98
C12 A1A0C BA . -9.94 -5.61 33.75
C17 A1A0C BA . -13.62 -7.62 34.62
C16 A1A0C BA . -11.13 -7.63 34.28
C15 A1A0C BA . -12.32 -6.91 34.31
C14 A1A0C BA . -12.31 -5.54 34.09
C13 A1A0C BA . -11.11 -4.91 33.80
C18 A1A0C BA . -14.22 -7.10 35.93
C20 A1A0C BA . -16.29 -6.72 37.05
C02 A1A0C BA . -6.70 -8.31 32.78
C03 A1A0C BA . -6.20 -8.95 33.92
C04 A1A0C BA . -6.96 -8.93 35.09
C05 A1A0C BA . -8.19 -8.30 35.08
C06 A1A0C BA . -8.65 -7.69 33.94
C07 A1A0C BA . -6.48 -9.59 36.35
F12 A1A0C BA . -8.79 -4.95 33.47
F13 A1A0C BA . -11.07 -3.58 33.55
N01 A1A0C BA . -7.90 -7.69 32.81
N02 A1A0C BA . -6.01 -8.29 31.62
N19 A1A0C BA . -15.62 -7.54 36.03
C ACT CA . -12.89 -0.71 32.58
O ACT CA . -13.95 -0.22 33.03
OXT ACT CA . -11.80 -0.18 32.81
CH3 ACT CA . -12.96 -1.95 31.73
C1 BTB DA . -5.00 16.37 12.64
O1 BTB DA . -5.99 17.12 13.36
C2 BTB DA . -4.95 16.84 11.19
C3 BTB DA . -5.83 15.92 10.35
O3 BTB DA . -6.30 16.56 9.16
C4 BTB DA . -5.53 18.26 11.17
O4 BTB DA . -6.05 18.64 9.89
N BTB DA . -3.54 16.83 10.72
C5 BTB DA . -3.19 15.53 10.10
C6 BTB DA . -1.70 15.47 9.73
O6 BTB DA . -1.41 16.35 8.64
C7 BTB DA . -2.59 17.10 11.81
C8 BTB DA . -2.14 18.56 11.83
O8 BTB DA . -2.48 19.20 10.60
C1 BTB EA . -20.78 15.09 12.53
O1 BTB EA . -19.58 15.18 11.77
C2 BTB EA . -20.80 13.66 13.04
C3 BTB EA . -19.51 13.47 13.82
O3 BTB EA . -19.62 12.34 14.70
C4 BTB EA . -21.99 13.45 13.98
O4 BTB EA . -21.51 13.37 15.32
N BTB EA . -20.89 12.76 11.87
C5 BTB EA . -21.84 13.27 10.85
C6 BTB EA . -21.30 13.02 9.44
O6 BTB EA . -20.33 14.01 9.09
C7 BTB EA . -21.35 11.41 12.26
C8 BTB EA . -20.25 10.38 12.03
O8 BTB EA . -19.28 10.50 13.07
C1 GOL FA . 4.56 -18.63 55.60
O1 GOL FA . 4.61 -19.49 54.49
C2 GOL FA . 3.13 -18.15 55.79
O2 GOL FA . 2.88 -17.17 54.81
C3 GOL FA . 2.99 -17.60 57.19
O3 GOL FA . 1.66 -17.33 57.52
CL CL GA . -9.45 -2.09 31.98
GD GD3 HA . -3.98 17.92 8.27
ZN ZN IA . -26.99 -20.13 27.23
CHA HEM JA . -28.17 -15.36 8.73
CHB HEM JA . -27.59 -10.84 6.99
CHC HEM JA . -31.71 -11.41 4.51
CHD HEM JA . -32.66 -15.44 6.99
C1A HEM JA . -27.60 -14.17 8.35
C2A HEM JA . -26.23 -13.76 8.58
C3A HEM JA . -26.07 -12.53 8.08
C4A HEM JA . -27.35 -12.08 7.56
CMA HEM JA . -24.79 -11.70 8.10
CAA HEM JA . -25.12 -14.63 9.21
CBA HEM JA . -24.64 -15.55 8.09
CGA HEM JA . -23.30 -16.20 8.33
O1A HEM JA . -22.57 -15.77 9.27
O2A HEM JA . -22.93 -17.14 7.56
C1B HEM JA . -28.63 -10.62 6.12
C2B HEM JA . -28.78 -9.49 5.24
C3B HEM JA . -29.92 -9.64 4.56
C4B HEM JA . -30.53 -10.88 4.99
CMB HEM JA . -27.76 -8.32 5.11
CAB HEM JA . -30.46 -8.67 3.49
CBB HEM JA . -31.77 -8.53 3.27
C1C HEM JA . -32.29 -12.56 4.94
C2C HEM JA . -33.50 -13.15 4.40
C3C HEM JA . -33.73 -14.28 5.09
C4C HEM JA . -32.70 -14.41 6.09
CMC HEM JA . -34.30 -12.58 3.20
CAC HEM JA . -34.87 -15.30 4.99
CBC HEM JA . -36.03 -15.02 4.38
C1D HEM JA . -31.55 -15.80 7.70
C2D HEM JA . -31.42 -16.94 8.60
C3D HEM JA . -30.17 -16.92 9.08
C4D HEM JA . -29.49 -15.76 8.53
CMD HEM JA . -32.54 -17.97 8.89
CAD HEM JA . -29.58 -17.92 10.10
CBD HEM JA . -28.94 -19.11 9.38
CGD HEM JA . -28.45 -20.06 10.45
O1D HEM JA . -29.05 -20.08 11.56
O2D HEM JA . -27.48 -20.79 10.15
NA HEM JA . -28.25 -13.10 7.72
NB HEM JA . -29.72 -11.45 5.95
NC HEM JA . -31.84 -13.35 5.99
ND HEM JA . -30.36 -15.11 7.70
FE HEM JA . -30.13 -13.16 7.10
N1 H4B KA . -21.35 -15.69 13.64
C2 H4B KA . -21.81 -15.67 12.36
N2 H4B KA . -22.48 -14.58 11.91
N3 H4B KA . -21.58 -16.74 11.54
C4 H4B KA . -20.89 -17.82 11.98
O4 H4B KA . -20.66 -18.79 11.20
C4A H4B KA . -20.43 -17.85 13.28
C8A H4B KA . -20.67 -16.75 14.11
N5 H4B KA . -19.73 -18.90 13.76
N8 H4B KA . -20.25 -16.73 15.39
C6 H4B KA . -19.70 -19.10 15.19
C7 H4B KA . -19.46 -17.80 15.96
C9 H4B KA . -18.69 -20.20 15.58
O9 H4B KA . -17.37 -19.88 15.11
C10 H4B KA . -18.68 -20.33 17.09
C11 H4B KA . -17.88 -21.56 17.52
O10 H4B KA . -20.03 -20.43 17.53
C11 A1A0C LA . -26.06 -16.65 4.85
C12 A1A0C LA . -24.93 -16.95 4.12
C17 A1A0C LA . -26.13 -19.48 7.35
C16 A1A0C LA . -26.48 -17.45 5.90
C15 A1A0C LA . -25.72 -18.57 6.22
C14 A1A0C LA . -24.59 -18.88 5.49
C13 A1A0C LA . -24.20 -18.06 4.43
C18 A1A0C LA . -26.64 -20.77 6.73
C20 A1A0C LA . -27.71 -22.86 7.12
C02 A1A0C LA . -26.87 -13.17 4.02
C03 A1A0C LA . -28.23 -13.26 3.68
C04 A1A0C LA . -28.87 -14.49 3.74
C05 A1A0C LA . -28.15 -15.60 4.11
C06 A1A0C LA . -26.82 -15.45 4.46
C07 A1A0C LA . -30.33 -14.68 3.37
F12 A1A0C LA . -24.53 -16.17 3.10
F13 A1A0C LA . -23.09 -18.36 3.73
N01 A1A0C LA . -26.20 -14.26 4.40
N02 A1A0C LA . -26.19 -11.99 3.99
N19 A1A0C LA . -27.13 -21.67 7.77
C ACT MA . -19.98 -19.93 3.59
O ACT MA . -19.86 -21.18 3.50
OXT ACT MA . -19.93 -19.22 2.57
CH3 ACT MA . -20.16 -19.30 4.94
C1 BTB NA . -1.43 6.99 -5.29
O1 BTB NA . -0.81 7.72 -4.22
C2 BTB NA . -1.75 5.58 -4.80
C3 BTB NA . -1.99 5.59 -3.28
O3 BTB NA . -2.11 4.25 -2.81
C4 BTB NA . -3.01 5.10 -5.52
O4 BTB NA . -3.23 3.72 -5.20
N BTB NA . -0.63 4.66 -5.13
C5 BTB NA . 0.58 4.96 -4.35
C6 BTB NA . 0.92 3.89 -3.34
O6 BTB NA . 1.12 2.61 -3.93
C7 BTB NA . -0.27 4.67 -6.56
C8 BTB NA . -0.58 3.32 -7.21
O8 BTB NA . 0.06 2.27 -6.47
C1 BTB OA . -39.43 -45.39 -11.73
O1 BTB OA . -38.35 -46.20 -12.22
C2 BTB OA . -39.04 -43.94 -11.40
C3 BTB OA . -38.50 -43.34 -12.68
O3 BTB OA . -38.98 -42.00 -12.81
C4 BTB OA . -40.31 -43.20 -10.99
O4 BTB OA . -39.96 -41.88 -10.55
N BTB OA . -38.01 -43.73 -10.32
C5 BTB OA . -36.73 -44.38 -10.62
C6 BTB OA . -35.57 -43.41 -10.43
O6 BTB OA . -35.80 -42.28 -11.27
C7 BTB OA . -38.44 -44.01 -8.92
C8 BTB OA . -38.99 -45.41 -8.53
O8 BTB OA . -38.19 -46.48 -9.04
C1 GOL PA . -20.12 -22.07 10.50
O1 GOL PA . -20.90 -21.35 11.44
C2 GOL PA . -18.74 -22.24 11.11
O2 GOL PA . -18.64 -21.27 12.13
C3 GOL PA . -17.74 -21.94 10.00
O3 GOL PA . -16.40 -22.10 10.44
CL CL QA . -21.13 -16.66 2.42
GD GD3 RA . -1.45 2.19 -4.31
#